data_9MR6
#
_entry.id   9MR6
#
_cell.length_a   84.359
_cell.length_b   85.420
_cell.length_c   87.035
_cell.angle_alpha   104.58
_cell.angle_beta   111.65
_cell.angle_gamma   99.51
#
_symmetry.space_group_name_H-M   'P 1'
#
loop_
_entity.id
_entity.type
_entity.pdbx_description
1 polymer 'HD domain-containing protein'
2 non-polymer "GUANOSINE-5'-TRIPHOSPHATE"
3 non-polymer 'PYROPHOSPHATE 2-'
4 non-polymer 'MANGANESE (II) ION'
5 non-polymer 'CALCIUM ION'
6 water water
#
_entity_poly.entity_id   1
_entity_poly.type   'polypeptide(L)'
_entity_poly.pdbx_seq_one_letter_code
;MGSSHHHHHHSSGLVPRGSHMAENGYTKKPKSKRIQDPIHGLMEFDNWIVKFIDTEHFQRLRSIKQLGTTYYVYPGASHN
RFEHCLGVAYLAHSLVKRIRETQHDLGCSDKDLKCVTLAALCHDLGHGPFSHLFEVFIKMRRPDRKWTHEEASIMMFDDL
LKEHKEIAYDLDDEDKLFIKDLITGKKPEDTGNRSPYLFDVVANKRNSIDVDKFDYLARDCYYLGMKSVFDFSRLMNYSR
VSDDQITYDFKESYNIYELFHTRYSLHKKAYNHRVGKAIDYMILDALIAADPVLEISKSIDKPSEYLKMDDTILNRIEYS
DSDDPDLKKSKEIIRRIRKRDLYKFVDEFLVPKDLKGKFEKDKITKIITDQLEHDGLKKEYVIVDILILNYGKKEENPID
NVKFYDKNQPNLKVFKLESSQVSYLVPELFEELNIRIFTRNRDKIKQIRKCFKESLTKFFGIPEPKTYYTRITNNLVESQ
DKY
;
_entity_poly.pdbx_strand_id   A,B,C,D
#
loop_
_chem_comp.id
_chem_comp.type
_chem_comp.name
_chem_comp.formula
CA non-polymer 'CALCIUM ION' 'Ca 2'
GTP non-polymer GUANOSINE-5'-TRIPHOSPHATE 'C10 H16 N5 O14 P3'
MN non-polymer 'MANGANESE (II) ION' 'Mn 2'
POP non-polymer 'PYROPHOSPHATE 2-' 'H2 O7 P2 -2'
#
# COMPACT_ATOMS: atom_id res chain seq x y z
N LYS A 31 5.74 -3.97 32.03
CA LYS A 31 7.13 -3.56 31.88
C LYS A 31 7.39 -3.03 30.46
N SER A 32 7.76 -3.92 29.55
CA SER A 32 7.90 -3.52 28.16
C SER A 32 6.53 -3.31 27.53
N LYS A 33 6.44 -2.32 26.65
CA LYS A 33 5.16 -1.96 26.03
C LYS A 33 5.34 -1.89 24.51
N ARG A 34 4.31 -2.28 23.78
CA ARG A 34 4.30 -2.20 22.33
C ARG A 34 3.26 -1.19 21.89
N ILE A 35 3.61 -0.38 20.89
CA ILE A 35 2.76 0.70 20.42
C ILE A 35 2.61 0.57 18.91
N GLN A 36 1.36 0.50 18.44
CA GLN A 36 1.10 0.42 17.02
C GLN A 36 1.35 1.77 16.33
N ASP A 37 2.08 1.73 15.23
CA ASP A 37 2.42 2.91 14.46
C ASP A 37 2.20 2.62 12.98
N PRO A 38 1.61 3.54 12.23
CA PRO A 38 1.27 3.25 10.83
C PRO A 38 2.47 3.14 9.90
N ILE A 39 3.69 3.36 10.39
CA ILE A 39 4.90 3.29 9.56
C ILE A 39 5.79 2.14 10.01
N HIS A 40 6.01 2.01 11.31
CA HIS A 40 6.88 0.97 11.86
C HIS A 40 6.11 -0.24 12.34
N GLY A 41 4.79 -0.25 12.21
CA GLY A 41 4.02 -1.35 12.74
C GLY A 41 3.96 -1.35 14.25
N LEU A 42 4.57 -2.35 14.88
CA LEU A 42 4.54 -2.52 16.33
C LEU A 42 5.92 -2.20 16.90
N MET A 43 6.02 -1.07 17.60
CA MET A 43 7.27 -0.67 18.23
C MET A 43 7.23 -1.05 19.71
N GLU A 44 8.27 -1.75 20.15
CA GLU A 44 8.38 -2.17 21.54
C GLU A 44 9.32 -1.23 22.28
N PHE A 45 8.89 -0.76 23.45
CA PHE A 45 9.67 0.12 24.29
C PHE A 45 9.85 -0.52 25.65
N ASP A 46 11.10 -0.59 26.12
CA ASP A 46 11.39 -1.13 27.44
C ASP A 46 10.80 -0.24 28.52
N ASN A 47 10.69 -0.80 29.74
CA ASN A 47 10.05 -0.09 30.82
C ASN A 47 10.78 1.20 31.18
N TRP A 48 12.11 1.23 31.03
CA TRP A 48 12.84 2.46 31.34
C TRP A 48 12.56 3.55 30.32
N ILE A 49 12.18 3.17 29.10
CA ILE A 49 11.80 4.16 28.10
C ILE A 49 10.41 4.71 28.38
N VAL A 50 9.48 3.83 28.80
CA VAL A 50 8.12 4.24 29.11
C VAL A 50 8.10 5.28 30.22
N LYS A 51 9.04 5.19 31.17
CA LYS A 51 9.10 6.18 32.24
C LYS A 51 9.36 7.57 31.68
N PHE A 52 10.17 7.67 30.61
CA PHE A 52 10.39 8.95 29.97
C PHE A 52 9.19 9.38 29.12
N ILE A 53 8.54 8.42 28.47
CA ILE A 53 7.38 8.74 27.64
C ILE A 53 6.25 9.29 28.49
N ASP A 54 5.97 8.62 29.62
CA ASP A 54 4.90 9.03 30.53
C ASP A 54 5.34 10.21 31.40
N THR A 55 5.65 11.32 30.73
CA THR A 55 5.99 12.56 31.41
C THR A 55 5.32 13.71 30.69
N GLU A 56 4.89 14.72 31.47
CA GLU A 56 4.26 15.89 30.87
C GLU A 56 5.21 16.59 29.90
N HIS A 57 6.52 16.47 30.12
CA HIS A 57 7.48 17.03 29.17
C HIS A 57 7.34 16.37 27.79
N PHE A 58 7.29 15.04 27.76
CA PHE A 58 7.18 14.35 26.47
C PHE A 58 5.76 14.34 25.94
N GLN A 59 4.77 14.14 26.81
CA GLN A 59 3.38 14.15 26.37
C GLN A 59 2.97 15.49 25.78
N ARG A 60 3.71 16.55 26.07
CA ARG A 60 3.45 17.86 25.51
C ARG A 60 3.54 17.85 23.98
N LEU A 61 4.41 16.99 23.42
CA LEU A 61 4.57 16.92 21.98
C LEU A 61 3.31 16.45 21.26
N ARG A 62 2.34 15.87 21.97
CA ARG A 62 1.07 15.52 21.35
C ARG A 62 0.36 16.74 20.78
N SER A 63 0.64 17.93 21.33
CA SER A 63 0.02 19.17 20.89
C SER A 63 0.98 20.06 20.10
N ILE A 64 1.93 19.45 19.42
CA ILE A 64 2.90 20.16 18.57
C ILE A 64 2.86 19.50 17.20
N LYS A 65 2.15 20.13 16.26
CA LYS A 65 2.05 19.58 14.91
C LYS A 65 3.42 19.53 14.24
N GLN A 66 3.67 18.42 13.53
CA GLN A 66 4.99 18.21 12.95
C GLN A 66 5.31 19.24 11.86
N LEU A 67 4.34 19.54 11.00
CA LEU A 67 4.56 20.39 9.83
C LEU A 67 3.96 21.79 9.99
N GLY A 68 3.65 22.21 11.21
CA GLY A 68 3.18 23.56 11.45
C GLY A 68 1.88 23.91 10.75
N THR A 69 1.94 24.81 9.78
CA THR A 69 0.75 25.26 9.07
C THR A 69 0.46 24.47 7.81
N THR A 70 1.28 23.46 7.50
CA THR A 70 1.01 22.63 6.31
C THR A 70 -0.37 21.98 6.39
N TYR A 71 -0.82 21.64 7.60
CA TYR A 71 -2.16 21.09 7.79
C TYR A 71 -3.24 21.98 7.17
N TYR A 72 -2.99 23.29 7.08
CA TYR A 72 -3.94 24.20 6.48
C TYR A 72 -3.93 24.17 4.95
N VAL A 73 -2.94 23.51 4.36
CA VAL A 73 -2.93 23.27 2.92
C VAL A 73 -3.14 21.80 2.59
N TYR A 74 -2.47 20.90 3.32
CA TYR A 74 -2.62 19.46 3.16
C TYR A 74 -3.35 18.91 4.38
N PRO A 75 -4.66 18.68 4.31
CA PRO A 75 -5.40 18.21 5.49
C PRO A 75 -4.87 16.92 6.09
N GLY A 76 -4.13 16.11 5.33
CA GLY A 76 -3.60 14.87 5.89
C GLY A 76 -2.44 15.07 6.86
N ALA A 77 -1.88 16.27 6.94
CA ALA A 77 -0.70 16.51 7.77
C ALA A 77 -1.10 16.90 9.19
N SER A 78 -1.87 16.00 9.82
CA SER A 78 -2.36 16.21 11.18
C SER A 78 -1.46 15.58 12.24
N HIS A 79 -0.37 14.92 11.83
CA HIS A 79 0.48 14.24 12.80
C HIS A 79 1.28 15.24 13.63
N ASN A 80 1.72 14.78 14.79
CA ASN A 80 2.40 15.61 15.78
C ASN A 80 3.82 15.12 16.00
N ARG A 81 4.60 15.91 16.76
CA ARG A 81 5.96 15.55 17.08
C ARG A 81 6.03 14.40 18.07
N PHE A 82 4.94 14.12 18.79
CA PHE A 82 4.92 13.02 19.74
C PHE A 82 5.21 11.70 19.05
N GLU A 83 4.41 11.36 18.03
CA GLU A 83 4.56 10.08 17.34
C GLU A 83 5.85 10.03 16.54
N HIS A 84 6.30 11.15 15.98
CA HIS A 84 7.57 11.16 15.27
C HIS A 84 8.72 10.78 16.19
N CYS A 85 8.68 11.24 17.45
CA CYS A 85 9.76 10.97 18.39
C CYS A 85 9.79 9.50 18.79
N LEU A 86 8.63 8.88 18.94
CA LEU A 86 8.60 7.45 19.23
C LEU A 86 9.28 6.65 18.13
N GLY A 87 9.01 7.03 16.86
CA GLY A 87 9.61 6.30 15.75
C GLY A 87 11.12 6.45 15.68
N VAL A 88 11.63 7.65 16.02
CA VAL A 88 13.07 7.85 16.04
C VAL A 88 13.70 7.04 17.16
N ALA A 89 13.02 6.94 18.30
CA ALA A 89 13.54 6.13 19.40
C ALA A 89 13.56 4.65 19.02
N TYR A 90 12.43 4.15 18.48
CA TYR A 90 12.38 2.77 18.04
C TYR A 90 13.44 2.47 16.98
N LEU A 91 13.61 3.40 16.03
CA LEU A 91 14.59 3.20 14.97
C LEU A 91 16.01 3.22 15.50
N ALA A 92 16.32 4.20 16.35
CA ALA A 92 17.67 4.30 16.90
C ALA A 92 17.99 3.10 17.77
N HIS A 93 17.05 2.71 18.64
CA HIS A 93 17.28 1.58 19.53
C HIS A 93 17.51 0.30 18.73
N SER A 94 16.65 0.03 17.75
CA SER A 94 16.77 -1.19 16.97
C SER A 94 18.05 -1.20 16.14
N LEU A 95 18.49 -0.04 15.66
CA LEU A 95 19.69 0.00 14.83
C LEU A 95 20.94 -0.29 15.66
N VAL A 96 21.11 0.40 16.79
CA VAL A 96 22.33 0.25 17.56
C VAL A 96 22.37 -1.11 18.25
N LYS A 97 21.21 -1.65 18.62
CA LYS A 97 21.18 -2.97 19.24
C LYS A 97 21.64 -4.04 18.25
N ARG A 98 21.19 -3.95 16.99
CA ARG A 98 21.66 -4.87 15.97
C ARG A 98 23.16 -4.76 15.76
N ILE A 99 23.72 -3.57 15.95
CA ILE A 99 25.16 -3.38 15.78
C ILE A 99 25.93 -4.17 16.83
N ARG A 100 25.49 -4.12 18.09
CA ARG A 100 26.18 -4.82 19.16
C ARG A 100 26.04 -6.33 19.01
N GLU A 101 24.87 -6.79 18.57
CA GLU A 101 24.66 -8.23 18.40
C GLU A 101 25.44 -8.79 17.22
N THR A 102 25.93 -7.93 16.32
CA THR A 102 26.71 -8.38 15.17
C THR A 102 28.18 -7.97 15.23
N GLN A 103 28.53 -6.98 16.05
CA GLN A 103 29.91 -6.53 16.22
C GLN A 103 30.19 -6.42 17.71
N HIS A 104 30.53 -7.56 18.33
CA HIS A 104 30.79 -7.57 19.77
C HIS A 104 32.11 -6.89 20.10
N ASP A 105 33.08 -6.93 19.17
CA ASP A 105 34.37 -6.29 19.39
C ASP A 105 34.27 -4.79 19.51
N LEU A 106 33.13 -4.19 19.18
CA LEU A 106 32.98 -2.74 19.24
C LEU A 106 33.04 -2.22 20.67
N GLY A 107 32.53 -3.00 21.63
CA GLY A 107 32.50 -2.55 23.01
C GLY A 107 31.34 -1.65 23.35
N CYS A 108 30.36 -1.50 22.47
CA CYS A 108 29.18 -0.69 22.73
C CYS A 108 28.38 -1.26 23.89
N SER A 109 28.45 -0.60 25.05
CA SER A 109 27.83 -1.11 26.26
C SER A 109 26.33 -0.83 26.26
N ASP A 110 25.63 -1.50 27.18
CA ASP A 110 24.21 -1.24 27.36
C ASP A 110 23.95 0.20 27.77
N LYS A 111 24.90 0.82 28.47
CA LYS A 111 24.76 2.22 28.82
C LYS A 111 24.75 3.11 27.57
N ASP A 112 25.62 2.81 26.61
CA ASP A 112 25.63 3.60 25.37
C ASP A 112 24.35 3.39 24.58
N LEU A 113 23.79 2.17 24.61
CA LEU A 113 22.49 1.91 23.99
C LEU A 113 21.41 2.79 24.61
N LYS A 114 21.47 3.00 25.93
CA LYS A 114 20.50 3.84 26.61
C LYS A 114 20.62 5.30 26.18
N CYS A 115 21.85 5.79 26.07
CA CYS A 115 22.07 7.20 25.78
C CYS A 115 21.55 7.57 24.40
N VAL A 116 21.92 6.77 23.38
CA VAL A 116 21.53 7.10 22.02
C VAL A 116 20.03 6.95 21.82
N THR A 117 19.40 6.04 22.56
CA THR A 117 17.95 5.88 22.47
C THR A 117 17.23 7.06 23.11
N LEU A 118 17.74 7.56 24.23
CA LEU A 118 17.14 8.73 24.86
C LEU A 118 17.36 9.98 24.02
N ALA A 119 18.57 10.15 23.48
CA ALA A 119 18.83 11.27 22.58
C ALA A 119 17.83 11.30 21.43
N ALA A 120 17.56 10.13 20.84
CA ALA A 120 16.58 10.07 19.77
C ALA A 120 15.19 10.41 20.27
N LEU A 121 14.84 9.94 21.47
CA LEU A 121 13.51 10.20 22.01
C LEU A 121 13.32 11.66 22.37
N CYS A 122 14.36 12.35 22.81
CA CYS A 122 14.25 13.71 23.31
C CYS A 122 14.85 14.76 22.39
N HIS A 123 15.18 14.41 21.15
CA HIS A 123 15.85 15.36 20.27
C HIS A 123 14.92 16.51 19.87
N ASP A 124 13.64 16.21 19.66
CA ASP A 124 12.65 17.21 19.30
C ASP A 124 11.86 17.72 20.50
N LEU A 125 12.39 17.52 21.71
CA LEU A 125 11.65 17.87 22.92
C LEU A 125 11.51 19.37 23.10
N GLY A 126 12.34 20.17 22.43
CA GLY A 126 12.32 21.60 22.57
C GLY A 126 11.53 22.36 21.53
N HIS A 127 10.82 21.67 20.63
CA HIS A 127 10.04 22.37 19.62
C HIS A 127 8.87 23.11 20.25
N GLY A 128 8.60 24.30 19.73
CA GLY A 128 7.52 25.12 20.23
C GLY A 128 6.29 25.04 19.34
N PRO A 129 5.34 25.95 19.52
CA PRO A 129 4.12 25.93 18.71
C PRO A 129 4.43 26.04 17.22
N PHE A 130 3.82 25.14 16.44
CA PHE A 130 4.00 25.05 14.99
C PHE A 130 5.43 24.73 14.58
N SER A 131 6.20 24.12 15.49
CA SER A 131 7.52 23.54 15.18
C SER A 131 8.45 24.65 14.72
N HIS A 132 8.99 24.60 13.50
CA HIS A 132 10.02 25.54 13.08
C HIS A 132 9.50 26.98 13.01
N LEU A 133 8.20 27.18 12.82
CA LEU A 133 7.65 28.52 12.78
C LEU A 133 7.98 29.29 14.06
N PHE A 134 7.92 28.61 15.21
CA PHE A 134 8.23 29.25 16.48
C PHE A 134 9.66 29.78 16.53
N GLU A 135 10.59 29.11 15.83
CA GLU A 135 11.97 29.59 15.78
C GLU A 135 12.06 30.93 15.06
N VAL A 136 11.30 31.09 13.97
CA VAL A 136 11.25 32.39 13.29
C VAL A 136 10.58 33.43 14.17
N PHE A 137 9.60 33.01 14.97
CA PHE A 137 8.89 33.95 15.85
C PHE A 137 9.82 34.55 16.88
N ILE A 138 10.60 33.70 17.56
CA ILE A 138 11.51 34.19 18.59
C ILE A 138 12.66 34.98 17.97
N LYS A 139 13.09 34.60 16.77
CA LYS A 139 14.11 35.40 16.08
C LYS A 139 13.61 36.81 15.81
N MET A 140 12.33 36.94 15.46
CA MET A 140 11.79 38.26 15.17
C MET A 140 11.55 39.07 16.43
N ARG A 141 11.29 38.40 17.55
CA ARG A 141 11.02 39.06 18.82
C ARG A 141 12.31 39.35 19.58
N ARG A 142 13.13 38.33 19.82
CA ARG A 142 14.38 38.45 20.56
C ARG A 142 15.52 38.00 19.66
N PRO A 143 15.96 38.87 18.74
CA PRO A 143 17.02 38.46 17.80
C PRO A 143 18.37 38.28 18.47
N ASP A 144 18.58 38.85 19.67
CA ASP A 144 19.85 38.72 20.36
C ASP A 144 19.97 37.43 21.16
N ARG A 145 18.87 36.72 21.39
CA ARG A 145 18.93 35.46 22.14
C ARG A 145 19.51 34.33 21.30
N LYS A 146 19.27 34.35 19.98
CA LYS A 146 19.75 33.30 19.08
C LYS A 146 19.26 31.92 19.53
N TRP A 147 17.95 31.82 19.74
CA TRP A 147 17.35 30.62 20.29
C TRP A 147 17.09 29.60 19.19
N THR A 148 17.22 28.33 19.56
CA THR A 148 16.90 27.21 18.68
C THR A 148 16.21 26.13 19.50
N HIS A 149 15.39 25.31 18.85
CA HIS A 149 14.64 24.31 19.57
C HIS A 149 15.54 23.22 20.15
N GLU A 150 16.73 23.03 19.56
CA GLU A 150 17.69 22.10 20.13
C GLU A 150 18.12 22.53 21.52
N GLU A 151 18.40 23.82 21.69
CA GLU A 151 18.73 24.35 23.00
C GLU A 151 17.58 24.14 23.98
N ALA A 152 16.34 24.33 23.52
CA ALA A 152 15.19 24.05 24.36
C ALA A 152 15.01 22.56 24.59
N SER A 153 15.52 21.72 23.67
CA SER A 153 15.44 20.28 23.87
C SER A 153 16.34 19.84 25.00
N ILE A 154 17.55 20.41 25.09
CA ILE A 154 18.42 20.14 26.22
C ILE A 154 17.78 20.60 27.51
N MET A 155 17.23 21.82 27.51
CA MET A 155 16.62 22.35 28.73
C MET A 155 15.40 21.54 29.15
N MET A 156 14.58 21.13 28.20
CA MET A 156 13.45 20.28 28.53
C MET A 156 13.92 18.92 29.04
N PHE A 157 15.06 18.44 28.55
CA PHE A 157 15.62 17.18 29.04
C PHE A 157 16.13 17.33 30.47
N ASP A 158 16.80 18.45 30.77
CA ASP A 158 17.27 18.69 32.13
C ASP A 158 16.10 18.81 33.10
N ASP A 159 15.08 19.58 32.73
CA ASP A 159 13.93 19.74 33.61
C ASP A 159 13.18 18.43 33.82
N LEU A 160 13.13 17.58 32.79
CA LEU A 160 12.44 16.29 32.94
C LEU A 160 13.08 15.46 34.05
N LEU A 161 14.41 15.36 34.04
CA LEU A 161 15.10 14.62 35.09
C LEU A 161 14.91 15.27 36.45
N LYS A 162 14.98 16.60 36.51
CA LYS A 162 14.78 17.30 37.78
C LYS A 162 13.38 17.06 38.32
N GLU A 163 12.38 17.01 37.44
CA GLU A 163 11.01 16.84 37.87
C GLU A 163 10.64 15.38 38.14
N HIS A 164 11.50 14.44 37.75
CA HIS A 164 11.25 13.01 37.95
C HIS A 164 12.54 12.39 38.48
N LYS A 165 12.77 12.55 39.79
CA LYS A 165 13.97 12.04 40.42
C LYS A 165 14.00 10.52 40.52
N GLU A 166 12.83 9.88 40.44
CA GLU A 166 12.74 8.42 40.59
C GLU A 166 13.13 7.67 39.32
N ILE A 167 13.26 8.35 38.19
CA ILE A 167 13.56 7.69 36.93
C ILE A 167 15.01 7.97 36.56
N ALA A 168 15.53 7.12 35.66
CA ALA A 168 16.86 7.30 35.06
C ALA A 168 17.96 7.25 36.13
N TYR A 169 17.96 6.17 36.91
CA TYR A 169 19.00 6.02 37.92
C TYR A 169 20.31 5.53 37.32
N ASP A 170 20.25 4.74 36.24
CA ASP A 170 21.47 4.19 35.67
C ASP A 170 22.41 5.28 35.18
N LEU A 171 21.85 6.37 34.63
CA LEU A 171 22.67 7.39 33.97
C LEU A 171 23.40 8.24 35.00
N ASP A 172 24.69 8.47 34.76
CA ASP A 172 25.51 9.36 35.57
C ASP A 172 25.56 10.75 34.93
N ASP A 173 26.32 11.65 35.55
CA ASP A 173 26.49 12.98 34.99
C ASP A 173 27.18 12.94 33.65
N GLU A 174 28.18 12.05 33.50
CA GLU A 174 28.87 11.93 32.23
C GLU A 174 27.93 11.40 31.15
N ASP A 175 27.05 10.46 31.51
CA ASP A 175 26.08 9.96 30.55
C ASP A 175 25.06 11.02 30.18
N LYS A 176 24.71 11.91 31.12
CA LYS A 176 23.81 13.00 30.80
C LYS A 176 24.43 13.95 29.78
N LEU A 177 25.74 14.18 29.88
CA LEU A 177 26.42 15.02 28.90
C LEU A 177 26.46 14.33 27.54
N PHE A 178 26.64 13.01 27.53
CA PHE A 178 26.67 12.25 26.27
C PHE A 178 25.35 12.39 25.52
N ILE A 179 24.23 12.22 26.23
CA ILE A 179 22.91 12.31 25.60
C ILE A 179 22.70 13.67 24.96
N LYS A 180 23.03 14.73 25.68
CA LYS A 180 22.90 16.08 25.12
C LYS A 180 23.80 16.26 23.91
N ASP A 181 24.99 15.67 23.95
CA ASP A 181 25.90 15.79 22.82
C ASP A 181 25.38 15.03 21.60
N LEU A 182 24.72 13.89 21.82
CA LEU A 182 24.11 13.17 20.70
C LEU A 182 22.89 13.91 20.16
N ILE A 183 22.18 14.64 21.02
CA ILE A 183 21.02 15.41 20.54
C ILE A 183 21.47 16.51 19.59
N THR A 184 22.56 17.21 19.93
CA THR A 184 23.08 18.25 19.05
C THR A 184 23.95 17.69 17.94
N GLY A 185 24.55 16.52 18.14
CA GLY A 185 25.47 15.97 17.16
C GLY A 185 26.83 16.65 17.24
N LYS A 186 27.85 16.00 16.69
CA LYS A 186 29.20 16.56 16.75
C LYS A 186 29.94 16.20 15.48
N LYS A 187 30.82 17.10 15.04
CA LYS A 187 31.63 16.84 13.86
C LYS A 187 32.56 15.66 14.14
N PRO A 188 32.99 14.95 13.09
CA PRO A 188 33.86 13.77 13.32
C PRO A 188 35.17 14.10 14.03
N GLU A 189 35.54 15.37 14.10
CA GLU A 189 36.78 15.77 14.78
C GLU A 189 36.62 15.92 16.29
N ASP A 190 35.38 16.04 16.78
CA ASP A 190 35.13 16.20 18.20
C ASP A 190 34.30 15.05 18.78
N THR A 191 34.32 13.89 18.12
CA THR A 191 33.47 12.79 18.55
C THR A 191 33.91 12.22 19.89
N GLY A 192 35.21 12.18 20.14
CA GLY A 192 35.73 11.65 21.39
C GLY A 192 36.16 10.21 21.26
N ASN A 193 36.24 9.55 22.42
CA ASN A 193 36.71 8.18 22.50
C ASN A 193 35.66 7.22 23.04
N ARG A 194 34.43 7.68 23.24
CA ARG A 194 33.34 6.84 23.72
C ARG A 194 32.36 6.63 22.58
N SER A 195 32.51 5.49 21.89
CA SER A 195 31.66 5.07 20.77
C SER A 195 31.42 6.22 19.79
N PRO A 196 32.46 6.68 19.09
CA PRO A 196 32.27 7.83 18.17
C PRO A 196 31.27 7.57 17.05
N TYR A 197 30.98 6.30 16.74
CA TYR A 197 30.03 6.01 15.68
C TYR A 197 28.61 6.39 16.07
N LEU A 198 28.31 6.41 17.37
CA LEU A 198 26.95 6.70 17.82
C LEU A 198 26.48 8.11 17.42
N PHE A 199 27.40 9.01 17.10
CA PHE A 199 27.01 10.35 16.67
C PHE A 199 26.37 10.36 15.29
N ASP A 200 26.41 9.25 14.57
CA ASP A 200 25.77 9.16 13.26
C ASP A 200 24.32 8.72 13.35
N VAL A 201 23.85 8.33 14.54
CA VAL A 201 22.53 7.69 14.63
C VAL A 201 21.42 8.73 14.68
N VAL A 202 21.53 9.71 15.56
CA VAL A 202 20.43 10.63 15.82
C VAL A 202 20.61 11.94 15.06
N ALA A 203 21.74 12.60 15.26
CA ALA A 203 22.04 13.89 14.63
C ALA A 203 23.38 13.77 13.92
N ASN A 204 23.33 13.38 12.64
CA ASN A 204 24.52 13.10 11.85
C ASN A 204 25.06 14.39 11.24
N LYS A 205 26.31 14.73 11.57
CA LYS A 205 26.92 15.95 11.09
C LYS A 205 27.90 15.71 9.94
N ARG A 206 28.51 14.53 9.86
CA ARG A 206 29.42 14.22 8.76
C ARG A 206 28.72 13.68 7.53
N ASN A 207 27.51 13.13 7.67
CA ASN A 207 26.83 12.48 6.56
C ASN A 207 25.40 12.97 6.38
N SER A 208 24.80 13.48 7.45
CA SER A 208 23.39 13.84 7.53
C SER A 208 22.47 12.64 7.35
N ILE A 209 22.99 11.42 7.40
CA ILE A 209 22.20 10.20 7.27
C ILE A 209 21.92 9.70 8.67
N ASP A 210 20.70 9.95 9.17
CA ASP A 210 20.35 9.56 10.52
C ASP A 210 18.92 9.02 10.55
N VAL A 211 18.62 8.30 11.63
CA VAL A 211 17.31 7.66 11.76
C VAL A 211 16.21 8.67 12.00
N ASP A 212 16.57 9.91 12.36
CA ASP A 212 15.58 10.98 12.46
C ASP A 212 14.98 11.28 11.09
N LYS A 213 15.84 11.41 10.08
CA LYS A 213 15.35 11.57 8.70
C LYS A 213 14.63 10.34 8.20
N PHE A 214 15.06 9.15 8.61
CA PHE A 214 14.38 7.92 8.19
C PHE A 214 12.91 7.95 8.59
N ASP A 215 12.60 8.57 9.73
CA ASP A 215 11.23 8.53 10.24
C ASP A 215 10.36 9.61 9.59
N TYR A 216 10.82 10.86 9.60
CA TYR A 216 9.94 11.94 9.16
C TYR A 216 9.83 12.00 7.64
N LEU A 217 10.85 11.58 6.90
CA LEU A 217 10.69 11.45 5.46
C LEU A 217 9.57 10.48 5.14
N ALA A 218 9.51 9.35 5.84
CA ALA A 218 8.46 8.37 5.60
C ALA A 218 7.14 8.79 6.24
N ARG A 219 7.19 9.38 7.43
CA ARG A 219 5.95 9.76 8.10
C ARG A 219 5.26 10.91 7.38
N ASP A 220 6.02 11.91 6.96
CA ASP A 220 5.44 13.03 6.22
C ASP A 220 4.88 12.57 4.86
N CYS A 221 5.63 11.73 4.13
CA CYS A 221 5.11 11.19 2.88
C CYS A 221 3.80 10.45 3.10
N TYR A 222 3.75 9.61 4.12
CA TYR A 222 2.54 8.84 4.40
C TYR A 222 1.36 9.76 4.68
N TYR A 223 1.56 10.76 5.54
CA TYR A 223 0.45 11.59 5.97
C TYR A 223 0.07 12.64 4.94
N LEU A 224 1.05 13.18 4.21
CA LEU A 224 0.74 14.12 3.13
C LEU A 224 0.13 13.43 1.93
N GLY A 225 0.24 12.11 1.83
CA GLY A 225 -0.27 11.40 0.68
C GLY A 225 0.66 11.51 -0.50
N MET A 226 1.94 11.29 -0.26
CA MET A 226 2.97 11.38 -1.28
C MET A 226 3.75 10.08 -1.34
N LYS A 227 4.56 9.96 -2.39
CA LYS A 227 5.33 8.75 -2.65
C LYS A 227 6.83 9.07 -2.69
N SER A 228 7.63 8.04 -2.46
CA SER A 228 9.08 8.19 -2.40
C SER A 228 9.74 6.88 -2.77
N VAL A 229 10.89 6.99 -3.44
CA VAL A 229 11.66 5.81 -3.82
C VAL A 229 12.58 5.35 -2.68
N PHE A 230 12.99 6.28 -1.81
CA PHE A 230 13.86 5.96 -0.69
C PHE A 230 13.26 4.89 0.20
N ASP A 231 14.10 3.94 0.62
CA ASP A 231 13.70 2.81 1.47
C ASP A 231 14.66 2.77 2.65
N PHE A 232 14.21 3.28 3.81
CA PHE A 232 15.10 3.35 4.97
C PHE A 232 15.39 1.98 5.56
N SER A 233 14.50 1.00 5.34
CA SER A 233 14.70 -0.33 5.90
C SER A 233 15.97 -0.97 5.36
N ARG A 234 16.30 -0.72 4.09
CA ARG A 234 17.55 -1.26 3.54
C ARG A 234 18.76 -0.62 4.19
N LEU A 235 18.69 0.69 4.44
CA LEU A 235 19.77 1.36 5.16
C LEU A 235 19.82 0.95 6.62
N MET A 236 18.77 0.34 7.14
CA MET A 236 18.72 -0.03 8.55
C MET A 236 19.49 -1.32 8.83
N ASN A 237 19.19 -2.39 8.10
CA ASN A 237 19.76 -3.69 8.38
C ASN A 237 21.03 -3.99 7.58
N TYR A 238 21.41 -3.11 6.66
CA TYR A 238 22.58 -3.38 5.82
C TYR A 238 23.62 -2.28 6.01
N SER A 239 23.96 -2.01 7.26
CA SER A 239 24.98 -1.03 7.60
C SER A 239 26.00 -1.66 8.54
N ARG A 240 27.21 -1.11 8.51
CA ARG A 240 28.33 -1.62 9.29
C ARG A 240 29.08 -0.46 9.91
N VAL A 241 29.65 -0.71 11.09
CA VAL A 241 30.40 0.30 11.83
C VAL A 241 31.88 0.03 11.63
N SER A 242 32.57 1.01 11.04
CA SER A 242 34.02 0.95 10.90
C SER A 242 34.53 2.37 10.72
N ASP A 243 35.82 2.57 11.02
CA ASP A 243 36.47 3.86 10.89
C ASP A 243 35.81 4.92 11.78
N ASP A 244 35.30 4.49 12.94
CA ASP A 244 34.64 5.37 13.92
C ASP A 244 33.39 6.03 13.34
N GLN A 245 32.74 5.37 12.38
CA GLN A 245 31.54 5.90 11.75
C GLN A 245 30.68 4.74 11.28
N ILE A 246 29.55 5.07 10.66
CA ILE A 246 28.62 4.08 10.15
C ILE A 246 28.76 4.03 8.63
N THR A 247 29.15 2.86 8.11
CA THR A 247 29.31 2.63 6.69
C THR A 247 28.11 1.85 6.15
N TYR A 248 27.96 1.88 4.83
CA TYR A 248 26.82 1.26 4.18
C TYR A 248 27.29 0.35 3.06
N ASP A 249 26.43 -0.59 2.68
CA ASP A 249 26.68 -1.42 1.51
C ASP A 249 26.72 -0.54 0.27
N PHE A 250 27.74 -0.75 -0.58
CA PHE A 250 27.90 0.08 -1.76
C PHE A 250 26.76 -0.11 -2.77
N LYS A 251 25.94 -1.15 -2.61
CA LYS A 251 24.74 -1.32 -3.42
C LYS A 251 23.59 -0.42 -2.98
N GLU A 252 23.73 0.27 -1.84
CA GLU A 252 22.74 1.21 -1.36
C GLU A 252 23.10 2.66 -1.67
N SER A 253 24.08 2.87 -2.55
CA SER A 253 24.53 4.24 -2.84
C SER A 253 23.43 5.05 -3.51
N TYR A 254 22.60 4.43 -4.34
CA TYR A 254 21.50 5.15 -4.97
C TYR A 254 20.33 5.32 -4.02
N ASN A 255 20.17 4.41 -3.05
CA ASN A 255 19.20 4.63 -1.98
C ASN A 255 19.57 5.86 -1.17
N ILE A 256 20.86 6.03 -0.87
CA ILE A 256 21.33 7.22 -0.18
C ILE A 256 21.03 8.46 -1.02
N TYR A 257 21.14 8.33 -2.34
CA TYR A 257 20.76 9.43 -3.23
C TYR A 257 19.28 9.78 -3.04
N GLU A 258 18.44 8.77 -2.85
CA GLU A 258 17.00 8.98 -2.79
C GLU A 258 16.53 9.51 -1.44
N LEU A 259 17.34 9.32 -0.38
CA LEU A 259 17.05 10.00 0.89
C LEU A 259 17.00 11.50 0.68
N PHE A 260 18.10 12.06 0.16
CA PHE A 260 18.17 13.51 -0.02
C PHE A 260 17.29 13.97 -1.16
N HIS A 261 17.01 13.09 -2.12
CA HIS A 261 16.00 13.41 -3.14
C HIS A 261 14.62 13.56 -2.52
N THR A 262 14.29 12.69 -1.56
CA THR A 262 12.97 12.74 -0.93
C THR A 262 12.82 14.00 -0.09
N ARG A 263 13.87 14.37 0.65
CA ARG A 263 13.84 15.62 1.39
C ARG A 263 13.71 16.81 0.46
N TYR A 264 14.48 16.82 -0.63
CA TYR A 264 14.38 17.89 -1.61
C TYR A 264 12.99 17.96 -2.23
N SER A 265 12.40 16.80 -2.54
CA SER A 265 11.06 16.77 -3.12
C SER A 265 10.01 17.21 -2.11
N LEU A 266 10.18 16.85 -0.85
CA LEU A 266 9.21 17.26 0.16
C LEU A 266 9.22 18.76 0.36
N HIS A 267 10.42 19.37 0.37
CA HIS A 267 10.51 20.82 0.45
C HIS A 267 9.86 21.47 -0.76
N LYS A 268 10.11 20.94 -1.95
CA LYS A 268 9.64 21.59 -3.17
C LYS A 268 8.13 21.44 -3.37
N LYS A 269 7.51 20.46 -2.72
CA LYS A 269 6.11 20.13 -2.96
C LYS A 269 5.18 20.53 -1.83
N ALA A 270 5.61 20.38 -0.58
CA ALA A 270 4.74 20.64 0.56
C ALA A 270 5.31 21.68 1.52
N TYR A 271 6.54 21.48 2.00
CA TYR A 271 7.08 22.30 3.09
C TYR A 271 7.07 23.78 2.73
N ASN A 272 7.39 24.13 1.48
CA ASN A 272 7.59 25.51 1.07
C ASN A 272 6.40 26.04 0.26
N HIS A 273 5.20 25.50 0.49
CA HIS A 273 4.01 25.96 -0.22
C HIS A 273 3.77 27.45 0.04
N ARG A 274 3.40 28.17 -1.03
CA ARG A 274 3.27 29.62 -0.95
C ARG A 274 2.15 30.04 0.01
N VAL A 275 1.03 29.31 0.00
CA VAL A 275 -0.04 29.65 0.93
C VAL A 275 0.32 29.19 2.34
N GLY A 276 1.12 28.12 2.46
CA GLY A 276 1.65 27.76 3.76
C GLY A 276 2.41 28.91 4.40
N LYS A 277 3.30 29.55 3.62
CA LYS A 277 4.06 30.68 4.13
C LYS A 277 3.17 31.91 4.33
N ALA A 278 2.12 32.06 3.54
CA ALA A 278 1.18 33.17 3.75
C ALA A 278 0.48 33.03 5.09
N ILE A 279 -0.02 31.83 5.40
CA ILE A 279 -0.60 31.58 6.71
C ILE A 279 0.46 31.64 7.80
N ASP A 280 1.72 31.32 7.45
CA ASP A 280 2.80 31.43 8.42
C ASP A 280 2.91 32.84 8.96
N TYR A 281 2.97 33.83 8.06
CA TYR A 281 3.09 35.22 8.48
C TYR A 281 1.86 35.69 9.24
N MET A 282 0.68 35.14 8.92
CA MET A 282 -0.51 35.49 9.67
C MET A 282 -0.41 35.00 11.11
N ILE A 283 0.05 33.78 11.32
CA ILE A 283 0.23 33.26 12.68
C ILE A 283 1.27 34.09 13.42
N LEU A 284 2.35 34.46 12.74
CA LEU A 284 3.41 35.24 13.38
C LEU A 284 2.88 36.61 13.81
N ASP A 285 2.18 37.31 12.90
CA ASP A 285 1.62 38.61 13.24
C ASP A 285 0.67 38.52 14.43
N ALA A 286 -0.10 37.44 14.51
CA ALA A 286 -1.02 37.28 15.64
C ALA A 286 -0.26 37.01 16.94
N LEU A 287 0.79 36.19 16.88
CA LEU A 287 1.58 35.93 18.07
C LEU A 287 2.29 37.18 18.55
N ILE A 288 2.71 38.05 17.63
CA ILE A 288 3.40 39.28 18.00
C ILE A 288 2.46 40.18 18.81
N ALA A 289 1.24 40.35 18.31
CA ALA A 289 0.27 41.19 19.02
C ALA A 289 0.05 40.68 20.44
N ALA A 290 -0.17 39.39 20.61
CA ALA A 290 -0.46 38.80 21.91
C ALA A 290 0.79 38.57 22.76
N ASP A 291 1.99 38.87 22.23
CA ASP A 291 3.20 38.57 22.98
C ASP A 291 3.36 39.40 24.24
N PRO A 292 3.15 40.73 24.25
CA PRO A 292 3.29 41.47 25.50
C PRO A 292 2.33 40.99 26.58
N VAL A 293 1.10 40.63 26.20
CA VAL A 293 0.11 40.18 27.18
C VAL A 293 0.42 38.78 27.66
N LEU A 294 0.65 37.85 26.73
CA LEU A 294 0.79 36.43 27.07
C LEU A 294 2.22 36.01 27.36
N GLU A 295 3.20 36.85 27.05
CA GLU A 295 4.62 36.54 27.28
C GLU A 295 5.02 35.25 26.57
N ILE A 296 4.58 35.13 25.32
CA ILE A 296 4.86 33.93 24.53
C ILE A 296 6.36 33.77 24.32
N SER A 297 7.01 34.81 23.80
CA SER A 297 8.44 34.76 23.53
C SER A 297 9.29 34.65 24.79
N LYS A 298 8.69 34.82 25.97
CA LYS A 298 9.42 34.74 27.23
C LYS A 298 9.32 33.37 27.90
N SER A 299 8.49 32.46 27.36
CA SER A 299 8.32 31.15 27.95
C SER A 299 9.54 30.25 27.76
N ILE A 300 10.45 30.62 26.85
CA ILE A 300 11.61 29.79 26.56
C ILE A 300 12.69 30.04 27.60
N ASP A 301 12.36 30.80 28.65
CA ASP A 301 13.31 31.02 29.74
C ASP A 301 13.07 30.06 30.89
N LYS A 302 11.80 29.79 31.22
CA LYS A 302 11.45 28.90 32.32
C LYS A 302 10.80 27.64 31.77
N PRO A 303 11.34 26.45 32.05
CA PRO A 303 10.68 25.23 31.58
C PRO A 303 9.25 25.09 32.08
N SER A 304 8.95 25.59 33.28
CA SER A 304 7.59 25.50 33.82
C SER A 304 6.60 26.29 32.97
N GLU A 305 7.04 27.39 32.37
CA GLU A 305 6.17 28.14 31.46
C GLU A 305 6.15 27.52 30.07
N TYR A 306 7.25 26.88 29.67
CA TYR A 306 7.33 26.30 28.34
C TYR A 306 6.45 25.05 28.19
N LEU A 307 6.14 24.36 29.30
CA LEU A 307 5.33 23.15 29.20
C LEU A 307 3.91 23.46 28.74
N LYS A 308 3.40 24.66 29.00
CA LYS A 308 2.10 25.09 28.50
C LYS A 308 2.19 25.76 27.14
N MET A 309 3.38 25.86 26.57
CA MET A 309 3.58 26.47 25.26
C MET A 309 3.43 25.40 24.18
N ASP A 310 2.23 25.29 23.60
CA ASP A 310 1.98 24.35 22.51
C ASP A 310 1.07 25.03 21.50
N ASP A 311 0.65 24.26 20.48
CA ASP A 311 -0.12 24.82 19.37
C ASP A 311 -1.51 25.29 19.78
N THR A 312 -2.04 24.83 20.91
CA THR A 312 -3.37 25.27 21.33
C THR A 312 -3.38 26.74 21.75
N ILE A 313 -2.23 27.40 21.81
CA ILE A 313 -2.21 28.83 22.16
C ILE A 313 -3.01 29.64 21.16
N LEU A 314 -3.10 29.19 19.91
CA LEU A 314 -3.93 29.87 18.94
C LEU A 314 -5.41 29.80 19.30
N ASN A 315 -5.84 28.70 19.91
CA ASN A 315 -7.24 28.57 20.31
C ASN A 315 -7.54 29.46 21.51
N ARG A 316 -6.61 29.56 22.46
CA ARG A 316 -6.84 30.40 23.64
C ARG A 316 -6.96 31.87 23.24
N ILE A 317 -6.16 32.32 22.27
CA ILE A 317 -6.29 33.68 21.76
C ILE A 317 -7.61 33.85 21.03
N GLU A 318 -7.94 32.90 20.14
CA GLU A 318 -9.15 33.03 19.32
C GLU A 318 -10.40 33.11 20.17
N TYR A 319 -10.43 32.41 21.30
CA TYR A 319 -11.61 32.33 22.15
C TYR A 319 -11.50 33.20 23.40
N SER A 320 -10.58 34.17 23.39
CA SER A 320 -10.41 35.06 24.54
C SER A 320 -11.51 36.13 24.56
N ASP A 321 -12.06 36.37 25.73
CA ASP A 321 -13.06 37.41 25.94
C ASP A 321 -12.46 38.70 26.45
N SER A 322 -11.13 38.78 26.55
CA SER A 322 -10.48 39.96 27.08
C SER A 322 -10.67 41.14 26.13
N ASP A 323 -10.50 42.35 26.67
CA ASP A 323 -10.74 43.57 25.95
C ASP A 323 -9.45 44.30 25.56
N ASP A 324 -8.30 43.67 25.78
CA ASP A 324 -7.03 44.30 25.42
C ASP A 324 -6.97 44.51 23.91
N PRO A 325 -6.44 45.67 23.46
CA PRO A 325 -6.47 45.95 22.01
C PRO A 325 -5.61 45.01 21.18
N ASP A 326 -4.53 44.47 21.74
CA ASP A 326 -3.69 43.55 20.95
C ASP A 326 -4.39 42.21 20.76
N LEU A 327 -5.04 41.71 21.80
CA LEU A 327 -5.84 40.49 21.66
C LEU A 327 -6.87 40.64 20.55
N LYS A 328 -7.51 41.82 20.47
CA LYS A 328 -8.42 42.07 19.36
C LYS A 328 -7.69 42.07 18.03
N LYS A 329 -6.47 42.62 17.99
CA LYS A 329 -5.67 42.55 16.78
C LYS A 329 -5.23 41.11 16.51
N SER A 330 -4.90 40.37 17.57
CA SER A 330 -4.58 38.95 17.42
C SER A 330 -5.81 38.15 17.00
N LYS A 331 -6.97 38.46 17.60
CA LYS A 331 -8.20 37.74 17.26
C LYS A 331 -8.64 38.04 15.83
N GLU A 332 -8.43 39.27 15.37
CA GLU A 332 -8.84 39.63 14.01
C GLU A 332 -8.05 38.86 12.97
N ILE A 333 -6.77 38.62 13.23
CA ILE A 333 -5.95 37.87 12.27
C ILE A 333 -6.39 36.41 12.23
N ILE A 334 -6.70 35.83 13.41
CA ILE A 334 -7.14 34.44 13.45
C ILE A 334 -8.46 34.27 12.71
N ARG A 335 -9.39 35.21 12.88
CA ARG A 335 -10.63 35.15 12.13
C ARG A 335 -10.40 35.26 10.62
N ARG A 336 -9.33 35.97 10.22
CA ARG A 336 -8.98 36.00 8.80
C ARG A 336 -8.49 34.64 8.32
N ILE A 337 -7.83 33.87 9.18
CA ILE A 337 -7.43 32.51 8.82
C ILE A 337 -8.67 31.65 8.61
N ARG A 338 -9.59 31.66 9.57
CA ARG A 338 -10.81 30.86 9.46
C ARG A 338 -11.65 31.28 8.27
N LYS A 339 -11.66 32.57 7.94
CA LYS A 339 -12.44 33.06 6.81
C LYS A 339 -11.75 32.86 5.47
N ARG A 340 -10.50 32.41 5.48
CA ARG A 340 -9.67 32.24 4.28
C ARG A 340 -9.37 33.57 3.60
N ASP A 341 -9.54 34.68 4.30
CA ASP A 341 -9.09 35.99 3.81
C ASP A 341 -7.62 36.16 4.20
N LEU A 342 -6.79 35.38 3.54
CA LEU A 342 -5.38 35.27 3.90
C LEU A 342 -4.55 36.31 3.17
N TYR A 343 -3.31 36.45 3.64
CA TYR A 343 -2.33 37.23 2.90
C TYR A 343 -2.14 36.60 1.53
N LYS A 344 -2.21 37.42 0.48
CA LYS A 344 -2.19 36.93 -0.89
C LYS A 344 -0.77 36.99 -1.46
N PHE A 345 -0.35 35.90 -2.07
CA PHE A 345 0.97 35.84 -2.70
C PHE A 345 0.98 36.73 -3.95
N VAL A 346 1.91 37.68 -3.99
CA VAL A 346 1.95 38.68 -5.04
C VAL A 346 2.81 38.19 -6.20
N ASP A 347 4.10 38.01 -5.95
CA ASP A 347 5.03 37.60 -7.00
C ASP A 347 6.24 36.95 -6.36
N GLU A 348 7.03 36.30 -7.20
CA GLU A 348 8.23 35.59 -6.76
C GLU A 348 9.27 35.71 -7.86
N PHE A 349 10.53 35.89 -7.45
CA PHE A 349 11.62 36.05 -8.41
C PHE A 349 12.81 35.23 -7.94
N LEU A 350 13.35 34.41 -8.83
CA LEU A 350 14.53 33.60 -8.56
C LEU A 350 15.75 34.32 -9.13
N VAL A 351 16.78 34.49 -8.30
CA VAL A 351 17.98 35.19 -8.74
C VAL A 351 18.85 34.23 -9.52
N PRO A 352 19.51 34.68 -10.59
CA PRO A 352 20.48 33.83 -11.28
C PRO A 352 21.74 33.68 -10.45
N LYS A 353 22.57 32.70 -10.83
CA LYS A 353 23.75 32.39 -10.04
C LYS A 353 24.77 33.53 -10.06
N ASP A 354 24.84 34.28 -11.16
CA ASP A 354 25.82 35.36 -11.25
C ASP A 354 25.44 36.58 -10.41
N LEU A 355 24.17 36.71 -10.04
CA LEU A 355 23.71 37.82 -9.22
C LEU A 355 23.45 37.43 -7.78
N LYS A 356 23.74 36.17 -7.41
CA LYS A 356 23.50 35.70 -6.05
C LYS A 356 24.31 36.52 -5.04
N GLY A 357 25.57 36.81 -5.36
CA GLY A 357 26.42 37.52 -4.43
C GLY A 357 26.04 38.96 -4.19
N LYS A 358 25.30 39.56 -5.11
CA LYS A 358 24.88 40.96 -4.99
C LYS A 358 23.57 41.11 -4.22
N PHE A 359 23.17 40.11 -3.46
CA PHE A 359 21.89 40.10 -2.76
C PHE A 359 22.11 40.25 -1.26
N GLU A 360 21.19 40.98 -0.62
CA GLU A 360 21.16 41.10 0.83
C GLU A 360 19.72 41.31 1.25
N LYS A 361 19.25 40.48 2.18
CA LYS A 361 17.84 40.55 2.59
C LYS A 361 17.47 41.94 3.08
N ASP A 362 18.29 42.52 3.96
CA ASP A 362 17.98 43.83 4.53
C ASP A 362 17.97 44.92 3.46
N LYS A 363 18.89 44.85 2.51
CA LYS A 363 18.99 45.90 1.50
C LYS A 363 17.82 45.84 0.52
N ILE A 364 17.50 44.64 0.02
CA ILE A 364 16.41 44.51 -0.95
C ILE A 364 15.08 44.87 -0.30
N THR A 365 14.91 44.56 0.99
CA THR A 365 13.68 44.96 1.67
C THR A 365 13.58 46.47 1.78
N LYS A 366 14.70 47.15 2.06
CA LYS A 366 14.67 48.60 2.21
C LYS A 366 14.23 49.28 0.92
N ILE A 367 14.83 48.91 -0.21
CA ILE A 367 14.47 49.56 -1.47
C ILE A 367 13.04 49.23 -1.87
N ILE A 368 12.59 48.00 -1.57
CA ILE A 368 11.19 47.65 -1.81
C ILE A 368 10.27 48.44 -0.89
N THR A 369 10.67 48.56 0.38
CA THR A 369 9.89 49.34 1.34
C THR A 369 9.87 50.82 0.94
N ASP A 370 11.04 51.36 0.60
CA ASP A 370 11.11 52.77 0.20
C ASP A 370 10.34 53.00 -1.10
N GLN A 371 10.33 52.03 -2.00
CA GLN A 371 9.54 52.17 -3.23
C GLN A 371 8.05 52.20 -2.93
N LEU A 372 7.57 51.36 -2.01
CA LEU A 372 6.17 51.39 -1.63
C LEU A 372 5.81 52.68 -0.91
N GLU A 373 6.73 53.20 -0.10
CA GLU A 373 6.46 54.41 0.65
C GLU A 373 6.35 55.63 -0.27
N HIS A 374 7.23 55.70 -1.27
CA HIS A 374 7.22 56.84 -2.20
C HIS A 374 6.14 56.66 -3.26
N ASP A 375 6.28 55.65 -4.11
CA ASP A 375 5.35 55.39 -5.20
C ASP A 375 4.48 54.18 -4.82
N GLY A 376 3.53 54.41 -3.93
CA GLY A 376 2.64 53.34 -3.52
C GLY A 376 1.89 53.70 -2.25
N LEU A 377 1.56 52.67 -1.48
CA LEU A 377 0.76 52.79 -0.27
C LEU A 377 1.63 52.56 0.96
N LYS A 378 0.97 52.34 2.11
CA LYS A 378 1.68 52.18 3.36
C LYS A 378 2.51 50.90 3.35
N LYS A 379 3.69 50.95 3.95
CA LYS A 379 4.62 49.82 3.92
C LYS A 379 4.11 48.60 4.68
N GLU A 380 3.12 48.77 5.57
CA GLU A 380 2.61 47.65 6.35
C GLU A 380 1.92 46.61 5.47
N TYR A 381 1.60 46.95 4.23
CA TYR A 381 0.91 46.01 3.36
C TYR A 381 1.86 44.95 2.82
N VAL A 382 3.08 45.34 2.44
CA VAL A 382 3.99 44.44 1.76
C VAL A 382 4.70 43.56 2.78
N ILE A 383 4.95 42.30 2.39
CA ILE A 383 5.79 41.38 3.15
C ILE A 383 6.83 40.83 2.19
N VAL A 384 8.08 40.84 2.63
CA VAL A 384 9.20 40.38 1.81
C VAL A 384 9.77 39.13 2.45
N ASP A 385 9.71 38.01 1.72
CA ASP A 385 10.10 36.70 2.24
C ASP A 385 11.22 36.14 1.39
N ILE A 386 12.26 35.66 2.04
CA ILE A 386 13.36 34.98 1.36
C ILE A 386 13.10 33.48 1.39
N LEU A 387 13.45 32.81 0.31
CA LEU A 387 13.34 31.36 0.22
C LEU A 387 14.70 30.80 -0.14
N ILE A 388 15.27 30.03 0.78
CA ILE A 388 16.52 29.32 0.53
C ILE A 388 16.22 27.84 0.45
N LEU A 389 16.71 27.20 -0.61
CA LEU A 389 16.54 25.76 -0.81
C LEU A 389 17.91 25.18 -1.14
N ASN A 390 18.52 24.52 -0.17
CA ASN A 390 19.79 23.83 -0.34
C ASN A 390 19.52 22.33 -0.37
N TYR A 391 20.11 21.65 -1.35
CA TYR A 391 19.87 20.21 -1.49
C TYR A 391 20.43 19.44 -0.30
N GLY A 392 21.62 19.80 0.16
CA GLY A 392 22.25 19.13 1.27
C GLY A 392 23.11 20.05 2.11
N LYS A 394 24.99 22.76 2.01
CA LYS A 394 25.63 23.62 1.03
C LYS A 394 25.50 23.01 -0.37
N GLU A 395 26.50 23.25 -1.21
CA GLU A 395 26.55 22.65 -2.54
C GLU A 395 27.50 21.46 -2.53
N GLU A 396 27.09 20.42 -1.80
CA GLU A 396 27.86 19.18 -1.71
C GLU A 396 27.17 18.08 -2.50
N ASN A 397 27.96 17.05 -2.86
CA ASN A 397 27.27 15.99 -3.58
C ASN A 397 26.70 14.98 -2.58
N PRO A 398 25.60 14.32 -2.93
CA PRO A 398 24.88 13.51 -1.92
C PRO A 398 25.65 12.32 -1.38
N ILE A 399 26.67 11.82 -2.08
CA ILE A 399 27.43 10.68 -1.59
C ILE A 399 28.71 11.12 -0.87
N ASP A 400 28.81 12.40 -0.52
CA ASP A 400 30.02 12.92 0.09
C ASP A 400 30.16 12.44 1.53
N ASN A 401 31.39 12.04 1.88
CA ASN A 401 31.82 11.73 3.25
C ASN A 401 31.21 10.46 3.82
N VAL A 402 30.47 9.69 3.03
CA VAL A 402 29.92 8.42 3.48
C VAL A 402 30.78 7.29 2.91
N LYS A 403 31.25 6.41 3.78
CA LYS A 403 32.12 5.31 3.39
C LYS A 403 31.31 4.04 3.15
N PHE A 404 31.84 3.17 2.31
CA PHE A 404 31.12 1.98 1.87
C PHE A 404 31.97 0.74 2.06
N TYR A 405 31.30 -0.39 2.28
CA TYR A 405 31.93 -1.69 2.36
C TYR A 405 31.29 -2.62 1.34
N ASP A 406 32.08 -3.55 0.81
CA ASP A 406 31.63 -4.48 -0.22
C ASP A 406 31.25 -5.79 0.45
N LYS A 407 29.96 -6.12 0.41
CA LYS A 407 29.50 -7.39 0.97
C LYS A 407 29.75 -8.56 0.02
N ASN A 408 29.81 -8.29 -1.30
CA ASN A 408 30.02 -9.36 -2.28
C ASN A 408 31.34 -10.08 -2.03
N GLN A 409 32.45 -9.33 -2.09
CA GLN A 409 33.76 -9.88 -1.76
C GLN A 409 34.02 -9.70 -0.27
N PRO A 410 34.23 -10.79 0.49
CA PRO A 410 34.45 -10.65 1.94
C PRO A 410 35.58 -9.69 2.26
N ASN A 411 35.25 -8.57 2.90
CA ASN A 411 36.20 -7.50 3.13
C ASN A 411 35.92 -6.85 4.47
N LEU A 412 36.94 -6.17 5.01
CA LEU A 412 36.80 -5.38 6.22
C LEU A 412 37.19 -3.92 6.02
N LYS A 413 37.66 -3.55 4.83
CA LYS A 413 38.14 -2.19 4.56
C LYS A 413 37.02 -1.37 3.94
N VAL A 414 37.01 -0.07 4.25
CA VAL A 414 36.00 0.83 3.71
C VAL A 414 36.59 1.62 2.56
N PHE A 415 35.71 2.05 1.65
CA PHE A 415 36.11 2.77 0.46
C PHE A 415 35.07 3.83 0.12
N LYS A 416 35.50 4.85 -0.61
CA LYS A 416 34.63 5.93 -1.04
C LYS A 416 34.42 5.85 -2.54
N LEU A 417 33.16 6.02 -2.97
CA LEU A 417 32.82 5.97 -4.39
C LEU A 417 33.11 7.32 -5.02
N GLU A 418 34.03 7.34 -5.98
CA GLU A 418 34.34 8.58 -6.67
C GLU A 418 33.17 9.00 -7.56
N SER A 419 33.16 10.28 -7.94
CA SER A 419 32.10 10.79 -8.79
C SER A 419 32.14 10.15 -10.17
N SER A 420 33.31 9.69 -10.61
CA SER A 420 33.48 9.12 -11.94
C SER A 420 32.98 7.68 -12.04
N GLN A 421 32.66 7.03 -10.92
CA GLN A 421 32.14 5.67 -10.95
C GLN A 421 30.67 5.59 -10.51
N VAL A 422 29.99 6.72 -10.42
CA VAL A 422 28.57 6.76 -10.09
C VAL A 422 27.89 7.79 -10.98
N SER A 423 26.62 7.53 -11.29
CA SER A 423 25.80 8.46 -12.05
C SER A 423 24.35 8.21 -11.71
N TYR A 424 23.60 9.27 -11.42
CA TYR A 424 22.21 9.14 -10.97
C TYR A 424 21.52 10.48 -11.19
N LEU A 425 20.39 10.68 -10.50
CA LEU A 425 19.71 11.96 -10.56
C LEU A 425 20.40 12.97 -9.66
N VAL A 426 20.14 14.23 -9.94
CA VAL A 426 20.77 15.33 -9.21
C VAL A 426 19.91 16.57 -9.46
N PRO A 427 19.73 17.46 -8.49
CA PRO A 427 18.89 18.64 -8.71
C PRO A 427 19.53 19.59 -9.70
N GLU A 428 18.67 20.25 -10.49
CA GLU A 428 19.16 21.23 -11.45
C GLU A 428 19.88 22.36 -10.74
N LEU A 429 19.31 22.85 -9.64
CA LEU A 429 19.90 23.93 -8.84
C LEU A 429 20.10 23.41 -7.43
N PHE A 430 21.37 23.27 -7.04
CA PHE A 430 21.66 22.80 -5.68
C PHE A 430 21.30 23.84 -4.64
N GLU A 431 21.43 25.12 -4.96
CA GLU A 431 21.07 26.22 -4.07
C GLU A 431 20.13 27.16 -4.82
N GLU A 432 18.99 27.46 -4.21
CA GLU A 432 17.98 28.33 -4.80
C GLU A 432 17.67 29.46 -3.84
N LEU A 433 17.64 30.68 -4.37
CA LEU A 433 17.29 31.85 -3.56
C LEU A 433 16.17 32.59 -4.27
N ASN A 434 14.99 32.64 -3.64
CA ASN A 434 13.80 33.25 -4.22
C ASN A 434 13.31 34.38 -3.33
N ILE A 435 12.85 35.46 -3.95
CA ILE A 435 12.31 36.62 -3.26
C ILE A 435 10.80 36.60 -3.48
N ARG A 436 10.06 36.13 -2.49
CA ARG A 436 8.60 36.01 -2.57
C ARG A 436 7.97 37.16 -1.80
N ILE A 437 6.98 37.81 -2.43
CA ILE A 437 6.31 38.97 -1.86
C ILE A 437 4.85 38.61 -1.60
N PHE A 438 4.39 38.85 -0.39
CA PHE A 438 3.00 38.71 -0.01
C PHE A 438 2.46 40.05 0.47
N THR A 439 1.17 40.25 0.31
CA THR A 439 0.51 41.47 0.75
C THR A 439 -0.49 41.16 1.85
N ARG A 440 -0.51 42.01 2.88
CA ARG A 440 -1.52 41.87 3.93
C ARG A 440 -2.88 42.39 3.50
N ASN A 441 -2.94 43.14 2.41
CA ASN A 441 -4.17 43.71 1.88
C ASN A 441 -4.41 43.14 0.50
N ARG A 442 -5.49 42.39 0.34
CA ARG A 442 -5.84 41.78 -0.94
C ARG A 442 -6.60 42.74 -1.85
N ASP A 443 -6.79 43.99 -1.44
CA ASP A 443 -7.47 44.95 -2.31
C ASP A 443 -6.60 45.32 -3.50
N LYS A 444 -5.31 45.50 -3.28
CA LYS A 444 -4.37 45.82 -4.34
C LYS A 444 -3.27 44.76 -4.38
N ILE A 445 -2.94 44.29 -5.58
CA ILE A 445 -1.86 43.33 -5.78
C ILE A 445 -1.03 43.78 -6.98
N LYS A 446 -1.70 44.11 -8.08
CA LYS A 446 -0.99 44.51 -9.29
C LYS A 446 -0.12 45.74 -9.06
N GLN A 447 -0.51 46.60 -8.11
CA GLN A 447 0.33 47.75 -7.77
C GLN A 447 1.61 47.31 -7.09
N ILE A 448 1.50 46.45 -6.07
CA ILE A 448 2.68 45.97 -5.37
C ILE A 448 3.55 45.13 -6.31
N ARG A 449 2.91 44.36 -7.19
CA ARG A 449 3.65 43.56 -8.15
C ARG A 449 4.51 44.43 -9.06
N LYS A 450 3.98 45.59 -9.45
CA LYS A 450 4.75 46.50 -10.29
C LYS A 450 5.91 47.12 -9.52
N CYS A 451 5.70 47.45 -8.25
CA CYS A 451 6.77 48.01 -7.43
C CYS A 451 7.89 47.00 -7.23
N PHE A 452 7.56 45.71 -7.17
CA PHE A 452 8.59 44.68 -7.04
C PHE A 452 9.48 44.66 -8.28
N LYS A 453 8.89 44.72 -9.47
CA LYS A 453 9.67 44.65 -10.70
C LYS A 453 10.57 45.87 -10.86
N GLU A 454 10.05 47.05 -10.52
CA GLU A 454 10.88 48.26 -10.59
C GLU A 454 11.99 48.24 -9.54
N SER A 455 11.73 47.65 -8.37
CA SER A 455 12.78 47.52 -7.37
C SER A 455 13.85 46.51 -7.80
N LEU A 456 13.45 45.50 -8.59
CA LEU A 456 14.42 44.51 -9.07
C LEU A 456 15.38 45.13 -10.07
N THR A 457 14.88 46.02 -10.94
CA THR A 457 15.75 46.70 -11.89
C THR A 457 16.64 47.73 -11.22
N LYS A 458 16.26 48.23 -10.05
CA LYS A 458 17.08 49.19 -9.32
C LYS A 458 18.06 48.51 -8.36
N PHE A 459 17.70 47.33 -7.84
CA PHE A 459 18.61 46.58 -6.99
C PHE A 459 19.50 45.63 -7.79
N PHE A 460 18.97 45.03 -8.86
CA PHE A 460 19.74 44.19 -9.75
C PHE A 460 19.90 44.89 -11.10
N GLY A 461 21.02 44.63 -11.75
CA GLY A 461 21.32 45.27 -13.02
C GLY A 461 20.45 44.85 -14.19
N ILE A 462 19.53 43.91 -13.98
CA ILE A 462 18.70 43.45 -15.10
C ILE A 462 17.64 44.50 -15.43
N PRO A 463 17.35 44.75 -16.71
CA PRO A 463 16.30 45.72 -17.04
C PRO A 463 14.92 45.08 -17.08
N GLU A 464 14.86 43.82 -17.51
CA GLU A 464 13.61 43.07 -17.56
C GLU A 464 13.64 42.00 -16.46
N PRO A 465 12.67 41.98 -15.55
CA PRO A 465 12.73 41.08 -14.39
C PRO A 465 12.19 39.70 -14.76
N LYS A 466 13.01 38.67 -14.54
CA LYS A 466 12.64 37.28 -14.81
C LYS A 466 11.83 36.71 -13.64
N THR A 467 10.69 37.35 -13.39
CA THR A 467 9.80 36.91 -12.33
C THR A 467 8.97 35.72 -12.80
N TYR A 468 8.13 35.20 -11.91
CA TYR A 468 7.23 34.11 -12.23
C TYR A 468 5.87 34.59 -12.71
N TYR A 469 5.56 35.87 -12.54
CA TYR A 469 4.31 36.45 -13.02
C TYR A 469 4.54 37.38 -14.21
N THR A 470 5.55 37.05 -15.02
CA THR A 470 5.77 37.77 -16.27
C THR A 470 4.57 37.63 -17.19
N ARG A 471 4.14 36.41 -17.45
CA ARG A 471 2.95 36.14 -18.24
C ARG A 471 2.15 34.98 -17.66
N LYS B 31 -14.16 28.20 -11.43
CA LYS B 31 -13.21 28.59 -10.36
C LYS B 31 -13.27 27.52 -9.26
N SER B 32 -12.47 26.47 -9.40
CA SER B 32 -12.51 25.36 -8.41
C SER B 32 -11.20 25.29 -7.62
N LYS B 33 -11.17 24.44 -6.62
CA LYS B 33 -9.96 24.24 -5.82
C LYS B 33 -9.72 22.76 -5.61
N ARG B 34 -8.48 22.33 -5.79
CA ARG B 34 -8.10 20.93 -5.68
C ARG B 34 -7.33 20.74 -4.38
N ILE B 35 -7.86 19.89 -3.49
CA ILE B 35 -7.29 19.63 -2.17
C ILE B 35 -6.73 18.22 -2.16
N GLN B 36 -5.46 18.10 -1.79
CA GLN B 36 -4.78 16.81 -1.74
C GLN B 36 -5.09 16.11 -0.43
N ASP B 37 -5.48 14.82 -0.51
CA ASP B 37 -5.85 14.02 0.64
C ASP B 37 -5.25 12.63 0.51
N PRO B 38 -4.76 12.05 1.60
CA PRO B 38 -4.08 10.74 1.50
C PRO B 38 -5.00 9.58 1.13
N ILE B 39 -6.31 9.73 1.28
CA ILE B 39 -7.26 8.64 0.98
C ILE B 39 -7.82 8.77 -0.43
N HIS B 40 -8.33 9.94 -0.79
CA HIS B 40 -9.01 10.15 -2.07
C HIS B 40 -8.13 10.83 -3.11
N GLY B 41 -6.84 11.03 -2.81
CA GLY B 41 -6.00 11.74 -3.76
C GLY B 41 -6.42 13.19 -3.87
N LEU B 42 -6.39 13.71 -5.10
CA LEU B 42 -6.73 15.10 -5.34
C LEU B 42 -8.25 15.24 -5.34
N MET B 43 -8.80 15.92 -4.34
CA MET B 43 -10.24 16.17 -4.27
C MET B 43 -10.57 17.48 -4.95
N GLU B 44 -11.57 17.46 -5.84
CA GLU B 44 -11.98 18.66 -6.57
C GLU B 44 -13.18 19.29 -5.87
N PHE B 45 -13.05 20.56 -5.52
CA PHE B 45 -14.09 21.31 -4.82
C PHE B 45 -14.36 22.61 -5.56
N ASP B 46 -15.60 22.84 -5.94
CA ASP B 46 -15.99 24.08 -6.59
C ASP B 46 -16.27 25.16 -5.55
N ASN B 47 -16.27 26.42 -6.00
CA ASN B 47 -16.38 27.56 -5.05
C ASN B 47 -17.74 27.62 -4.33
N TRP B 48 -18.79 27.05 -4.90
CA TRP B 48 -20.08 27.18 -4.22
C TRP B 48 -20.06 26.49 -2.86
N ILE B 49 -19.27 25.43 -2.70
CA ILE B 49 -19.08 24.82 -1.38
C ILE B 49 -17.80 25.29 -0.70
N VAL B 50 -16.81 25.75 -1.45
CA VAL B 50 -15.59 26.31 -0.84
C VAL B 50 -15.95 27.44 0.12
N LYS B 51 -16.87 28.31 -0.29
CA LYS B 51 -17.32 29.37 0.60
C LYS B 51 -17.96 28.81 1.86
N PHE B 52 -18.61 27.64 1.75
CA PHE B 52 -19.13 27.00 2.96
C PHE B 52 -18.00 26.40 3.79
N ILE B 53 -16.96 25.91 3.13
CA ILE B 53 -15.79 25.30 3.85
C ILE B 53 -15.01 26.42 4.56
N ASP B 54 -15.03 27.64 3.99
CA ASP B 54 -14.22 28.75 4.57
C ASP B 54 -15.02 29.49 5.65
N THR B 55 -15.92 28.78 6.34
CA THR B 55 -16.68 29.41 7.45
C THR B 55 -16.09 28.93 8.77
N GLU B 56 -15.95 29.85 9.74
CA GLU B 56 -15.41 29.47 11.04
C GLU B 56 -16.21 28.35 11.68
N HIS B 57 -17.45 28.12 11.24
CA HIS B 57 -18.21 26.99 11.74
C HIS B 57 -17.61 25.67 11.28
N PHE B 58 -17.19 25.59 10.01
CA PHE B 58 -16.58 24.36 9.50
C PHE B 58 -15.15 24.19 10.01
N GLN B 59 -14.37 25.27 9.99
CA GLN B 59 -12.98 25.21 10.45
C GLN B 59 -12.87 24.82 11.92
N ARG B 60 -13.98 24.86 12.68
CA ARG B 60 -13.96 24.38 14.06
C ARG B 60 -13.66 22.88 14.11
N LEU B 61 -14.04 22.14 13.08
CA LEU B 61 -13.80 20.70 13.07
C LEU B 61 -12.32 20.34 13.01
N ARG B 62 -11.44 21.31 12.73
CA ARG B 62 -10.01 21.06 12.79
C ARG B 62 -9.52 20.76 14.19
N SER B 63 -10.27 21.15 15.23
CA SER B 63 -9.87 20.98 16.62
C SER B 63 -10.66 19.89 17.34
N ILE B 64 -11.23 18.95 16.59
CA ILE B 64 -12.01 17.85 17.17
C ILE B 64 -11.53 16.56 16.52
N LYS B 65 -10.86 15.71 17.30
CA LYS B 65 -10.34 14.47 16.77
C LYS B 65 -11.47 13.55 16.35
N GLN B 66 -11.25 12.82 15.25
CA GLN B 66 -12.27 11.92 14.74
C GLN B 66 -12.52 10.77 15.70
N LEU B 67 -11.45 10.24 16.31
CA LEU B 67 -11.53 9.08 17.18
C LEU B 67 -11.40 9.46 18.66
N GLY B 68 -11.61 10.73 19.00
CA GLY B 68 -11.62 11.16 20.39
C GLY B 68 -10.33 10.89 21.14
N THR B 69 -10.38 9.96 22.08
CA THR B 69 -9.23 9.62 22.90
C THR B 69 -8.40 8.47 22.33
N THR B 70 -8.78 7.93 21.16
CA THR B 70 -8.01 6.83 20.58
C THR B 70 -6.57 7.24 20.28
N TYR B 71 -6.33 8.53 20.05
CA TYR B 71 -4.99 9.03 19.83
C TYR B 71 -4.05 8.70 21.00
N TYR B 72 -4.61 8.56 22.20
CA TYR B 72 -3.79 8.28 23.37
C TYR B 72 -3.32 6.84 23.45
N VAL B 73 -3.94 5.94 22.69
CA VAL B 73 -3.48 4.56 22.55
C VAL B 73 -2.90 4.30 21.18
N TYR B 74 -3.50 4.88 20.13
CA TYR B 74 -2.98 4.74 18.77
C TYR B 74 -2.46 6.07 18.28
N PRO B 75 -1.15 6.35 18.40
CA PRO B 75 -0.64 7.67 18.04
C PRO B 75 -0.83 8.03 16.57
N GLY B 76 -1.11 7.05 15.72
CA GLY B 76 -1.39 7.36 14.33
C GLY B 76 -2.75 7.99 14.11
N ALA B 77 -3.69 7.78 15.03
CA ALA B 77 -5.05 8.30 14.90
C ALA B 77 -5.10 9.79 15.27
N SER B 78 -4.28 10.57 14.56
CA SER B 78 -4.18 12.00 14.78
C SER B 78 -5.21 12.82 14.01
N HIS B 79 -5.97 12.19 13.11
CA HIS B 79 -6.87 12.92 12.22
C HIS B 79 -8.06 13.50 12.99
N ASN B 80 -8.64 14.54 12.41
CA ASN B 80 -9.76 15.26 12.99
C ASN B 80 -10.98 15.17 12.08
N ARG B 81 -12.12 15.67 12.57
CA ARG B 81 -13.35 15.58 11.80
C ARG B 81 -13.33 16.44 10.54
N PHE B 82 -12.50 17.50 10.52
CA PHE B 82 -12.45 18.39 9.37
C PHE B 82 -12.09 17.64 8.09
N GLU B 83 -10.98 16.89 8.11
CA GLU B 83 -10.57 16.17 6.91
C GLU B 83 -11.56 15.08 6.53
N HIS B 84 -12.16 14.42 7.54
CA HIS B 84 -13.18 13.41 7.25
C HIS B 84 -14.36 14.01 6.49
N CYS B 85 -14.83 15.17 6.92
CA CYS B 85 -15.99 15.80 6.28
C CYS B 85 -15.67 16.29 4.88
N LEU B 86 -14.42 16.67 4.63
CA LEU B 86 -14.03 16.98 3.25
C LEU B 86 -14.14 15.75 2.36
N GLY B 87 -13.76 14.58 2.88
CA GLY B 87 -13.88 13.36 2.10
C GLY B 87 -15.32 12.97 1.83
N VAL B 88 -16.18 13.10 2.84
CA VAL B 88 -17.59 12.75 2.65
C VAL B 88 -18.23 13.67 1.62
N ALA B 89 -17.94 14.97 1.71
CA ALA B 89 -18.46 15.92 0.73
C ALA B 89 -17.95 15.59 -0.68
N TYR B 90 -16.70 15.18 -0.78
CA TYR B 90 -16.15 14.81 -2.08
C TYR B 90 -16.85 13.56 -2.64
N LEU B 91 -17.11 12.57 -1.79
CA LEU B 91 -17.74 11.34 -2.26
C LEU B 91 -19.20 11.58 -2.63
N ALA B 92 -19.92 12.36 -1.83
CA ALA B 92 -21.33 12.62 -2.12
C ALA B 92 -21.49 13.37 -3.44
N HIS B 93 -20.61 14.33 -3.70
CA HIS B 93 -20.73 15.11 -4.93
C HIS B 93 -20.43 14.26 -6.16
N SER B 94 -19.39 13.43 -6.11
CA SER B 94 -19.02 12.62 -7.26
C SER B 94 -20.05 11.53 -7.53
N LEU B 95 -20.57 10.90 -6.47
CA LEU B 95 -21.56 9.84 -6.67
C LEU B 95 -22.84 10.39 -7.28
N VAL B 96 -23.33 11.53 -6.77
CA VAL B 96 -24.57 12.11 -7.30
C VAL B 96 -24.33 12.70 -8.68
N LYS B 97 -23.13 13.23 -8.94
CA LYS B 97 -22.83 13.72 -10.28
C LYS B 97 -22.87 12.60 -11.31
N ARG B 98 -22.36 11.42 -10.96
CA ARG B 98 -22.43 10.29 -11.88
C ARG B 98 -23.88 9.86 -12.10
N ILE B 99 -24.69 9.86 -11.04
CA ILE B 99 -26.11 9.53 -11.19
C ILE B 99 -26.80 10.50 -12.13
N ARG B 100 -26.44 11.79 -12.04
CA ARG B 100 -27.05 12.78 -12.93
C ARG B 100 -26.59 12.61 -14.38
N GLU B 101 -25.36 12.16 -14.59
CA GLU B 101 -24.82 12.03 -15.93
C GLU B 101 -25.11 10.69 -16.58
N THR B 102 -25.58 9.71 -15.82
CA THR B 102 -25.90 8.40 -16.36
C THR B 102 -27.39 8.08 -16.39
N GLN B 103 -28.20 8.74 -15.55
CA GLN B 103 -29.64 8.52 -15.49
C GLN B 103 -30.32 9.88 -15.61
N HIS B 104 -30.43 10.38 -16.84
CA HIS B 104 -31.03 11.69 -17.08
C HIS B 104 -32.53 11.70 -16.83
N ASP B 105 -33.17 10.53 -16.76
CA ASP B 105 -34.61 10.45 -16.60
C ASP B 105 -35.05 10.60 -15.14
N LEU B 106 -34.12 10.68 -14.20
CA LEU B 106 -34.47 10.78 -12.79
C LEU B 106 -34.95 12.17 -12.38
N GLY B 107 -34.74 13.19 -13.22
CA GLY B 107 -35.14 14.53 -12.86
C GLY B 107 -34.31 15.15 -11.76
N CYS B 108 -33.09 14.66 -11.54
CA CYS B 108 -32.21 15.22 -10.52
C CYS B 108 -31.62 16.53 -11.03
N SER B 109 -31.84 17.61 -10.30
CA SER B 109 -31.40 18.94 -10.72
C SER B 109 -30.02 19.26 -10.16
N ASP B 110 -29.47 20.39 -10.61
CA ASP B 110 -28.23 20.88 -10.02
C ASP B 110 -28.44 21.36 -8.60
N LYS B 111 -29.65 21.82 -8.27
CA LYS B 111 -29.95 22.17 -6.88
C LYS B 111 -29.94 20.94 -5.99
N ASP B 112 -30.43 19.81 -6.50
CA ASP B 112 -30.38 18.57 -5.74
C ASP B 112 -28.94 18.13 -5.51
N LEU B 113 -28.06 18.38 -6.47
CA LEU B 113 -26.64 18.12 -6.27
C LEU B 113 -26.09 18.98 -5.13
N LYS B 114 -26.51 20.24 -5.08
CA LYS B 114 -26.03 21.14 -4.03
C LYS B 114 -26.47 20.66 -2.65
N CYS B 115 -27.75 20.30 -2.52
CA CYS B 115 -28.30 19.98 -1.21
C CYS B 115 -27.64 18.74 -0.62
N VAL B 116 -27.44 17.70 -1.42
CA VAL B 116 -26.83 16.48 -0.90
C VAL B 116 -25.35 16.72 -0.61
N THR B 117 -24.68 17.57 -1.39
CA THR B 117 -23.28 17.88 -1.11
C THR B 117 -23.15 18.65 0.21
N LEU B 118 -24.00 19.66 0.40
CA LEU B 118 -23.99 20.40 1.66
C LEU B 118 -24.34 19.50 2.84
N ALA B 119 -25.26 18.56 2.64
CA ALA B 119 -25.62 17.64 3.71
C ALA B 119 -24.42 16.81 4.14
N ALA B 120 -23.61 16.36 3.17
CA ALA B 120 -22.42 15.60 3.48
C ALA B 120 -21.40 16.43 4.24
N LEU B 121 -21.15 17.66 3.76
CA LEU B 121 -20.15 18.52 4.37
C LEU B 121 -20.47 18.83 5.83
N CYS B 122 -21.75 19.06 6.13
CA CYS B 122 -22.16 19.55 7.45
C CYS B 122 -22.78 18.46 8.32
N HIS B 123 -22.65 17.18 7.95
CA HIS B 123 -23.28 16.13 8.74
C HIS B 123 -22.65 15.99 10.11
N ASP B 124 -21.38 16.37 10.26
CA ASP B 124 -20.68 16.27 11.54
C ASP B 124 -20.41 17.65 12.15
N LEU B 125 -21.14 18.67 11.71
CA LEU B 125 -20.88 20.02 12.20
C LEU B 125 -21.16 20.13 13.70
N GLY B 126 -22.15 19.40 14.21
CA GLY B 126 -22.53 19.52 15.59
C GLY B 126 -21.75 18.69 16.58
N HIS B 127 -20.71 18.00 16.14
CA HIS B 127 -19.92 17.19 17.06
C HIS B 127 -19.19 18.07 18.06
N GLY B 128 -19.11 17.59 19.29
CA GLY B 128 -18.45 18.33 20.36
C GLY B 128 -17.04 17.84 20.61
N PRO B 129 -16.44 18.30 21.71
CA PRO B 129 -15.07 17.88 22.02
C PRO B 129 -14.97 16.37 22.24
N PHE B 130 -13.91 15.77 21.73
CA PHE B 130 -13.71 14.29 21.86
C PHE B 130 -14.85 13.58 21.13
N SER B 131 -15.50 14.27 20.21
CA SER B 131 -16.58 13.69 19.38
C SER B 131 -17.73 13.12 20.24
N HIS B 132 -17.99 11.82 20.16
CA HIS B 132 -19.16 11.22 20.87
C HIS B 132 -19.04 11.31 22.39
N LEU B 133 -17.82 11.51 22.90
CA LEU B 133 -17.68 11.68 24.35
C LEU B 133 -18.57 12.79 24.88
N PHE B 134 -18.79 13.85 24.09
CA PHE B 134 -19.59 14.97 24.55
C PHE B 134 -21.06 14.59 24.70
N GLU B 135 -21.53 13.64 23.90
CA GLU B 135 -22.93 13.25 23.96
C GLU B 135 -23.27 12.57 25.29
N VAL B 136 -22.32 11.81 25.83
CA VAL B 136 -22.54 11.19 27.13
C VAL B 136 -22.22 12.14 28.28
N PHE B 137 -21.45 13.20 28.01
CA PHE B 137 -21.22 14.22 29.04
C PHE B 137 -22.50 14.99 29.34
N ILE B 138 -23.19 15.44 28.29
CA ILE B 138 -24.47 16.10 28.47
C ILE B 138 -25.52 15.13 28.97
N LYS B 139 -25.36 13.84 28.68
CA LYS B 139 -26.29 12.84 29.19
C LYS B 139 -26.34 12.85 30.71
N MET B 140 -25.20 13.02 31.37
CA MET B 140 -25.18 13.08 32.83
C MET B 140 -25.62 14.45 33.33
N ARG B 141 -25.03 15.52 32.79
CA ARG B 141 -25.29 16.85 33.32
C ARG B 141 -26.73 17.28 33.07
N ARG B 142 -27.22 17.09 31.85
CA ARG B 142 -28.59 17.45 31.47
C ARG B 142 -29.28 16.24 30.88
N PRO B 143 -29.71 15.28 31.71
CA PRO B 143 -30.38 14.10 31.14
C PRO B 143 -31.71 14.43 30.50
N ASP B 144 -32.40 15.47 30.99
CA ASP B 144 -33.68 15.84 30.38
C ASP B 144 -33.50 16.53 29.04
N ARG B 145 -32.28 16.99 28.73
CA ARG B 145 -32.06 17.68 27.47
C ARG B 145 -32.12 16.72 26.28
N LYS B 146 -31.64 15.48 26.46
CA LYS B 146 -31.61 14.48 25.40
C LYS B 146 -30.89 15.02 24.16
N TRP B 147 -29.78 15.71 24.38
CA TRP B 147 -29.05 16.36 23.31
C TRP B 147 -28.27 15.34 22.49
N THR B 148 -28.26 15.52 21.18
CA THR B 148 -27.48 14.72 20.26
C THR B 148 -26.73 15.64 19.30
N HIS B 149 -25.62 15.15 18.77
CA HIS B 149 -24.83 15.97 17.85
C HIS B 149 -25.51 16.16 16.51
N GLU B 150 -26.50 15.33 16.18
CA GLU B 150 -27.32 15.60 15.00
C GLU B 150 -28.11 16.89 15.18
N GLU B 151 -28.59 17.15 16.40
CA GLU B 151 -29.32 18.38 16.66
C GLU B 151 -28.40 19.59 16.63
N ALA B 152 -27.19 19.45 17.18
CA ALA B 152 -26.23 20.55 17.12
C ALA B 152 -25.78 20.83 15.69
N SER B 153 -25.76 19.80 14.85
CA SER B 153 -25.46 20.01 13.43
C SER B 153 -26.53 20.88 12.78
N ILE B 154 -27.79 20.69 13.18
CA ILE B 154 -28.86 21.56 12.71
C ILE B 154 -28.63 22.99 13.19
N MET B 155 -28.36 23.13 14.49
CA MET B 155 -28.14 24.45 15.07
C MET B 155 -26.93 25.13 14.47
N MET B 156 -25.84 24.37 14.28
CA MET B 156 -24.64 24.95 13.69
C MET B 156 -24.86 25.32 12.23
N PHE B 157 -25.58 24.47 11.48
CA PHE B 157 -25.88 24.78 10.10
C PHE B 157 -26.74 26.03 9.98
N ASP B 158 -27.70 26.19 10.90
CA ASP B 158 -28.55 27.38 10.90
C ASP B 158 -27.72 28.64 11.14
N ASP B 159 -26.87 28.62 12.17
CA ASP B 159 -26.04 29.78 12.44
C ASP B 159 -25.07 30.07 11.31
N LEU B 160 -24.61 29.02 10.61
CA LEU B 160 -23.72 29.22 9.47
C LEU B 160 -24.39 30.08 8.40
N LEU B 161 -25.63 29.75 8.06
CA LEU B 161 -26.35 30.53 7.06
C LEU B 161 -26.73 31.90 7.59
N LYS B 162 -26.90 32.03 8.91
CA LYS B 162 -27.28 33.32 9.49
C LYS B 162 -26.15 34.33 9.36
N GLU B 163 -24.92 33.92 9.69
CA GLU B 163 -23.77 34.81 9.63
C GLU B 163 -23.09 34.82 8.28
N HIS B 164 -23.50 33.96 7.35
CA HIS B 164 -22.93 33.91 6.01
C HIS B 164 -24.05 33.80 4.97
N LYS B 165 -25.06 34.66 5.12
CA LYS B 165 -26.19 34.63 4.20
C LYS B 165 -25.80 35.02 2.79
N GLU B 166 -24.67 35.70 2.61
CA GLU B 166 -24.20 36.09 1.29
C GLU B 166 -23.83 34.90 0.42
N ILE B 167 -23.53 33.75 1.02
CA ILE B 167 -23.15 32.56 0.28
C ILE B 167 -24.30 31.58 0.09
N ALA B 168 -25.49 31.91 0.61
CA ALA B 168 -26.67 31.06 0.51
C ALA B 168 -27.83 31.82 -0.12
N TYR B 169 -27.54 32.61 -1.15
CA TYR B 169 -28.58 33.41 -1.79
C TYR B 169 -29.47 32.57 -2.70
N ASP B 170 -28.94 31.53 -3.33
CA ASP B 170 -29.71 30.70 -4.25
C ASP B 170 -30.45 29.56 -3.56
N LEU B 171 -30.31 29.42 -2.24
CA LEU B 171 -30.98 28.37 -1.49
C LEU B 171 -32.20 28.96 -0.80
N ASP B 172 -33.37 28.35 -1.05
CA ASP B 172 -34.58 28.74 -0.35
C ASP B 172 -34.73 27.89 0.91
N ASP B 173 -35.85 28.07 1.63
CA ASP B 173 -36.09 27.27 2.82
C ASP B 173 -36.43 25.83 2.47
N GLU B 174 -37.02 25.60 1.30
CA GLU B 174 -37.28 24.24 0.85
C GLU B 174 -35.98 23.48 0.62
N ASP B 175 -35.03 24.11 -0.09
CA ASP B 175 -33.70 23.51 -0.22
C ASP B 175 -33.02 23.40 1.13
N LYS B 176 -33.20 24.40 1.99
CA LYS B 176 -32.61 24.36 3.32
C LYS B 176 -33.18 23.20 4.14
N LEU B 177 -34.51 23.06 4.13
CA LEU B 177 -35.14 21.96 4.88
C LEU B 177 -34.77 20.60 4.28
N PHE B 178 -34.49 20.56 2.98
CA PHE B 178 -34.03 19.31 2.37
C PHE B 178 -32.68 18.90 2.91
N ILE B 179 -31.78 19.87 3.11
CA ILE B 179 -30.45 19.56 3.65
C ILE B 179 -30.56 19.06 5.09
N LYS B 180 -31.44 19.68 5.89
CA LYS B 180 -31.64 19.23 7.25
C LYS B 180 -32.10 17.78 7.29
N ASP B 181 -33.05 17.42 6.42
CA ASP B 181 -33.58 16.06 6.40
C ASP B 181 -32.52 15.06 5.94
N LEU B 182 -31.68 15.46 4.99
CA LEU B 182 -30.63 14.56 4.51
C LEU B 182 -29.58 14.31 5.59
N ILE B 183 -29.28 15.33 6.39
CA ILE B 183 -28.30 15.17 7.47
C ILE B 183 -28.83 14.19 8.51
N THR B 184 -30.08 14.40 8.95
CA THR B 184 -30.68 13.51 9.94
C THR B 184 -31.01 12.14 9.37
N GLY B 185 -31.19 12.04 8.05
CA GLY B 185 -31.61 10.79 7.45
C GLY B 185 -33.09 10.51 7.68
N LYS B 186 -33.74 9.91 6.69
CA LYS B 186 -35.15 9.58 6.80
C LYS B 186 -35.37 8.14 6.35
N LYS B 187 -36.34 7.48 6.99
CA LYS B 187 -36.69 6.12 6.64
C LYS B 187 -37.35 6.09 5.25
N PRO B 188 -37.29 4.95 4.56
CA PRO B 188 -37.84 4.89 3.18
C PRO B 188 -39.29 5.32 3.07
N GLU B 189 -40.10 5.09 4.11
CA GLU B 189 -41.50 5.48 4.05
C GLU B 189 -41.66 7.00 4.12
N ASP B 190 -40.88 7.65 4.98
CA ASP B 190 -40.96 9.11 5.16
C ASP B 190 -39.91 9.81 4.31
N THR B 191 -40.01 9.64 3.00
CA THR B 191 -39.06 10.21 2.06
C THR B 191 -39.65 11.28 1.16
N GLY B 192 -40.95 11.26 0.91
CA GLY B 192 -41.53 12.25 0.04
C GLY B 192 -41.21 11.97 -1.41
N ASN B 193 -41.40 13.01 -2.23
CA ASN B 193 -41.11 12.95 -3.66
C ASN B 193 -39.93 13.82 -4.05
N ARG B 194 -39.22 14.41 -3.07
CA ARG B 194 -38.05 15.23 -3.35
C ARG B 194 -36.83 14.32 -3.41
N SER B 195 -36.71 13.60 -4.53
CA SER B 195 -35.62 12.67 -4.81
C SER B 195 -35.37 11.73 -3.63
N PRO B 196 -36.27 10.77 -3.36
CA PRO B 196 -36.05 9.88 -2.21
C PRO B 196 -34.74 9.12 -2.27
N TYR B 197 -34.20 8.87 -3.45
CA TYR B 197 -32.96 8.10 -3.55
C TYR B 197 -31.79 8.83 -2.90
N LEU B 198 -31.80 10.17 -2.94
CA LEU B 198 -30.70 10.95 -2.37
C LEU B 198 -30.53 10.71 -0.88
N PHE B 199 -31.58 10.28 -0.18
CA PHE B 199 -31.47 10.04 1.25
C PHE B 199 -30.53 8.89 1.58
N ASP B 200 -30.18 8.06 0.59
CA ASP B 200 -29.25 6.97 0.81
C ASP B 200 -27.79 7.41 0.72
N VAL B 201 -27.52 8.68 0.42
CA VAL B 201 -26.16 9.10 0.10
C VAL B 201 -25.36 9.37 1.38
N VAL B 202 -25.81 10.31 2.20
CA VAL B 202 -24.99 10.73 3.33
C VAL B 202 -25.43 10.03 4.62
N ALA B 203 -26.73 9.76 4.77
CA ALA B 203 -27.26 9.20 6.01
C ALA B 203 -28.31 8.14 5.62
N ASN B 204 -27.83 6.91 5.44
CA ASN B 204 -28.67 5.81 4.97
C ASN B 204 -29.35 5.16 6.18
N LYS B 205 -30.67 5.34 6.29
CA LYS B 205 -31.45 4.70 7.33
C LYS B 205 -32.02 3.36 6.88
N ARG B 206 -31.72 2.91 5.66
CA ARG B 206 -32.26 1.67 5.13
C ARG B 206 -31.17 0.62 4.90
N ASN B 207 -30.08 0.98 4.23
CA ASN B 207 -28.98 0.06 3.98
C ASN B 207 -27.83 0.21 4.97
N SER B 208 -27.65 1.39 5.54
CA SER B 208 -26.44 1.82 6.24
C SER B 208 -25.25 1.95 5.29
N ILE B 209 -25.50 1.97 3.98
CA ILE B 209 -24.45 2.10 2.98
C ILE B 209 -24.47 3.56 2.55
N ASP B 210 -23.68 4.39 3.23
CA ASP B 210 -23.53 5.81 2.89
C ASP B 210 -22.06 6.14 2.72
N VAL B 211 -21.80 7.26 2.02
CA VAL B 211 -20.43 7.63 1.71
C VAL B 211 -19.70 8.14 2.96
N ASP B 212 -20.44 8.47 4.01
CA ASP B 212 -19.81 8.76 5.29
C ASP B 212 -19.06 7.54 5.80
N LYS B 213 -19.74 6.38 5.83
CA LYS B 213 -19.07 5.14 6.19
C LYS B 213 -17.94 4.83 5.22
N PHE B 214 -18.11 5.14 3.93
CA PHE B 214 -17.06 4.93 2.95
C PHE B 214 -15.77 5.64 3.37
N ASP B 215 -15.89 6.89 3.82
CA ASP B 215 -14.70 7.67 4.11
C ASP B 215 -14.03 7.23 5.41
N TYR B 216 -14.77 7.28 6.52
CA TYR B 216 -14.10 7.12 7.81
C TYR B 216 -13.58 5.70 8.01
N LEU B 217 -14.22 4.71 7.39
CA LEU B 217 -13.69 3.35 7.47
C LEU B 217 -12.34 3.26 6.79
N ALA B 218 -12.23 3.85 5.60
CA ALA B 218 -10.93 3.90 4.91
C ALA B 218 -9.97 4.84 5.63
N ARG B 219 -10.49 5.95 6.17
CA ARG B 219 -9.62 6.91 6.85
C ARG B 219 -9.09 6.32 8.16
N ASP B 220 -9.98 5.74 8.98
CA ASP B 220 -9.53 5.20 10.26
C ASP B 220 -8.55 4.04 10.06
N CYS B 221 -8.80 3.16 9.09
CA CYS B 221 -7.86 2.08 8.81
C CYS B 221 -6.49 2.63 8.44
N TYR B 222 -6.46 3.62 7.54
CA TYR B 222 -5.21 4.20 7.09
C TYR B 222 -4.45 4.85 8.24
N TYR B 223 -5.16 5.55 9.13
CA TYR B 223 -4.48 6.29 10.20
C TYR B 223 -4.17 5.42 11.41
N LEU B 224 -5.05 4.48 11.75
CA LEU B 224 -4.75 3.56 12.85
C LEU B 224 -3.64 2.59 12.48
N GLY B 225 -3.48 2.31 11.20
CA GLY B 225 -2.52 1.32 10.76
C GLY B 225 -3.06 -0.09 10.70
N MET B 226 -4.36 -0.25 10.45
CA MET B 226 -5.00 -1.55 10.36
C MET B 226 -5.52 -1.77 8.95
N LYS B 227 -5.60 -3.04 8.56
CA LYS B 227 -6.03 -3.38 7.21
C LYS B 227 -7.55 -3.41 7.11
N SER B 228 -8.04 -3.23 5.89
CA SER B 228 -9.47 -3.29 5.59
C SER B 228 -9.71 -4.26 4.43
N VAL B 229 -10.84 -4.97 4.48
CA VAL B 229 -11.27 -5.84 3.39
C VAL B 229 -12.28 -5.17 2.48
N PHE B 230 -12.62 -3.91 2.74
CA PHE B 230 -13.65 -3.19 2.02
C PHE B 230 -13.04 -2.35 0.90
N ASP B 231 -13.79 -2.16 -0.18
CA ASP B 231 -13.36 -1.40 -1.35
C ASP B 231 -14.48 -0.43 -1.72
N PHE B 232 -14.41 0.80 -1.20
CA PHE B 232 -15.53 1.72 -1.39
C PHE B 232 -15.61 2.25 -2.82
N SER B 233 -14.48 2.28 -3.54
CA SER B 233 -14.50 2.75 -4.92
C SER B 233 -15.37 1.85 -5.80
N ARG B 234 -15.39 0.54 -5.53
CA ARG B 234 -16.25 -0.35 -6.29
C ARG B 234 -17.71 -0.08 -6.00
N LEU B 235 -18.05 0.20 -4.74
CA LEU B 235 -19.43 0.53 -4.42
C LEU B 235 -19.84 1.87 -5.02
N MET B 236 -18.90 2.79 -5.19
CA MET B 236 -19.22 4.09 -5.79
C MET B 236 -19.49 3.95 -7.28
N ASN B 237 -18.74 3.09 -7.96
CA ASN B 237 -18.78 3.01 -9.41
C ASN B 237 -19.75 1.97 -9.96
N TYR B 238 -20.29 1.10 -9.10
CA TYR B 238 -21.15 0.01 -9.57
C TYR B 238 -22.47 0.01 -8.78
N SER B 239 -23.19 1.12 -8.90
CA SER B 239 -24.51 1.25 -8.32
C SER B 239 -25.40 2.01 -9.28
N ARG B 240 -26.71 1.81 -9.15
CA ARG B 240 -27.68 2.52 -9.98
C ARG B 240 -28.91 2.82 -9.13
N VAL B 241 -29.71 3.77 -9.59
CA VAL B 241 -30.89 4.23 -8.87
C VAL B 241 -32.11 3.50 -9.41
N SER B 242 -32.82 2.80 -8.52
CA SER B 242 -34.04 2.11 -8.88
C SER B 242 -34.87 1.94 -7.61
N ASP B 243 -36.19 1.88 -7.80
CA ASP B 243 -37.13 1.71 -6.69
C ASP B 243 -36.97 2.82 -5.66
N ASP B 244 -36.67 4.02 -6.14
CA ASP B 244 -36.48 5.20 -5.28
C ASP B 244 -35.41 4.98 -4.23
N GLN B 245 -34.38 4.20 -4.55
CA GLN B 245 -33.29 3.93 -3.62
C GLN B 245 -32.02 3.75 -4.43
N ILE B 246 -30.94 3.37 -3.74
CA ILE B 246 -29.66 3.08 -4.37
C ILE B 246 -29.47 1.57 -4.35
N THR B 247 -29.49 0.97 -5.53
CA THR B 247 -29.28 -0.46 -5.70
C THR B 247 -27.85 -0.72 -6.15
N TYR B 248 -27.39 -1.96 -5.95
CA TYR B 248 -26.00 -2.31 -6.20
C TYR B 248 -25.90 -3.54 -7.08
N ASP B 249 -24.79 -3.60 -7.83
CA ASP B 249 -24.51 -4.74 -8.69
C ASP B 249 -24.41 -6.02 -7.85
N PHE B 250 -24.80 -7.13 -8.47
CA PHE B 250 -24.75 -8.42 -7.76
C PHE B 250 -23.32 -8.80 -7.41
N LYS B 251 -22.34 -8.37 -8.22
CA LYS B 251 -20.95 -8.68 -7.94
C LYS B 251 -20.43 -7.98 -6.70
N GLU B 252 -21.13 -6.95 -6.21
CA GLU B 252 -20.71 -6.21 -5.03
C GLU B 252 -21.32 -6.74 -3.74
N SER B 253 -22.02 -7.89 -3.81
CA SER B 253 -22.66 -8.43 -2.62
C SER B 253 -21.63 -8.78 -1.55
N TYR B 254 -20.54 -9.44 -1.95
CA TYR B 254 -19.48 -9.75 -0.99
C TYR B 254 -18.83 -8.48 -0.46
N ASN B 255 -18.63 -7.49 -1.33
CA ASN B 255 -18.04 -6.22 -0.91
C ASN B 255 -18.91 -5.54 0.14
N ILE B 256 -20.23 -5.61 -0.01
CA ILE B 256 -21.13 -5.01 0.98
C ILE B 256 -20.93 -5.67 2.33
N TYR B 257 -20.78 -7.00 2.35
CA TYR B 257 -20.46 -7.70 3.58
C TYR B 257 -19.17 -7.16 4.20
N GLU B 258 -18.16 -6.89 3.38
CA GLU B 258 -16.88 -6.44 3.90
C GLU B 258 -16.91 -5.00 4.40
N LEU B 259 -17.92 -4.23 4.02
CA LEU B 259 -18.12 -2.92 4.64
C LEU B 259 -18.34 -3.07 6.13
N PHE B 260 -19.25 -3.96 6.52
CA PHE B 260 -19.55 -4.16 7.93
C PHE B 260 -18.50 -5.04 8.60
N HIS B 261 -17.88 -5.94 7.84
CA HIS B 261 -16.72 -6.67 8.37
C HIS B 261 -15.66 -5.72 8.86
N THR B 262 -15.27 -4.74 8.02
CA THR B 262 -14.24 -3.78 8.39
C THR B 262 -14.66 -2.97 9.61
N ARG B 263 -15.89 -2.48 9.62
CA ARG B 263 -16.36 -1.71 10.77
C ARG B 263 -16.37 -2.56 12.04
N TYR B 264 -16.81 -3.81 11.93
CA TYR B 264 -16.83 -4.72 13.07
C TYR B 264 -15.42 -4.93 13.62
N SER B 265 -14.46 -5.21 12.74
CA SER B 265 -13.09 -5.44 13.18
C SER B 265 -12.50 -4.19 13.81
N LEU B 266 -12.83 -3.01 13.27
CA LEU B 266 -12.34 -1.76 13.84
C LEU B 266 -12.89 -1.53 15.25
N HIS B 267 -14.17 -1.85 15.46
CA HIS B 267 -14.74 -1.77 16.80
C HIS B 267 -14.06 -2.75 17.75
N LYS B 268 -13.80 -3.96 17.28
CA LYS B 268 -13.22 -4.99 18.12
C LYS B 268 -11.75 -4.74 18.43
N LYS B 269 -11.08 -3.86 17.68
CA LYS B 269 -9.65 -3.64 17.85
C LYS B 269 -9.27 -2.22 18.27
N ALA B 270 -10.03 -1.20 17.84
CA ALA B 270 -9.62 0.18 18.07
C ALA B 270 -10.71 1.03 18.71
N TYR B 271 -11.91 1.02 18.14
CA TYR B 271 -12.97 1.92 18.60
C TYR B 271 -13.29 1.71 20.07
N ASN B 272 -13.34 0.46 20.52
CA ASN B 272 -13.77 0.12 21.87
C ASN B 272 -12.61 -0.33 22.75
N HIS B 273 -11.41 0.18 22.49
CA HIS B 273 -10.24 -0.18 23.29
C HIS B 273 -10.48 0.13 24.77
N ARG B 274 -10.07 -0.80 25.63
CA ARG B 274 -10.35 -0.69 27.06
C ARG B 274 -9.68 0.55 27.66
N VAL B 275 -8.40 0.75 27.37
CA VAL B 275 -7.71 1.93 27.87
C VAL B 275 -8.31 3.20 27.28
N GLY B 276 -8.86 3.10 26.07
CA GLY B 276 -9.55 4.25 25.49
C GLY B 276 -10.75 4.67 26.31
N LYS B 277 -11.55 3.69 26.78
CA LYS B 277 -12.68 4.02 27.65
C LYS B 277 -12.22 4.41 29.04
N ALA B 278 -11.10 3.85 29.51
CA ALA B 278 -10.54 4.27 30.78
C ALA B 278 -10.15 5.74 30.73
N ILE B 279 -9.41 6.13 29.70
CA ILE B 279 -9.06 7.54 29.52
C ILE B 279 -10.32 8.36 29.29
N ASP B 280 -11.33 7.78 28.65
CA ASP B 280 -12.60 8.46 28.47
C ASP B 280 -13.17 8.90 29.81
N TYR B 281 -13.40 7.92 30.70
CA TYR B 281 -14.05 8.23 31.98
C TYR B 281 -13.27 9.27 32.77
N MET B 282 -11.95 9.35 32.58
CA MET B 282 -11.17 10.41 33.20
C MET B 282 -11.60 11.77 32.66
N ILE B 283 -11.76 11.87 31.35
CA ILE B 283 -12.18 13.14 30.74
C ILE B 283 -13.55 13.56 31.26
N LEU B 284 -14.51 12.62 31.30
CA LEU B 284 -15.84 12.94 31.79
C LEU B 284 -15.77 13.47 33.23
N ASP B 285 -14.95 12.86 34.08
CA ASP B 285 -14.83 13.33 35.45
C ASP B 285 -14.24 14.73 35.50
N ALA B 286 -13.22 14.99 34.69
CA ALA B 286 -12.61 16.32 34.68
C ALA B 286 -13.57 17.37 34.13
N LEU B 287 -14.38 17.01 33.13
CA LEU B 287 -15.40 17.92 32.66
C LEU B 287 -16.47 18.16 33.70
N ILE B 288 -16.75 17.14 34.53
CA ILE B 288 -17.75 17.30 35.58
C ILE B 288 -17.27 18.29 36.63
N ALA B 289 -16.01 18.18 37.03
CA ALA B 289 -15.48 19.07 38.06
C ALA B 289 -15.39 20.51 37.57
N ALA B 290 -15.01 20.70 36.30
CA ALA B 290 -14.86 22.05 35.75
C ALA B 290 -16.18 22.65 35.31
N ASP B 291 -17.26 21.89 35.26
CA ASP B 291 -18.52 22.41 34.75
C ASP B 291 -19.10 23.55 35.59
N PRO B 292 -19.12 23.50 36.92
CA PRO B 292 -19.66 24.64 37.69
C PRO B 292 -18.89 25.94 37.49
N VAL B 293 -17.65 25.87 37.02
CA VAL B 293 -16.82 27.06 36.82
C VAL B 293 -16.84 27.53 35.37
N LEU B 294 -16.77 26.59 34.42
CA LEU B 294 -16.66 26.94 33.01
C LEU B 294 -17.99 26.86 32.26
N GLU B 295 -19.02 26.27 32.86
CA GLU B 295 -20.33 26.13 32.22
C GLU B 295 -20.19 25.41 30.87
N ILE B 296 -19.50 24.27 30.91
CA ILE B 296 -19.23 23.51 29.68
C ILE B 296 -20.52 22.96 29.09
N SER B 297 -21.41 22.43 29.94
CA SER B 297 -22.64 21.81 29.44
C SER B 297 -23.62 22.82 28.87
N LYS B 298 -23.44 24.11 29.16
CA LYS B 298 -24.34 25.14 28.66
C LYS B 298 -23.94 25.65 27.28
N SER B 299 -22.76 25.26 26.77
CA SER B 299 -22.31 25.74 25.48
C SER B 299 -23.13 25.20 24.32
N ILE B 300 -23.95 24.18 24.56
CA ILE B 300 -24.74 23.57 23.49
C ILE B 300 -26.03 24.33 23.28
N ASP B 301 -26.20 25.45 23.99
CA ASP B 301 -27.42 26.24 23.92
C ASP B 301 -27.32 27.43 22.97
N LYS B 302 -26.13 28.01 22.81
CA LYS B 302 -25.92 29.15 21.94
C LYS B 302 -24.83 28.82 20.93
N PRO B 303 -25.06 29.05 19.64
CA PRO B 303 -24.02 28.70 18.64
C PRO B 303 -22.71 29.43 18.84
N SER B 304 -22.73 30.68 19.28
CA SER B 304 -21.49 31.41 19.50
C SER B 304 -20.71 30.85 20.68
N GLU B 305 -21.40 30.22 21.65
CA GLU B 305 -20.70 29.53 22.72
C GLU B 305 -20.14 28.19 22.25
N TYR B 306 -20.89 27.50 21.39
CA TYR B 306 -20.45 26.22 20.87
C TYR B 306 -19.32 26.36 19.86
N LEU B 307 -19.18 27.53 19.22
CA LEU B 307 -18.07 27.76 18.32
C LEU B 307 -16.72 27.73 19.02
N LYS B 308 -16.69 27.98 20.32
CA LYS B 308 -15.46 28.02 21.09
C LYS B 308 -15.18 26.71 21.84
N MET B 309 -16.00 25.68 21.61
CA MET B 309 -15.88 24.42 22.34
C MET B 309 -15.32 23.33 21.43
N ASP B 310 -14.16 22.80 21.82
CA ASP B 310 -13.47 21.77 21.03
C ASP B 310 -12.56 20.99 21.98
N ASP B 311 -11.65 20.19 21.41
CA ASP B 311 -10.77 19.36 22.22
C ASP B 311 -9.81 20.17 23.07
N THR B 312 -9.56 21.43 22.73
CA THR B 312 -8.56 22.21 23.43
C THR B 312 -8.97 22.61 24.84
N ILE B 313 -10.24 22.43 25.21
CA ILE B 313 -10.68 22.78 26.56
C ILE B 313 -9.91 22.00 27.61
N LEU B 314 -9.42 20.80 27.26
CA LEU B 314 -8.56 20.07 28.17
C LEU B 314 -7.26 20.83 28.42
N ASN B 315 -6.70 21.42 27.36
CA ASN B 315 -5.48 22.21 27.52
C ASN B 315 -5.73 23.48 28.32
N ARG B 316 -6.90 24.12 28.11
CA ARG B 316 -7.22 25.34 28.85
C ARG B 316 -7.35 25.06 30.35
N ILE B 317 -8.02 23.96 30.71
CA ILE B 317 -8.14 23.58 32.11
C ILE B 317 -6.79 23.19 32.68
N GLU B 318 -6.00 22.42 31.90
CA GLU B 318 -4.72 21.92 32.39
C GLU B 318 -3.76 23.06 32.75
N TYR B 319 -3.74 24.11 31.93
CA TYR B 319 -2.78 25.20 32.11
C TYR B 319 -3.37 26.39 32.86
N SER B 320 -4.65 26.37 33.19
CA SER B 320 -5.24 27.45 33.96
C SER B 320 -4.61 27.51 35.35
N ASP B 321 -4.34 28.74 35.81
CA ASP B 321 -3.66 28.96 37.08
C ASP B 321 -4.60 29.39 38.19
N SER B 322 -5.91 29.33 37.97
CA SER B 322 -6.86 29.71 39.01
C SER B 322 -6.90 28.64 40.11
N ASP B 323 -7.07 29.09 41.35
CA ASP B 323 -7.05 28.22 42.51
C ASP B 323 -8.45 27.81 42.96
N ASP B 324 -9.38 27.69 42.03
CA ASP B 324 -10.73 27.25 42.39
C ASP B 324 -10.71 25.79 42.81
N PRO B 325 -11.38 25.43 43.91
CA PRO B 325 -11.35 24.01 44.34
C PRO B 325 -11.95 23.06 43.33
N ASP B 326 -13.00 23.47 42.62
CA ASP B 326 -13.59 22.61 41.61
C ASP B 326 -12.66 22.39 40.43
N LEU B 327 -11.86 23.40 40.09
CA LEU B 327 -10.89 23.25 39.01
C LEU B 327 -9.63 22.53 39.44
N LYS B 328 -9.38 22.43 40.75
CA LYS B 328 -8.19 21.72 41.22
C LYS B 328 -8.30 20.23 40.91
N LYS B 329 -9.46 19.62 41.15
CA LYS B 329 -9.62 18.21 40.85
C LYS B 329 -9.51 17.94 39.35
N SER B 330 -10.00 18.85 38.52
CA SER B 330 -9.89 18.68 37.07
C SER B 330 -8.43 18.60 36.64
N LYS B 331 -7.58 19.51 37.15
CA LYS B 331 -6.16 19.46 36.82
C LYS B 331 -5.51 18.20 37.38
N GLU B 332 -5.99 17.70 38.52
CA GLU B 332 -5.43 16.48 39.08
C GLU B 332 -5.77 15.28 38.21
N ILE B 333 -6.98 15.24 37.66
CA ILE B 333 -7.34 14.16 36.76
C ILE B 333 -6.52 14.26 35.47
N ILE B 334 -6.33 15.48 34.96
CA ILE B 334 -5.60 15.65 33.72
C ILE B 334 -4.13 15.31 33.89
N ARG B 335 -3.54 15.71 35.03
CA ARG B 335 -2.17 15.33 35.31
C ARG B 335 -2.02 13.82 35.47
N ARG B 336 -3.10 13.14 35.87
CA ARG B 336 -3.06 11.69 35.94
C ARG B 336 -2.95 11.07 34.55
N ILE B 337 -3.51 11.73 33.53
CA ILE B 337 -3.38 11.21 32.17
C ILE B 337 -1.93 11.34 31.69
N ARG B 338 -1.29 12.47 31.99
CA ARG B 338 0.09 12.68 31.55
C ARG B 338 1.06 11.74 32.24
N LYS B 339 0.75 11.30 33.46
CA LYS B 339 1.56 10.33 34.18
C LYS B 339 1.16 8.89 33.85
N ARG B 340 0.18 8.69 32.98
CA ARG B 340 -0.36 7.38 32.64
C ARG B 340 -0.90 6.63 33.86
N ASP B 341 -1.06 7.33 34.98
CA ASP B 341 -1.76 6.80 36.15
C ASP B 341 -3.26 6.86 35.86
N LEU B 342 -3.69 5.96 34.98
CA LEU B 342 -5.06 5.96 34.48
C LEU B 342 -5.95 5.05 35.31
N TYR B 343 -7.25 5.20 35.11
CA TYR B 343 -8.22 4.25 35.66
C TYR B 343 -7.90 2.87 35.12
N LYS B 344 -7.81 1.88 36.01
CA LYS B 344 -7.36 0.55 35.64
C LYS B 344 -8.54 -0.33 35.24
N PHE B 345 -8.40 -1.00 34.10
CA PHE B 345 -9.37 -2.02 33.70
C PHE B 345 -9.28 -3.20 34.65
N VAL B 346 -10.43 -3.68 35.11
CA VAL B 346 -10.48 -4.75 36.10
C VAL B 346 -10.83 -6.07 35.43
N ASP B 347 -12.02 -6.14 34.85
CA ASP B 347 -12.52 -7.33 34.17
C ASP B 347 -13.78 -6.96 33.42
N GLU B 348 -14.14 -7.79 32.45
CA GLU B 348 -15.37 -7.61 31.70
C GLU B 348 -16.04 -8.96 31.54
N PHE B 349 -17.36 -8.94 31.38
CA PHE B 349 -18.15 -10.16 31.26
C PHE B 349 -19.00 -10.11 30.00
N LEU B 350 -18.79 -11.07 29.10
CA LEU B 350 -19.63 -11.22 27.92
C LEU B 350 -20.87 -12.00 28.33
N VAL B 351 -22.02 -11.33 28.35
CA VAL B 351 -23.24 -11.98 28.84
C VAL B 351 -23.69 -13.02 27.83
N PRO B 352 -24.20 -14.17 28.27
CA PRO B 352 -24.70 -15.16 27.31
C PRO B 352 -25.98 -14.68 26.64
N LYS B 353 -26.29 -15.32 25.50
CA LYS B 353 -27.50 -14.96 24.77
C LYS B 353 -28.75 -15.17 25.61
N ASP B 354 -28.73 -16.17 26.50
CA ASP B 354 -29.91 -16.48 27.30
C ASP B 354 -30.15 -15.46 28.40
N LEU B 355 -29.12 -14.74 28.84
CA LEU B 355 -29.24 -13.78 29.93
C LEU B 355 -29.37 -12.35 29.44
N LYS B 356 -29.55 -12.15 28.12
CA LYS B 356 -29.65 -10.79 27.59
C LYS B 356 -30.91 -10.09 28.09
N GLY B 357 -32.05 -10.75 28.01
CA GLY B 357 -33.27 -10.20 28.56
C GLY B 357 -33.24 -10.04 30.07
N LYS B 358 -32.38 -10.79 30.74
CA LYS B 358 -32.24 -10.72 32.19
C LYS B 358 -31.41 -9.53 32.63
N PHE B 359 -30.89 -8.76 31.68
CA PHE B 359 -30.02 -7.63 31.97
C PHE B 359 -30.82 -6.34 32.06
N GLU B 360 -30.37 -5.45 32.95
CA GLU B 360 -30.85 -4.07 33.01
C GLU B 360 -29.74 -3.25 33.65
N LYS B 361 -29.34 -2.18 32.97
CA LYS B 361 -28.16 -1.42 33.41
C LYS B 361 -28.37 -0.83 34.80
N ASP B 362 -29.48 -0.12 35.00
CA ASP B 362 -29.71 0.55 36.28
C ASP B 362 -29.97 -0.45 37.40
N LYS B 363 -30.60 -1.59 37.09
CA LYS B 363 -30.91 -2.55 38.13
C LYS B 363 -29.65 -3.25 38.64
N ILE B 364 -28.72 -3.59 37.74
CA ILE B 364 -27.53 -4.31 38.17
C ILE B 364 -26.54 -3.41 38.88
N THR B 365 -26.47 -2.13 38.49
CA THR B 365 -25.52 -1.21 39.13
C THR B 365 -25.78 -1.09 40.64
N LYS B 366 -27.01 -1.34 41.08
CA LYS B 366 -27.33 -1.29 42.50
C LYS B 366 -26.57 -2.36 43.27
N ILE B 367 -26.46 -3.56 42.70
CA ILE B 367 -25.94 -4.69 43.47
C ILE B 367 -24.43 -4.60 43.65
N ILE B 368 -23.70 -4.05 42.68
CA ILE B 368 -22.26 -3.91 42.87
C ILE B 368 -21.98 -2.74 43.80
N THR B 369 -22.88 -1.76 43.85
CA THR B 369 -22.78 -0.70 44.85
C THR B 369 -22.97 -1.27 46.27
N ASP B 370 -23.93 -2.19 46.43
CA ASP B 370 -24.14 -2.84 47.72
C ASP B 370 -23.05 -3.87 48.02
N GLN B 371 -22.44 -4.46 47.00
CA GLN B 371 -21.39 -5.44 47.25
C GLN B 371 -20.12 -4.77 47.74
N LEU B 372 -19.83 -3.56 47.24
CA LEU B 372 -18.58 -2.90 47.59
C LEU B 372 -18.62 -2.30 49.00
N GLU B 373 -19.76 -1.74 49.40
CA GLU B 373 -19.87 -1.22 50.76
C GLU B 373 -19.84 -2.34 51.79
N HIS B 374 -20.06 -3.59 51.38
CA HIS B 374 -19.96 -4.72 52.31
C HIS B 374 -18.51 -5.10 52.54
N ASP B 375 -17.84 -5.60 51.51
CA ASP B 375 -16.42 -5.90 51.55
C ASP B 375 -15.70 -5.03 50.52
N GLY B 376 -14.62 -4.40 50.93
CA GLY B 376 -13.87 -3.52 50.04
C GLY B 376 -13.92 -2.06 50.47
N LEU B 377 -14.13 -1.16 49.51
CA LEU B 377 -14.17 0.26 49.81
C LEU B 377 -15.47 0.89 49.29
N LYS B 378 -15.52 2.21 49.24
CA LYS B 378 -16.73 2.91 48.84
C LYS B 378 -16.93 2.84 47.32
N LYS B 379 -18.11 3.29 46.88
CA LYS B 379 -18.47 3.20 45.47
C LYS B 379 -17.61 4.09 44.59
N GLU B 380 -17.01 5.15 45.16
CA GLU B 380 -16.38 6.20 44.36
C GLU B 380 -15.20 5.70 43.54
N TYR B 381 -14.76 4.46 43.77
CA TYR B 381 -13.61 3.93 43.06
C TYR B 381 -14.00 3.04 41.88
N VAL B 382 -15.23 2.55 41.85
CA VAL B 382 -15.67 1.64 40.80
C VAL B 382 -16.45 2.42 39.74
N ILE B 383 -16.36 1.94 38.50
CA ILE B 383 -17.12 2.48 37.37
C ILE B 383 -17.70 1.31 36.60
N VAL B 384 -19.01 1.26 36.47
CA VAL B 384 -19.65 0.23 35.65
C VAL B 384 -19.83 0.78 34.24
N ASP B 385 -19.53 -0.06 33.25
CA ASP B 385 -19.52 0.35 31.85
C ASP B 385 -20.28 -0.69 31.04
N ILE B 386 -21.22 -0.22 30.23
CA ILE B 386 -21.96 -1.07 29.30
C ILE B 386 -21.37 -0.88 27.91
N LEU B 387 -21.18 -1.99 27.20
CA LEU B 387 -20.70 -1.98 25.83
C LEU B 387 -21.70 -2.70 24.95
N ILE B 388 -22.19 -2.00 23.93
CA ILE B 388 -23.15 -2.55 22.97
C ILE B 388 -22.46 -2.57 21.62
N LEU B 389 -22.04 -3.75 21.18
CA LEU B 389 -21.42 -3.93 19.87
C LEU B 389 -22.46 -4.42 18.88
N ASN B 390 -22.67 -3.67 17.80
CA ASN B 390 -23.74 -3.93 16.86
C ASN B 390 -23.16 -4.10 15.46
N TYR B 391 -23.43 -5.24 14.83
CA TYR B 391 -23.20 -5.44 13.40
C TYR B 391 -24.28 -4.68 12.66
N GLY B 392 -23.99 -3.44 12.27
CA GLY B 392 -25.02 -2.57 11.74
C GLY B 392 -25.90 -2.03 12.85
N LYS B 393 -26.69 -1.00 12.56
CA LYS B 393 -27.60 -0.44 13.55
C LYS B 393 -28.53 -1.51 14.12
N LYS B 394 -28.68 -1.49 15.44
CA LYS B 394 -29.60 -2.38 16.18
C LYS B 394 -29.21 -3.83 15.88
N GLU B 395 -30.17 -4.75 15.78
CA GLU B 395 -29.90 -6.18 15.60
C GLU B 395 -30.65 -6.63 14.35
N GLU B 396 -29.96 -6.60 13.21
CA GLU B 396 -30.48 -7.11 11.96
C GLU B 396 -29.32 -7.22 10.99
N ASN B 397 -29.50 -8.05 9.96
CA ASN B 397 -28.49 -8.18 8.93
C ASN B 397 -28.71 -7.09 7.91
N PRO B 398 -27.80 -6.13 7.76
CA PRO B 398 -28.08 -4.97 6.90
C PRO B 398 -28.17 -5.31 5.41
N ILE B 399 -27.51 -6.39 4.95
CA ILE B 399 -27.59 -6.73 3.53
C ILE B 399 -29.00 -7.20 3.14
N ASP B 400 -29.80 -7.65 4.09
CA ASP B 400 -31.18 -8.03 3.78
C ASP B 400 -32.05 -6.83 3.40
N ASN B 401 -31.55 -5.60 3.57
CA ASN B 401 -32.28 -4.41 3.17
C ASN B 401 -31.70 -3.78 1.91
N VAL B 402 -30.73 -4.43 1.28
CA VAL B 402 -30.14 -3.97 0.02
C VAL B 402 -30.82 -4.71 -1.12
N LYS B 403 -31.28 -3.96 -2.12
CA LYS B 403 -31.80 -4.53 -3.35
C LYS B 403 -30.73 -4.48 -4.43
N PHE B 404 -30.60 -5.57 -5.17
CA PHE B 404 -29.52 -5.73 -6.13
C PHE B 404 -30.09 -5.79 -7.54
N TYR B 405 -29.18 -5.70 -8.52
CA TYR B 405 -29.52 -5.84 -9.92
C TYR B 405 -28.44 -6.66 -10.61
N ASP B 406 -28.84 -7.43 -11.62
CA ASP B 406 -27.89 -8.29 -12.37
C ASP B 406 -27.75 -7.79 -13.79
N LYS B 407 -26.59 -7.21 -14.11
CA LYS B 407 -26.34 -6.74 -15.48
C LYS B 407 -26.70 -7.85 -16.46
N GLN B 409 -27.73 -9.88 -16.88
CA GLN B 409 -29.02 -10.46 -17.33
C GLN B 409 -30.19 -9.69 -16.70
N PRO B 410 -30.56 -8.51 -17.24
CA PRO B 410 -31.61 -7.70 -16.64
C PRO B 410 -32.78 -8.46 -16.05
N ASN B 411 -32.82 -8.63 -14.72
CA ASN B 411 -33.95 -9.25 -14.04
C ASN B 411 -35.19 -8.38 -14.20
N LEU B 412 -36.35 -8.96 -13.87
CA LEU B 412 -37.61 -8.23 -13.99
C LEU B 412 -37.58 -6.95 -13.16
N LYS B 413 -37.20 -7.07 -11.88
CA LYS B 413 -37.05 -5.91 -11.01
C LYS B 413 -35.80 -6.12 -10.16
N VAL B 414 -35.46 -5.09 -9.38
CA VAL B 414 -34.37 -5.23 -8.42
C VAL B 414 -34.77 -6.25 -7.37
N PHE B 415 -33.83 -7.11 -7.00
CA PHE B 415 -34.13 -8.26 -6.15
C PHE B 415 -33.36 -8.19 -4.84
N LYS B 416 -33.88 -8.88 -3.84
CA LYS B 416 -33.24 -9.03 -2.54
C LYS B 416 -32.67 -10.43 -2.42
N LEU B 417 -31.48 -10.52 -1.82
CA LEU B 417 -30.79 -11.80 -1.71
C LEU B 417 -31.58 -12.74 -0.79
N GLU B 418 -31.77 -13.98 -1.23
CA GLU B 418 -32.49 -14.96 -0.44
C GLU B 418 -31.51 -15.72 0.46
N SER B 419 -32.03 -16.73 1.16
CA SER B 419 -31.25 -17.40 2.20
C SER B 419 -30.03 -18.11 1.63
N SER B 420 -30.14 -18.68 0.43
CA SER B 420 -29.07 -19.45 -0.17
C SER B 420 -28.37 -18.75 -1.32
N GLN B 421 -28.91 -17.63 -1.81
CA GLN B 421 -28.30 -16.94 -2.95
C GLN B 421 -26.87 -16.50 -2.64
N VAL B 422 -26.59 -16.27 -1.36
CA VAL B 422 -25.22 -15.86 -0.94
C VAL B 422 -24.99 -16.26 0.53
N SER B 423 -23.79 -16.77 0.85
CA SER B 423 -23.45 -17.12 2.25
C SER B 423 -22.05 -16.58 2.56
N TYR B 424 -21.86 -15.95 3.72
CA TYR B 424 -20.55 -15.32 4.02
C TYR B 424 -20.36 -15.23 5.54
N LEU B 425 -19.46 -14.36 5.98
CA LEU B 425 -19.16 -14.23 7.44
C LEU B 425 -20.28 -13.41 8.12
N VAL B 426 -21.05 -14.05 9.01
CA VAL B 426 -22.11 -13.34 9.77
C VAL B 426 -21.63 -13.19 11.23
N PRO B 427 -22.05 -12.18 12.01
CA PRO B 427 -21.62 -12.09 13.41
C PRO B 427 -22.30 -13.14 14.26
N GLU B 428 -21.53 -13.72 15.20
CA GLU B 428 -22.09 -14.71 16.10
C GLU B 428 -23.20 -14.10 16.96
N LEU B 429 -22.98 -12.89 17.46
CA LEU B 429 -24.00 -12.13 18.18
C LEU B 429 -24.16 -10.80 17.46
N PHE B 430 -25.34 -10.58 16.86
CA PHE B 430 -25.58 -9.32 16.16
C PHE B 430 -25.53 -8.14 17.12
N GLU B 431 -26.04 -8.32 18.34
CA GLU B 431 -25.88 -7.36 19.43
C GLU B 431 -25.18 -8.06 20.58
N GLU B 432 -23.97 -7.60 20.90
CA GLU B 432 -23.17 -8.17 21.98
C GLU B 432 -23.16 -7.20 23.16
N LEU B 433 -23.50 -7.71 24.34
CA LEU B 433 -23.51 -6.91 25.56
C LEU B 433 -22.33 -7.33 26.43
N ASN B 434 -21.53 -6.34 26.84
CA ASN B 434 -20.32 -6.57 27.61
C ASN B 434 -20.34 -5.68 28.84
N ILE B 435 -20.31 -6.29 30.03
CA ILE B 435 -20.27 -5.56 31.29
C ILE B 435 -18.81 -5.39 31.66
N ARG B 436 -18.28 -4.18 31.47
CA ARG B 436 -16.89 -3.88 31.78
C ARG B 436 -16.81 -3.14 33.10
N ILE B 437 -15.77 -3.44 33.87
CA ILE B 437 -15.57 -2.87 35.20
C ILE B 437 -14.26 -2.09 35.20
N PHE B 438 -14.34 -0.80 35.52
CA PHE B 438 -13.18 0.07 35.63
C PHE B 438 -13.08 0.59 37.06
N THR B 439 -11.85 0.89 37.48
CA THR B 439 -11.61 1.40 38.82
C THR B 439 -10.75 2.66 38.78
N ARG B 440 -11.16 3.65 39.58
CA ARG B 440 -10.37 4.86 39.73
C ARG B 440 -9.16 4.66 40.62
N ASN B 441 -9.09 3.56 41.37
CA ASN B 441 -7.93 3.20 42.17
C ASN B 441 -7.23 2.02 41.51
N ARG B 442 -5.91 2.14 41.36
CA ARG B 442 -5.13 1.09 40.70
C ARG B 442 -4.66 0.01 41.66
N ASP B 443 -4.85 0.18 42.97
CA ASP B 443 -4.37 -0.79 43.95
C ASP B 443 -5.37 -1.89 44.23
N LYS B 444 -6.66 -1.57 44.27
CA LYS B 444 -7.71 -2.55 44.55
C LYS B 444 -8.20 -3.24 43.28
N ILE B 445 -7.26 -3.69 42.46
CA ILE B 445 -7.63 -4.35 41.22
C ILE B 445 -8.16 -5.75 41.48
N LYS B 446 -7.70 -6.41 42.54
CA LYS B 446 -8.14 -7.76 42.84
C LYS B 446 -9.23 -7.83 43.90
N GLN B 447 -9.43 -6.76 44.67
CA GLN B 447 -10.52 -6.76 45.64
C GLN B 447 -11.87 -6.62 44.92
N ILE B 448 -11.91 -5.79 43.87
CA ILE B 448 -13.14 -5.59 43.12
C ILE B 448 -13.25 -6.54 41.93
N ARG B 449 -12.15 -7.18 41.52
CA ARG B 449 -12.26 -8.29 40.57
C ARG B 449 -13.07 -9.44 41.17
N LYS B 450 -12.89 -9.70 42.46
CA LYS B 450 -13.70 -10.70 43.14
C LYS B 450 -15.15 -10.22 43.26
N CYS B 451 -15.35 -8.98 43.74
CA CYS B 451 -16.70 -8.47 43.95
C CYS B 451 -17.50 -8.43 42.66
N PHE B 452 -16.83 -8.32 41.52
CA PHE B 452 -17.53 -8.41 40.25
C PHE B 452 -18.04 -9.82 40.00
N LYS B 453 -17.24 -10.83 40.36
CA LYS B 453 -17.66 -12.22 40.15
C LYS B 453 -18.72 -12.62 41.17
N GLU B 454 -18.57 -12.20 42.43
CA GLU B 454 -19.60 -12.49 43.43
C GLU B 454 -20.91 -11.80 43.07
N SER B 455 -20.83 -10.56 42.57
CA SER B 455 -22.03 -9.91 42.08
C SER B 455 -22.60 -10.63 40.87
N LEU B 456 -21.73 -11.12 39.98
CA LEU B 456 -22.18 -11.84 38.80
C LEU B 456 -22.80 -13.18 39.19
N THR B 457 -22.15 -13.92 40.08
CA THR B 457 -22.65 -15.23 40.48
C THR B 457 -23.89 -15.14 41.36
N LYS B 458 -24.08 -14.02 42.07
CA LYS B 458 -25.26 -13.85 42.91
C LYS B 458 -26.41 -13.18 42.19
N PHE B 459 -26.13 -12.35 41.19
CA PHE B 459 -27.18 -11.74 40.37
C PHE B 459 -27.50 -12.67 39.22
N PHE B 460 -28.59 -13.41 39.35
CA PHE B 460 -29.32 -13.93 38.19
C PHE B 460 -28.41 -14.71 37.25
N GLY B 461 -27.41 -15.39 37.81
CA GLY B 461 -26.39 -15.99 36.96
C GLY B 461 -26.06 -17.44 37.24
N ILE B 462 -24.77 -17.70 37.45
CA ILE B 462 -24.22 -19.05 37.45
C ILE B 462 -23.21 -19.18 38.59
N PRO B 463 -22.97 -20.41 39.07
CA PRO B 463 -22.07 -20.57 40.22
C PRO B 463 -20.67 -20.03 39.98
N GLU B 464 -20.15 -20.18 38.76
CA GLU B 464 -18.80 -19.71 38.42
C GLU B 464 -18.86 -18.87 37.15
N PRO B 465 -18.94 -17.55 37.28
CA PRO B 465 -19.01 -16.70 36.07
C PRO B 465 -17.72 -16.79 35.27
N LYS B 466 -17.86 -16.86 33.94
CA LYS B 466 -16.72 -16.89 33.03
C LYS B 466 -16.54 -15.47 32.48
N THR B 467 -15.77 -14.67 33.22
CA THR B 467 -15.46 -13.31 32.79
C THR B 467 -14.28 -13.34 31.82
N TYR B 468 -13.68 -12.18 31.56
CA TYR B 468 -12.64 -12.09 30.55
C TYR B 468 -11.29 -12.61 31.05
N TYR B 469 -11.04 -12.54 32.37
CA TYR B 469 -9.76 -12.94 32.94
C TYR B 469 -9.86 -14.21 33.77
N THR B 470 -10.91 -15.00 33.58
CA THR B 470 -11.14 -16.17 34.44
C THR B 470 -10.12 -17.28 34.23
N ARG B 471 -9.42 -17.30 33.09
CA ARG B 471 -8.34 -18.25 32.87
C ARG B 471 -7.14 -17.60 32.23
N LYS C 31 28.24 -16.66 0.32
CA LYS C 31 27.65 -17.26 1.51
C LYS C 31 26.15 -17.00 1.56
N SER C 32 25.74 -16.10 2.45
CA SER C 32 24.32 -15.77 2.59
C SER C 32 23.82 -15.06 1.34
N LYS C 33 22.59 -15.37 0.94
CA LYS C 33 21.96 -14.79 -0.23
C LYS C 33 20.85 -13.84 0.19
N ARG C 34 20.19 -13.25 -0.80
CA ARG C 34 19.18 -12.23 -0.56
C ARG C 34 18.22 -12.23 -1.74
N ILE C 35 16.95 -12.51 -1.48
CA ILE C 35 15.92 -12.61 -2.51
C ILE C 35 14.90 -11.51 -2.26
N GLN C 36 14.70 -10.65 -3.24
CA GLN C 36 13.68 -9.60 -3.14
C GLN C 36 12.32 -10.19 -3.51
N ASP C 37 11.35 -10.05 -2.60
CA ASP C 37 10.00 -10.54 -2.82
C ASP C 37 8.99 -9.44 -2.48
N PRO C 38 7.94 -9.28 -3.28
CA PRO C 38 6.96 -8.23 -3.00
C PRO C 38 6.22 -8.42 -1.69
N ILE C 39 6.17 -9.63 -1.15
CA ILE C 39 5.41 -9.91 0.06
C ILE C 39 6.30 -9.85 1.31
N HIS C 40 7.43 -10.54 1.28
CA HIS C 40 8.31 -10.61 2.43
C HIS C 40 9.46 -9.61 2.37
N GLY C 41 9.53 -8.82 1.30
CA GLY C 41 10.63 -7.88 1.18
C GLY C 41 11.90 -8.62 0.81
N LEU C 42 12.97 -8.34 1.54
CA LEU C 42 14.26 -8.97 1.30
C LEU C 42 14.41 -10.16 2.22
N MET C 43 14.50 -11.35 1.64
CA MET C 43 14.67 -12.59 2.39
C MET C 43 16.11 -13.06 2.31
N GLU C 44 16.69 -13.42 3.44
CA GLU C 44 18.05 -13.93 3.50
C GLU C 44 18.02 -15.45 3.56
N PHE C 45 18.79 -16.09 2.69
CA PHE C 45 18.95 -17.54 2.67
C PHE C 45 20.43 -17.86 2.81
N ASP C 46 20.76 -18.76 3.74
CA ASP C 46 22.16 -19.14 3.90
C ASP C 46 22.60 -20.02 2.74
N ASN C 47 23.92 -20.07 2.53
CA ASN C 47 24.47 -20.84 1.42
C ASN C 47 24.01 -22.29 1.46
N TRP C 48 23.80 -22.83 2.65
CA TRP C 48 23.26 -24.19 2.76
C TRP C 48 21.91 -24.29 2.07
N ILE C 49 21.03 -23.32 2.31
CA ILE C 49 19.71 -23.33 1.68
C ILE C 49 19.84 -23.18 0.17
N VAL C 50 20.72 -22.29 -0.28
CA VAL C 50 20.82 -21.96 -1.70
C VAL C 50 21.17 -23.19 -2.53
N LYS C 51 21.93 -24.12 -1.97
CA LYS C 51 22.33 -25.32 -2.71
C LYS C 51 21.11 -26.11 -3.16
N PHE C 52 20.16 -26.35 -2.24
CA PHE C 52 18.96 -27.08 -2.62
C PHE C 52 18.06 -26.27 -3.54
N ILE C 53 18.16 -24.93 -3.48
CA ILE C 53 17.37 -24.09 -4.37
C ILE C 53 17.87 -24.24 -5.80
N ASP C 54 19.19 -24.16 -6.00
CA ASP C 54 19.77 -24.22 -7.33
C ASP C 54 19.80 -25.65 -7.87
N THR C 55 18.65 -26.32 -7.85
CA THR C 55 18.52 -27.67 -8.36
C THR C 55 17.40 -27.71 -9.40
N GLU C 56 17.58 -28.56 -10.42
CA GLU C 56 16.57 -28.68 -11.46
C GLU C 56 15.23 -29.15 -10.89
N HIS C 57 15.26 -29.88 -9.78
CA HIS C 57 14.02 -30.32 -9.14
C HIS C 57 13.24 -29.12 -8.60
N PHE C 58 13.92 -28.21 -7.88
CA PHE C 58 13.23 -27.06 -7.33
C PHE C 58 12.95 -26.01 -8.39
N GLN C 59 13.92 -25.74 -9.27
CA GLN C 59 13.71 -24.79 -10.36
C GLN C 59 12.58 -25.22 -11.29
N ARG C 60 12.14 -26.48 -11.21
CA ARG C 60 10.98 -26.92 -11.99
C ARG C 60 9.72 -26.17 -11.56
N LEU C 61 9.65 -25.77 -10.30
CA LEU C 61 8.46 -25.08 -9.80
C LEU C 61 8.24 -23.71 -10.44
N ARG C 62 9.25 -23.15 -11.13
CA ARG C 62 9.06 -21.90 -11.84
C ARG C 62 8.04 -22.02 -12.96
N SER C 63 7.81 -23.22 -13.49
CA SER C 63 6.90 -23.44 -14.60
C SER C 63 5.59 -24.10 -14.15
N ILE C 64 5.22 -23.92 -12.90
CA ILE C 64 3.99 -24.47 -12.34
C ILE C 64 3.26 -23.34 -11.63
N LYS C 65 2.10 -22.95 -12.15
CA LYS C 65 1.35 -21.83 -11.59
C LYS C 65 0.74 -22.20 -10.24
N GLN C 66 0.80 -21.25 -9.31
CA GLN C 66 0.30 -21.51 -7.95
C GLN C 66 -1.19 -21.77 -7.95
N LEU C 67 -1.96 -20.99 -8.73
CA LEU C 67 -3.42 -21.07 -8.71
C LEU C 67 -3.99 -21.77 -9.95
N GLY C 68 -3.16 -22.39 -10.76
CA GLY C 68 -3.64 -23.18 -11.88
C GLY C 68 -4.31 -22.37 -12.98
N THR C 69 -5.63 -22.50 -13.11
CA THR C 69 -6.38 -21.82 -14.15
C THR C 69 -7.04 -20.52 -13.67
N THR C 70 -6.71 -20.06 -12.46
CA THR C 70 -7.22 -18.77 -12.00
C THR C 70 -6.68 -17.63 -12.88
N TYR C 71 -5.47 -17.80 -13.41
CA TYR C 71 -4.87 -16.80 -14.29
C TYR C 71 -5.76 -16.48 -15.48
N TYR C 72 -6.59 -17.43 -15.91
CA TYR C 72 -7.45 -17.21 -17.06
C TYR C 72 -8.72 -16.44 -16.73
N VAL C 73 -9.00 -16.19 -15.45
CA VAL C 73 -10.07 -15.31 -15.03
C VAL C 73 -9.54 -14.09 -14.29
N TYR C 74 -8.52 -14.27 -13.45
CA TYR C 74 -7.88 -13.18 -12.74
C TYR C 74 -6.47 -13.00 -13.28
N PRO C 75 -6.24 -12.08 -14.23
CA PRO C 75 -4.93 -11.99 -14.89
C PRO C 75 -3.79 -11.63 -13.96
N GLY C 76 -4.06 -11.24 -12.72
CA GLY C 76 -2.98 -10.95 -11.79
C GLY C 76 -2.34 -12.18 -11.19
N ALA C 77 -2.99 -13.34 -11.32
CA ALA C 77 -2.54 -14.58 -10.68
C ALA C 77 -1.55 -15.32 -11.55
N SER C 78 -0.48 -14.61 -11.92
CA SER C 78 0.61 -15.18 -12.71
C SER C 78 1.65 -15.89 -11.86
N HIS C 79 1.57 -15.79 -10.53
CA HIS C 79 2.63 -16.30 -9.68
C HIS C 79 2.69 -17.83 -9.72
N ASN C 80 3.89 -18.35 -9.50
CA ASN C 80 4.18 -19.78 -9.58
C ASN C 80 4.51 -20.32 -8.19
N ARG C 81 4.52 -21.65 -8.08
CA ARG C 81 4.81 -22.29 -6.80
C ARG C 81 6.25 -22.10 -6.36
N PHE C 82 7.15 -21.77 -7.28
CA PHE C 82 8.55 -21.57 -6.93
C PHE C 82 8.71 -20.45 -5.91
N GLU C 83 8.22 -19.26 -6.23
CA GLU C 83 8.38 -18.11 -5.33
C GLU C 83 7.60 -18.30 -4.03
N HIS C 84 6.48 -19.03 -4.08
CA HIS C 84 5.73 -19.31 -2.86
C HIS C 84 6.53 -20.18 -1.92
N CYS C 85 7.28 -21.15 -2.45
CA CYS C 85 8.07 -22.04 -1.60
C CYS C 85 9.26 -21.31 -0.99
N LEU C 86 9.79 -20.30 -1.68
CA LEU C 86 10.87 -19.50 -1.09
C LEU C 86 10.39 -18.77 0.16
N GLY C 87 9.15 -18.27 0.12
CA GLY C 87 8.62 -17.55 1.28
C GLY C 87 8.32 -18.47 2.44
N VAL C 88 7.85 -19.69 2.16
CA VAL C 88 7.59 -20.64 3.24
C VAL C 88 8.91 -21.06 3.89
N ALA C 89 9.95 -21.28 3.09
CA ALA C 89 11.25 -21.61 3.66
C ALA C 89 11.81 -20.45 4.48
N TYR C 90 11.65 -19.22 3.99
CA TYR C 90 12.10 -18.06 4.74
C TYR C 90 11.31 -17.92 6.04
N LEU C 91 10.00 -18.11 5.98
CA LEU C 91 9.17 -18.00 7.18
C LEU C 91 9.55 -19.08 8.20
N ALA C 92 9.63 -20.33 7.75
CA ALA C 92 9.94 -21.43 8.66
C ALA C 92 11.32 -21.27 9.29
N HIS C 93 12.31 -20.87 8.49
CA HIS C 93 13.66 -20.69 9.02
C HIS C 93 13.69 -19.60 10.09
N SER C 94 13.06 -18.45 9.81
CA SER C 94 13.12 -17.34 10.75
C SER C 94 12.24 -17.59 11.97
N LEU C 95 11.10 -18.28 11.79
CA LEU C 95 10.26 -18.59 12.94
C LEU C 95 10.97 -19.53 13.90
N VAL C 96 11.59 -20.59 13.37
CA VAL C 96 12.32 -21.52 14.22
C VAL C 96 13.57 -20.86 14.78
N LYS C 97 14.20 -19.97 14.02
CA LYS C 97 15.36 -19.26 14.53
C LYS C 97 14.98 -18.36 15.70
N ARG C 98 13.80 -17.73 15.65
CA ARG C 98 13.35 -16.94 16.79
C ARG C 98 13.05 -17.83 17.99
N ILE C 99 12.53 -19.03 17.75
CA ILE C 99 12.20 -19.94 18.84
C ILE C 99 13.47 -20.43 19.53
N ARG C 100 14.47 -20.83 18.72
CA ARG C 100 15.71 -21.36 19.28
C ARG C 100 16.44 -20.31 20.11
N GLU C 101 16.48 -19.07 19.62
CA GLU C 101 17.25 -18.02 20.29
C GLU C 101 16.53 -17.45 21.51
N THR C 102 15.20 -17.41 21.49
CA THR C 102 14.47 -16.89 22.64
C THR C 102 14.27 -17.95 23.72
N GLN C 103 14.26 -19.23 23.34
CA GLN C 103 14.07 -20.35 24.27
C GLN C 103 15.27 -21.27 24.14
N HIS C 104 16.37 -20.92 24.80
CA HIS C 104 17.58 -21.72 24.72
C HIS C 104 17.44 -23.06 25.43
N ASP C 105 16.49 -23.19 26.37
CA ASP C 105 16.30 -24.44 27.08
C ASP C 105 15.51 -25.47 26.28
N LEU C 106 15.01 -25.11 25.10
CA LEU C 106 14.23 -26.05 24.30
C LEU C 106 15.07 -27.18 23.73
N GLY C 107 16.37 -26.98 23.56
CA GLY C 107 17.22 -28.04 23.04
C GLY C 107 17.11 -28.25 21.55
N CYS C 108 16.52 -27.31 20.83
CA CYS C 108 16.37 -27.43 19.38
C CYS C 108 17.72 -27.19 18.72
N SER C 109 18.21 -28.19 18.00
CA SER C 109 19.57 -28.16 17.45
C SER C 109 19.59 -27.46 16.09
N ASP C 110 20.81 -27.30 15.57
CA ASP C 110 20.97 -26.73 14.23
C ASP C 110 20.38 -27.66 13.17
N LYS C 111 20.56 -28.97 13.32
CA LYS C 111 19.96 -29.92 12.38
C LYS C 111 18.45 -29.80 12.37
N ASP C 112 17.84 -29.55 13.53
CA ASP C 112 16.39 -29.37 13.59
C ASP C 112 15.97 -28.12 12.81
N LEU C 113 16.78 -27.07 12.87
CA LEU C 113 16.48 -25.87 12.09
C LEU C 113 16.66 -26.14 10.59
N LYS C 114 17.67 -26.93 10.23
CA LYS C 114 17.92 -27.20 8.82
C LYS C 114 16.84 -28.09 8.22
N CYS C 115 16.36 -29.09 8.98
CA CYS C 115 15.35 -29.99 8.44
C CYS C 115 14.02 -29.28 8.23
N VAL C 116 13.61 -28.45 9.19
CA VAL C 116 12.36 -27.71 9.03
C VAL C 116 12.46 -26.71 7.89
N THR C 117 13.65 -26.16 7.65
CA THR C 117 13.84 -25.27 6.50
C THR C 117 13.71 -26.05 5.18
N LEU C 118 14.32 -27.22 5.12
CA LEU C 118 14.19 -28.06 3.92
C LEU C 118 12.75 -28.54 3.75
N ALA C 119 12.09 -28.89 4.85
CA ALA C 119 10.70 -29.32 4.77
C ALA C 119 9.81 -28.23 4.19
N ALA C 120 9.98 -26.99 4.67
CA ALA C 120 9.20 -25.88 4.12
C ALA C 120 9.54 -25.64 2.66
N LEU C 121 10.82 -25.71 2.31
CA LEU C 121 11.24 -25.45 0.93
C LEU C 121 10.71 -26.51 -0.02
N CYS C 122 10.61 -27.76 0.44
CA CYS C 122 10.24 -28.88 -0.43
C CYS C 122 8.85 -29.42 -0.12
N HIS C 123 8.00 -28.64 0.54
CA HIS C 123 6.66 -29.12 0.86
C HIS C 123 5.77 -29.21 -0.37
N ASP C 124 6.00 -28.34 -1.37
CA ASP C 124 5.22 -28.34 -2.61
C ASP C 124 6.04 -28.81 -3.81
N LEU C 125 7.09 -29.59 -3.58
CA LEU C 125 7.97 -30.04 -4.66
C LEU C 125 7.24 -30.99 -5.62
N GLY C 126 6.29 -31.76 -5.11
CA GLY C 126 5.61 -32.76 -5.92
C GLY C 126 4.39 -32.27 -6.66
N HIS C 127 4.13 -30.97 -6.68
CA HIS C 127 2.98 -30.45 -7.40
C HIS C 127 3.18 -30.64 -8.91
N GLY C 128 2.08 -30.95 -9.60
CA GLY C 128 2.12 -31.13 -11.04
C GLY C 128 1.57 -29.93 -11.78
N PRO C 129 1.48 -30.02 -13.10
CA PRO C 129 0.95 -28.90 -13.89
C PRO C 129 -0.46 -28.53 -13.47
N PHE C 130 -0.68 -27.21 -13.36
CA PHE C 130 -1.94 -26.62 -12.89
C PHE C 130 -2.26 -27.01 -11.45
N SER C 131 -1.24 -27.44 -10.70
CA SER C 131 -1.31 -27.67 -9.25
C SER C 131 -2.34 -28.74 -8.97
N HIS C 132 -3.41 -28.45 -8.22
CA HIS C 132 -4.36 -29.48 -7.81
C HIS C 132 -5.08 -30.13 -8.98
N LEU C 133 -5.15 -29.46 -10.13
CA LEU C 133 -5.87 -30.03 -11.27
C LEU C 133 -5.21 -31.32 -11.76
N PHE C 134 -3.89 -31.43 -11.62
CA PHE C 134 -3.19 -32.65 -12.02
C PHE C 134 -3.66 -33.85 -11.20
N GLU C 135 -4.04 -33.63 -9.94
CA GLU C 135 -4.57 -34.74 -9.14
C GLU C 135 -5.89 -35.23 -9.71
N VAL C 136 -6.78 -34.31 -10.07
CA VAL C 136 -8.04 -34.70 -10.68
C VAL C 136 -7.80 -35.43 -12.00
N PHE C 137 -6.78 -34.98 -12.75
CA PHE C 137 -6.47 -35.62 -14.03
C PHE C 137 -6.02 -37.06 -13.83
N ILE C 138 -5.12 -37.28 -12.87
CA ILE C 138 -4.61 -38.63 -12.63
C ILE C 138 -5.70 -39.52 -12.03
N LYS C 139 -6.57 -38.95 -11.19
CA LYS C 139 -7.70 -39.71 -10.67
C LYS C 139 -8.60 -40.20 -11.80
N MET C 140 -8.89 -39.31 -12.78
CA MET C 140 -9.73 -39.72 -13.90
C MET C 140 -9.04 -40.76 -14.77
N ARG C 141 -7.71 -40.71 -14.87
CA ARG C 141 -6.99 -41.65 -15.73
C ARG C 141 -6.70 -42.96 -15.00
N ARG C 142 -6.04 -42.89 -13.85
CA ARG C 142 -5.64 -44.06 -13.06
C ARG C 142 -6.24 -43.93 -11.66
N PRO C 143 -7.52 -44.22 -11.49
CA PRO C 143 -8.15 -44.04 -10.18
C PRO C 143 -7.67 -45.00 -9.11
N ASP C 144 -6.97 -46.08 -9.50
CA ASP C 144 -6.51 -47.05 -8.52
C ASP C 144 -5.14 -46.71 -7.94
N ARG C 145 -4.36 -45.87 -8.62
CA ARG C 145 -3.04 -45.50 -8.11
C ARG C 145 -3.15 -44.65 -6.85
N LYS C 146 -4.25 -43.91 -6.70
CA LYS C 146 -4.49 -43.04 -5.54
C LYS C 146 -3.34 -42.04 -5.38
N TRP C 147 -2.97 -41.41 -6.48
CA TRP C 147 -1.85 -40.48 -6.48
C TRP C 147 -2.24 -39.15 -5.85
N THR C 148 -1.28 -38.52 -5.17
CA THR C 148 -1.47 -37.24 -4.53
C THR C 148 -0.17 -36.44 -4.61
N HIS C 149 -0.30 -35.11 -4.55
CA HIS C 149 0.83 -34.25 -4.89
C HIS C 149 1.94 -34.35 -3.86
N GLU C 150 1.60 -34.47 -2.58
CA GLU C 150 2.66 -34.57 -1.57
C GLU C 150 3.31 -35.94 -1.53
N GLU C 151 2.66 -36.96 -2.10
CA GLU C 151 3.35 -38.23 -2.32
C GLU C 151 4.48 -38.06 -3.32
N ALA C 152 4.23 -37.28 -4.39
CA ALA C 152 5.29 -36.97 -5.34
C ALA C 152 6.37 -36.09 -4.71
N SER C 153 6.00 -35.28 -3.72
CA SER C 153 7.00 -34.47 -3.01
C SER C 153 8.04 -35.36 -2.33
N ILE C 154 7.60 -36.51 -1.81
CA ILE C 154 8.55 -37.45 -1.21
C ILE C 154 9.50 -37.99 -2.27
N MET C 155 8.96 -38.39 -3.43
CA MET C 155 9.80 -38.95 -4.49
C MET C 155 10.80 -37.92 -5.01
N MET C 156 10.34 -36.69 -5.25
CA MET C 156 11.22 -35.66 -5.77
C MET C 156 12.30 -35.29 -4.75
N PHE C 157 11.94 -35.28 -3.46
CA PHE C 157 12.92 -35.00 -2.41
C PHE C 157 14.03 -36.03 -2.40
N ASP C 158 13.67 -37.32 -2.50
CA ASP C 158 14.68 -38.37 -2.55
C ASP C 158 15.55 -38.23 -3.79
N ASP C 159 14.93 -37.96 -4.95
CA ASP C 159 15.68 -37.87 -6.20
C ASP C 159 16.68 -36.72 -6.15
N LEU C 160 16.30 -35.59 -5.54
CA LEU C 160 17.24 -34.50 -5.39
C LEU C 160 18.43 -34.93 -4.54
N LEU C 161 18.17 -35.66 -3.46
CA LEU C 161 19.25 -36.13 -2.59
C LEU C 161 20.13 -37.16 -3.28
N LYS C 162 19.59 -37.90 -4.24
CA LYS C 162 20.39 -38.89 -4.96
C LYS C 162 21.30 -38.24 -5.98
N GLU C 163 20.79 -37.26 -6.73
CA GLU C 163 21.58 -36.59 -7.76
C GLU C 163 22.46 -35.48 -7.20
N HIS C 164 22.24 -35.05 -5.96
CA HIS C 164 23.02 -33.99 -5.34
C HIS C 164 23.35 -34.36 -3.91
N LYS C 165 23.91 -35.55 -3.71
CA LYS C 165 24.28 -36.00 -2.36
C LYS C 165 25.39 -35.15 -1.77
N GLU C 166 26.12 -34.40 -2.59
CA GLU C 166 27.18 -33.54 -2.06
C GLU C 166 26.62 -32.43 -1.19
N ILE C 167 25.51 -31.82 -1.61
CA ILE C 167 24.89 -30.76 -0.83
C ILE C 167 24.15 -31.28 0.39
N ALA C 168 23.98 -32.61 0.50
CA ALA C 168 23.29 -33.22 1.63
C ALA C 168 24.22 -34.16 2.40
N TYR C 169 25.51 -33.82 2.44
CA TYR C 169 26.46 -34.68 3.13
C TYR C 169 26.18 -34.73 4.63
N ASP C 170 25.77 -33.60 5.20
CA ASP C 170 25.50 -33.54 6.64
C ASP C 170 24.17 -34.15 7.03
N LEU C 171 23.35 -34.58 6.06
CA LEU C 171 22.04 -35.12 6.36
C LEU C 171 22.14 -36.60 6.69
N ASP C 172 21.58 -36.99 7.84
CA ASP C 172 21.60 -38.37 8.27
C ASP C 172 20.32 -39.09 7.86
N ASP C 173 20.30 -40.41 8.05
CA ASP C 173 19.14 -41.19 7.65
C ASP C 173 17.94 -40.87 8.52
N GLU C 174 18.14 -40.68 9.83
CA GLU C 174 17.05 -40.23 10.68
C GLU C 174 16.69 -38.78 10.36
N ASP C 175 17.67 -37.97 9.96
CA ASP C 175 17.37 -36.61 9.53
C ASP C 175 16.50 -36.61 8.28
N LYS C 176 16.85 -37.44 7.30
CA LYS C 176 16.10 -37.47 6.04
C LYS C 176 14.64 -37.81 6.27
N LEU C 177 14.35 -38.74 7.18
CA LEU C 177 12.97 -39.07 7.48
C LEU C 177 12.29 -37.97 8.28
N PHE C 178 13.04 -37.21 9.06
CA PHE C 178 12.46 -36.08 9.79
C PHE C 178 11.90 -35.05 8.83
N ILE C 179 12.67 -34.70 7.79
CA ILE C 179 12.18 -33.76 6.78
C ILE C 179 10.91 -34.26 6.13
N LYS C 180 10.89 -35.55 5.75
CA LYS C 180 9.72 -36.09 5.07
C LYS C 180 8.50 -36.13 5.98
N ASP C 181 8.69 -36.34 7.28
CA ASP C 181 7.56 -36.37 8.21
C ASP C 181 7.03 -34.97 8.48
N LEU C 182 7.88 -33.95 8.40
CA LEU C 182 7.41 -32.58 8.57
C LEU C 182 6.64 -32.10 7.35
N ILE C 183 7.00 -32.56 6.15
CA ILE C 183 6.28 -32.17 4.94
C ILE C 183 4.83 -32.63 5.02
N THR C 184 4.61 -33.87 5.47
CA THR C 184 3.25 -34.39 5.56
C THR C 184 2.56 -33.98 6.85
N GLY C 185 3.33 -33.68 7.89
CA GLY C 185 2.75 -33.34 9.17
C GLY C 185 2.22 -34.55 9.93
N LYS C 186 2.18 -34.47 11.25
CA LYS C 186 1.68 -35.55 12.08
C LYS C 186 0.79 -34.99 13.18
N LYS C 187 -0.19 -35.79 13.58
CA LYS C 187 -1.11 -35.42 14.64
C LYS C 187 -0.37 -35.33 15.98
N PRO C 188 -0.91 -34.58 16.95
CA PRO C 188 -0.19 -34.40 18.22
C PRO C 188 0.08 -35.69 18.99
N GLU C 189 -0.59 -36.80 18.64
CA GLU C 189 -0.36 -38.07 19.32
C GLU C 189 0.83 -38.84 18.75
N ASP C 190 1.08 -38.74 17.45
CA ASP C 190 2.15 -39.48 16.79
C ASP C 190 3.31 -38.57 16.37
N THR C 191 3.66 -37.57 17.20
CA THR C 191 4.77 -36.68 16.86
C THR C 191 6.13 -37.30 17.15
N GLY C 192 6.27 -37.95 18.30
CA GLY C 192 7.55 -38.46 18.73
C GLY C 192 8.27 -37.52 19.67
N ASN C 193 9.59 -37.72 19.75
CA ASN C 193 10.45 -36.98 20.67
C ASN C 193 11.45 -36.10 19.94
N ARG C 194 11.35 -35.97 18.62
CA ARG C 194 12.26 -35.13 17.84
C ARG C 194 11.60 -33.78 17.62
N SER C 195 11.70 -32.91 18.64
CA SER C 195 11.17 -31.55 18.64
C SER C 195 9.72 -31.53 18.16
N PRO C 196 8.77 -31.95 18.99
CA PRO C 196 7.39 -32.10 18.50
C PRO C 196 6.76 -30.80 18.03
N TYR C 197 7.17 -29.66 18.60
CA TYR C 197 6.64 -28.37 18.19
C TYR C 197 6.97 -28.04 16.74
N LEU C 198 8.05 -28.62 16.19
CA LEU C 198 8.42 -28.34 14.81
C LEU C 198 7.36 -28.80 13.82
N PHE C 199 6.47 -29.70 14.22
CA PHE C 199 5.39 -30.14 13.34
C PHE C 199 4.29 -29.10 13.19
N ASP C 200 4.32 -28.04 13.98
CA ASP C 200 3.36 -26.95 13.87
C ASP C 200 3.81 -25.88 12.88
N VAL C 201 4.97 -26.05 12.24
CA VAL C 201 5.60 -25.00 11.46
C VAL C 201 5.15 -25.05 10.00
N VAL C 202 5.42 -26.17 9.33
CA VAL C 202 5.18 -26.28 7.88
C VAL C 202 3.84 -26.92 7.60
N ALA C 203 3.60 -28.11 8.15
CA ALA C 203 2.35 -28.85 7.94
C ALA C 203 1.73 -29.10 9.31
N ASN C 204 0.78 -28.25 9.69
CA ASN C 204 0.15 -28.30 10.99
C ASN C 204 -1.09 -29.19 10.95
N LYS C 205 -1.05 -30.31 11.68
CA LYS C 205 -2.20 -31.20 11.77
C LYS C 205 -3.05 -30.95 13.01
N ARG C 206 -2.53 -30.22 14.00
CA ARG C 206 -3.27 -29.92 15.21
C ARG C 206 -3.97 -28.57 15.14
N ASN C 207 -3.30 -27.55 14.62
CA ASN C 207 -3.83 -26.19 14.55
C ASN C 207 -4.22 -25.75 13.15
N SER C 208 -3.60 -26.31 12.11
CA SER C 208 -3.69 -25.79 10.75
C SER C 208 -3.19 -24.35 10.65
N ILE C 209 -2.41 -23.92 11.64
CA ILE C 209 -1.81 -22.59 11.64
C ILE C 209 -0.32 -22.75 11.36
N ASP C 210 0.06 -22.62 10.10
CA ASP C 210 1.42 -22.87 9.66
C ASP C 210 1.89 -21.75 8.73
N VAL C 211 3.21 -21.66 8.58
CA VAL C 211 3.79 -20.60 7.76
C VAL C 211 3.50 -20.80 6.27
N ASP C 212 3.19 -22.01 5.84
CA ASP C 212 2.78 -22.22 4.45
C ASP C 212 1.48 -21.47 4.15
N LYS C 213 0.51 -21.55 5.06
CA LYS C 213 -0.71 -20.76 4.91
C LYS C 213 -0.42 -19.26 5.04
N PHE C 214 0.56 -18.89 5.88
CA PHE C 214 0.89 -17.47 6.02
C PHE C 214 1.33 -16.89 4.68
N ASP C 215 2.04 -17.68 3.88
CA ASP C 215 2.60 -17.15 2.65
C ASP C 215 1.54 -17.02 1.56
N TYR C 216 0.86 -18.11 1.23
CA TYR C 216 0.03 -18.08 0.03
C TYR C 216 -1.24 -17.26 0.25
N LEU C 217 -1.75 -17.20 1.48
CA LEU C 217 -2.89 -16.34 1.75
C LEU C 217 -2.56 -14.90 1.39
N ALA C 218 -1.39 -14.42 1.82
CA ALA C 218 -0.99 -13.06 1.49
C ALA C 218 -0.53 -12.93 0.05
N ARG C 219 0.16 -13.95 -0.47
CA ARG C 219 0.67 -13.89 -1.84
C ARG C 219 -0.48 -13.89 -2.84
N ASP C 220 -1.46 -14.77 -2.65
CA ASP C 220 -2.62 -14.80 -3.54
C ASP C 220 -3.45 -13.54 -3.39
N CYS C 221 -3.61 -13.04 -2.16
CA CYS C 221 -4.30 -11.76 -1.96
C CYS C 221 -3.62 -10.65 -2.75
N TYR C 222 -2.30 -10.56 -2.62
CA TYR C 222 -1.54 -9.54 -3.36
C TYR C 222 -1.77 -9.66 -4.85
N TYR C 223 -1.62 -10.85 -5.42
CA TYR C 223 -1.64 -10.99 -6.87
C TYR C 223 -3.04 -10.95 -7.46
N LEU C 224 -4.05 -11.44 -6.72
CA LEU C 224 -5.42 -11.32 -7.19
C LEU C 224 -5.96 -9.90 -7.08
N GLY C 225 -5.24 -9.01 -6.41
CA GLY C 225 -5.76 -7.67 -6.18
C GLY C 225 -6.86 -7.64 -5.14
N MET C 226 -6.75 -8.44 -4.09
CA MET C 226 -7.75 -8.54 -3.04
C MET C 226 -7.14 -8.12 -1.70
N LYS C 227 -8.03 -7.86 -0.74
CA LYS C 227 -7.63 -7.35 0.56
C LYS C 227 -7.96 -8.39 1.64
N SER C 228 -7.21 -8.33 2.74
CA SER C 228 -7.39 -9.26 3.84
C SER C 228 -7.04 -8.56 5.15
N VAL C 229 -7.74 -8.96 6.22
CA VAL C 229 -7.48 -8.43 7.55
C VAL C 229 -6.38 -9.20 8.27
N PHE C 230 -6.20 -10.47 7.94
CA PHE C 230 -5.26 -11.32 8.66
C PHE C 230 -3.82 -10.79 8.52
N ASP C 231 -3.11 -10.76 9.65
CA ASP C 231 -1.76 -10.21 9.74
C ASP C 231 -0.84 -11.31 10.24
N PHE C 232 -0.13 -11.97 9.33
CA PHE C 232 0.70 -13.10 9.73
C PHE C 232 1.95 -12.67 10.48
N SER C 233 2.38 -11.42 10.32
CA SER C 233 3.59 -10.96 11.01
C SER C 233 3.42 -10.97 12.52
N ARG C 234 2.20 -10.73 13.01
CA ARG C 234 1.99 -10.78 14.45
C ARG C 234 2.04 -12.20 14.97
N LEU C 235 1.53 -13.16 14.19
CA LEU C 235 1.68 -14.57 14.55
C LEU C 235 3.12 -15.03 14.42
N MET C 236 3.93 -14.34 13.62
CA MET C 236 5.33 -14.73 13.44
C MET C 236 6.15 -14.37 14.67
N ASN C 237 5.88 -13.22 15.28
CA ASN C 237 6.71 -12.68 16.34
C ASN C 237 6.14 -12.87 17.74
N TYR C 238 4.82 -13.01 17.88
CA TYR C 238 4.19 -13.12 19.19
C TYR C 238 3.67 -14.54 19.44
N SER C 239 4.48 -15.52 19.08
CA SER C 239 4.21 -16.92 19.39
C SER C 239 5.28 -17.42 20.34
N ARG C 240 5.10 -18.65 20.80
CA ARG C 240 6.00 -19.25 21.77
C ARG C 240 5.70 -20.75 21.82
N VAL C 241 6.62 -21.51 22.41
CA VAL C 241 6.53 -22.95 22.49
C VAL C 241 6.22 -23.36 23.92
N SER C 242 5.13 -24.10 24.09
CA SER C 242 4.75 -24.65 25.38
C SER C 242 3.84 -25.85 25.14
N ASP C 243 3.97 -26.87 26.00
CA ASP C 243 3.15 -28.08 25.92
C ASP C 243 3.32 -28.79 24.58
N ASP C 244 4.57 -28.85 24.10
CA ASP C 244 4.93 -29.55 22.87
C ASP C 244 4.22 -28.97 21.64
N GLN C 245 3.86 -27.69 21.70
CA GLN C 245 3.14 -27.06 20.61
C GLN C 245 3.44 -25.57 20.59
N ILE C 246 3.16 -24.94 19.46
CA ILE C 246 3.33 -23.50 19.32
C ILE C 246 2.07 -22.82 19.86
N THR C 247 2.24 -21.96 20.87
CA THR C 247 1.14 -21.25 21.48
C THR C 247 1.24 -19.76 21.15
N TYR C 248 0.08 -19.11 21.07
CA TYR C 248 -0.02 -17.74 20.59
C TYR C 248 -0.58 -16.84 21.68
N ASP C 249 -0.28 -15.54 21.55
CA ASP C 249 -0.82 -14.55 22.46
C ASP C 249 -2.35 -14.57 22.42
N PHE C 250 -2.97 -14.50 23.59
CA PHE C 250 -4.43 -14.46 23.64
C PHE C 250 -5.00 -13.16 23.10
N LYS C 251 -4.16 -12.16 22.86
CA LYS C 251 -4.56 -10.96 22.14
C LYS C 251 -4.59 -11.17 20.62
N GLU C 252 -4.06 -12.30 20.14
CA GLU C 252 -4.06 -12.63 18.72
C GLU C 252 -5.20 -13.55 18.34
N SER C 253 -6.15 -13.78 19.24
CA SER C 253 -7.22 -14.73 18.97
C SER C 253 -8.06 -14.31 17.77
N TYR C 254 -8.39 -13.02 17.69
CA TYR C 254 -9.17 -12.56 16.54
C TYR C 254 -8.35 -12.55 15.26
N ASN C 255 -7.02 -12.40 15.38
CA ASN C 255 -6.17 -12.53 14.20
C ASN C 255 -6.16 -13.96 13.68
N ILE C 256 -6.21 -14.94 14.58
CA ILE C 256 -6.31 -16.33 14.13
C ILE C 256 -7.65 -16.57 13.46
N TYR C 257 -8.71 -15.91 13.94
CA TYR C 257 -10.00 -15.96 13.25
C TYR C 257 -9.85 -15.49 11.81
N GLU C 258 -9.14 -14.38 11.60
CA GLU C 258 -9.01 -13.80 10.27
C GLU C 258 -8.16 -14.65 9.33
N LEU C 259 -7.33 -15.55 9.87
CA LEU C 259 -6.60 -16.49 9.01
C LEU C 259 -7.57 -17.32 8.20
N PHE C 260 -8.39 -18.12 8.87
CA PHE C 260 -9.35 -18.97 8.18
C PHE C 260 -10.44 -18.15 7.50
N HIS C 261 -10.68 -16.92 7.95
CA HIS C 261 -11.59 -16.04 7.24
C HIS C 261 -11.04 -15.65 5.87
N THR C 262 -9.73 -15.40 5.80
CA THR C 262 -9.11 -15.09 4.51
C THR C 262 -9.16 -16.29 3.57
N ARG C 263 -8.90 -17.49 4.10
CA ARG C 263 -9.00 -18.68 3.26
C ARG C 263 -10.44 -18.90 2.80
N TYR C 264 -11.39 -18.72 3.71
CA TYR C 264 -12.80 -18.84 3.33
C TYR C 264 -13.16 -17.84 2.24
N SER C 265 -12.78 -16.58 2.42
CA SER C 265 -13.09 -15.55 1.44
C SER C 265 -12.38 -15.80 0.12
N LEU C 266 -11.11 -16.21 0.18
CA LEU C 266 -10.39 -16.54 -1.05
C LEU C 266 -11.07 -17.66 -1.81
N HIS C 267 -11.57 -18.68 -1.09
CA HIS C 267 -12.30 -19.75 -1.75
C HIS C 267 -13.59 -19.25 -2.38
N LYS C 268 -14.29 -18.36 -1.67
CA LYS C 268 -15.59 -17.89 -2.14
C LYS C 268 -15.49 -16.84 -3.24
N LYS C 269 -14.33 -16.21 -3.42
CA LYS C 269 -14.19 -15.12 -4.36
C LYS C 269 -13.41 -15.50 -5.62
N ALA C 270 -12.30 -16.21 -5.47
CA ALA C 270 -11.42 -16.49 -6.61
C ALA C 270 -11.22 -17.97 -6.86
N TYR C 271 -10.84 -18.73 -5.82
CA TYR C 271 -10.46 -20.14 -6.01
C TYR C 271 -11.58 -20.94 -6.68
N ASN C 272 -12.82 -20.72 -6.26
CA ASN C 272 -13.96 -21.50 -6.73
C ASN C 272 -14.78 -20.78 -7.80
N HIS C 273 -14.14 -19.88 -8.55
CA HIS C 273 -14.84 -19.18 -9.60
C HIS C 273 -15.40 -20.16 -10.63
N ARG C 274 -16.59 -19.85 -11.14
CA ARG C 274 -17.32 -20.80 -11.96
C ARG C 274 -16.68 -20.97 -13.33
N VAL C 275 -16.23 -19.88 -13.95
CA VAL C 275 -15.59 -19.99 -15.25
C VAL C 275 -14.23 -20.66 -15.11
N GLY C 276 -13.53 -20.39 -14.01
CA GLY C 276 -12.28 -21.09 -13.74
C GLY C 276 -12.47 -22.59 -13.69
N LYS C 277 -13.61 -23.04 -13.16
CA LYS C 277 -13.90 -24.48 -13.12
C LYS C 277 -14.25 -24.99 -14.51
N ALA C 278 -14.98 -24.19 -15.29
CA ALA C 278 -15.28 -24.60 -16.66
C ALA C 278 -14.02 -24.72 -17.49
N ILE C 279 -13.09 -23.77 -17.34
CA ILE C 279 -11.80 -23.89 -18.01
C ILE C 279 -11.03 -25.08 -17.46
N ASP C 280 -11.21 -25.40 -16.18
CA ASP C 280 -10.53 -26.56 -15.58
C ASP C 280 -10.94 -27.85 -16.28
N TYR C 281 -12.22 -28.00 -16.60
CA TYR C 281 -12.69 -29.22 -17.26
C TYR C 281 -12.23 -29.29 -18.70
N MET C 282 -12.02 -28.14 -19.34
CA MET C 282 -11.49 -28.15 -20.70
C MET C 282 -10.02 -28.56 -20.71
N ILE C 283 -9.24 -28.08 -19.74
CA ILE C 283 -7.86 -28.49 -19.62
C ILE C 283 -7.78 -29.99 -19.36
N LEU C 284 -8.71 -30.52 -18.55
CA LEU C 284 -8.73 -31.95 -18.28
C LEU C 284 -9.01 -32.74 -19.55
N ASP C 285 -10.07 -32.37 -20.28
CA ASP C 285 -10.40 -33.06 -21.52
C ASP C 285 -9.25 -32.99 -22.52
N ALA C 286 -8.50 -31.90 -22.53
CA ALA C 286 -7.34 -31.83 -23.41
C ALA C 286 -6.25 -32.79 -22.96
N LEU C 287 -5.96 -32.82 -21.64
CA LEU C 287 -4.92 -33.70 -21.13
C LEU C 287 -5.30 -35.16 -21.33
N ILE C 288 -6.59 -35.49 -21.18
CA ILE C 288 -7.03 -36.86 -21.39
C ILE C 288 -6.85 -37.25 -22.85
N ALA C 289 -7.25 -36.38 -23.77
CA ALA C 289 -7.15 -36.69 -25.19
C ALA C 289 -5.69 -36.87 -25.61
N ALA C 290 -4.80 -36.02 -25.12
CA ALA C 290 -3.39 -36.11 -25.45
C ALA C 290 -2.64 -37.13 -24.61
N ASP C 291 -3.34 -37.88 -23.76
CA ASP C 291 -2.64 -38.82 -22.87
C ASP C 291 -2.08 -40.03 -23.61
N PRO C 292 -2.81 -40.70 -24.50
CA PRO C 292 -2.25 -41.92 -25.11
C PRO C 292 -0.93 -41.70 -25.86
N VAL C 293 -0.74 -40.55 -26.49
CA VAL C 293 0.47 -40.30 -27.27
C VAL C 293 1.61 -39.79 -26.39
N LEU C 294 1.33 -38.83 -25.51
CA LEU C 294 2.37 -38.23 -24.70
C LEU C 294 2.61 -38.95 -23.39
N GLU C 295 1.66 -39.79 -22.95
CA GLU C 295 1.77 -40.52 -21.68
C GLU C 295 1.98 -39.54 -20.51
N ILE C 296 1.06 -38.57 -20.40
CA ILE C 296 1.14 -37.57 -19.34
C ILE C 296 0.91 -38.22 -17.98
N SER C 297 -0.07 -39.13 -17.89
CA SER C 297 -0.38 -39.78 -16.62
C SER C 297 0.67 -40.78 -16.18
N LYS C 298 1.72 -40.99 -16.97
CA LYS C 298 2.79 -41.91 -16.60
C LYS C 298 4.06 -41.20 -16.14
N SER C 299 4.13 -39.88 -16.32
CA SER C 299 5.32 -39.13 -15.92
C SER C 299 5.54 -39.16 -14.41
N ILE C 300 4.50 -39.48 -13.62
CA ILE C 300 4.65 -39.55 -12.17
C ILE C 300 5.32 -40.83 -11.70
N ASP C 301 5.48 -41.82 -12.58
CA ASP C 301 6.10 -43.07 -12.17
C ASP C 301 7.61 -42.94 -12.01
N LYS C 302 8.24 -42.04 -12.75
CA LYS C 302 9.68 -41.83 -12.67
C LYS C 302 9.99 -40.38 -12.38
N PRO C 303 10.96 -40.10 -11.49
CA PRO C 303 11.36 -38.70 -11.27
C PRO C 303 11.95 -38.05 -12.51
N SER C 304 12.67 -38.81 -13.34
CA SER C 304 13.23 -38.26 -14.57
C SER C 304 12.13 -37.78 -15.51
N GLU C 305 11.01 -38.51 -15.55
CA GLU C 305 9.87 -38.07 -16.36
C GLU C 305 9.12 -36.92 -15.70
N TYR C 306 9.11 -36.86 -14.37
CA TYR C 306 8.39 -35.78 -13.69
C TYR C 306 9.13 -34.46 -13.80
N LEU C 307 10.45 -34.49 -13.98
CA LEU C 307 11.23 -33.26 -14.17
C LEU C 307 10.68 -32.45 -15.33
N LYS C 308 10.34 -33.10 -16.44
CA LYS C 308 9.89 -32.44 -17.65
C LYS C 308 8.39 -32.12 -17.64
N MET C 309 7.66 -32.53 -16.61
CA MET C 309 6.22 -32.29 -16.53
C MET C 309 5.96 -30.98 -15.78
N ASP C 310 5.38 -30.01 -16.47
CA ASP C 310 4.95 -28.76 -15.85
C ASP C 310 3.84 -28.16 -16.72
N ASP C 311 3.58 -26.87 -16.54
CA ASP C 311 2.46 -26.23 -17.23
C ASP C 311 2.71 -26.02 -18.71
N THR C 312 3.96 -26.08 -19.17
CA THR C 312 4.25 -25.90 -20.60
C THR C 312 3.72 -27.04 -21.45
N ILE C 313 3.19 -28.11 -20.84
CA ILE C 313 2.61 -29.20 -21.62
C ILE C 313 1.44 -28.67 -22.45
N LEU C 314 0.71 -27.67 -21.94
CA LEU C 314 -0.40 -27.12 -22.70
C LEU C 314 0.08 -26.48 -23.99
N ASN C 315 1.25 -25.82 -23.95
CA ASN C 315 1.80 -25.23 -25.16
C ASN C 315 2.31 -26.32 -26.11
N ARG C 316 2.90 -27.38 -25.56
CA ARG C 316 3.39 -28.46 -26.41
C ARG C 316 2.27 -29.10 -27.22
N ILE C 317 1.13 -29.36 -26.58
CA ILE C 317 -0.02 -29.88 -27.31
C ILE C 317 -0.52 -28.85 -28.32
N GLU C 318 -0.61 -27.59 -27.90
CA GLU C 318 -1.14 -26.55 -28.77
C GLU C 318 -0.29 -26.37 -30.03
N TYR C 319 1.03 -26.47 -29.89
CA TYR C 319 1.95 -26.22 -30.99
C TYR C 319 2.40 -27.51 -31.68
N SER C 320 1.77 -28.64 -31.37
CA SER C 320 2.11 -29.90 -32.02
C SER C 320 1.52 -29.94 -33.42
N ASP C 321 2.34 -30.34 -34.38
CA ASP C 321 1.90 -30.42 -35.77
C ASP C 321 1.59 -31.85 -36.21
N SER C 322 1.48 -32.78 -35.26
CA SER C 322 1.18 -34.16 -35.61
C SER C 322 -0.28 -34.31 -36.06
N ASP C 323 -0.55 -35.38 -36.81
CA ASP C 323 -1.87 -35.66 -37.33
C ASP C 323 -2.57 -36.77 -36.58
N ASP C 324 -2.22 -36.99 -35.31
CA ASP C 324 -2.89 -37.99 -34.51
C ASP C 324 -4.28 -37.52 -34.12
N PRO C 325 -5.32 -38.35 -34.29
CA PRO C 325 -6.68 -37.90 -33.94
C PRO C 325 -6.84 -37.51 -32.48
N ASP C 326 -6.02 -38.05 -31.57
CA ASP C 326 -6.04 -37.63 -30.18
C ASP C 326 -5.59 -36.17 -30.04
N LEU C 327 -4.40 -35.87 -30.55
CA LEU C 327 -3.87 -34.51 -30.45
C LEU C 327 -4.73 -33.52 -31.23
N LYS C 328 -5.37 -33.97 -32.31
CA LYS C 328 -6.26 -33.08 -33.05
C LYS C 328 -7.46 -32.69 -32.21
N LYS C 329 -8.02 -33.64 -31.46
CA LYS C 329 -9.10 -33.32 -30.55
C LYS C 329 -8.61 -32.44 -29.43
N SER C 330 -7.39 -32.69 -28.95
CA SER C 330 -6.83 -31.91 -27.85
C SER C 330 -6.51 -30.49 -28.29
N LYS C 331 -6.00 -30.32 -29.52
CA LYS C 331 -5.74 -28.97 -30.03
C LYS C 331 -7.03 -28.18 -30.21
N GLU C 332 -8.13 -28.85 -30.55
CA GLU C 332 -9.39 -28.14 -30.70
C GLU C 332 -9.87 -27.58 -29.37
N ILE C 333 -9.75 -28.36 -28.29
CA ILE C 333 -10.14 -27.88 -26.97
C ILE C 333 -9.29 -26.69 -26.56
N ILE C 334 -7.97 -26.77 -26.80
CA ILE C 334 -7.09 -25.68 -26.46
C ILE C 334 -7.43 -24.43 -27.27
N ARG C 335 -7.72 -24.61 -28.55
CA ARG C 335 -8.15 -23.48 -29.37
C ARG C 335 -9.48 -22.91 -28.87
N ARG C 336 -10.33 -23.76 -28.28
CA ARG C 336 -11.58 -23.26 -27.72
C ARG C 336 -11.32 -22.36 -26.51
N ILE C 337 -10.27 -22.64 -25.74
CA ILE C 337 -9.89 -21.77 -24.64
C ILE C 337 -9.48 -20.40 -25.16
N ARG C 338 -8.63 -20.38 -26.18
CA ARG C 338 -8.10 -19.12 -26.70
C ARG C 338 -9.19 -18.24 -27.29
N LYS C 339 -10.21 -18.84 -27.90
CA LYS C 339 -11.30 -18.10 -28.50
C LYS C 339 -12.45 -17.85 -27.53
N ARG C 340 -12.28 -18.21 -26.25
CA ARG C 340 -13.29 -18.00 -25.21
C ARG C 340 -14.61 -18.70 -25.54
N ASP C 341 -14.56 -19.79 -26.30
CA ASP C 341 -15.73 -20.62 -26.53
C ASP C 341 -15.77 -21.77 -25.51
N LEU C 342 -15.89 -21.38 -24.24
CA LEU C 342 -15.70 -22.31 -23.14
C LEU C 342 -16.98 -23.09 -22.86
N TYR C 343 -16.85 -24.10 -22.00
CA TYR C 343 -18.02 -24.80 -21.50
C TYR C 343 -18.86 -23.82 -20.68
N LYS C 344 -20.13 -23.71 -21.03
CA LYS C 344 -21.00 -22.75 -20.36
C LYS C 344 -21.61 -23.35 -19.10
N PHE C 345 -22.06 -22.48 -18.21
CA PHE C 345 -22.76 -22.89 -17.00
C PHE C 345 -24.23 -23.14 -17.33
N VAL C 346 -24.79 -24.19 -16.72
CA VAL C 346 -26.21 -24.49 -16.86
C VAL C 346 -26.97 -24.01 -15.63
N ASP C 347 -26.85 -24.74 -14.52
CA ASP C 347 -27.62 -24.43 -13.31
C ASP C 347 -26.89 -24.99 -12.10
N GLU C 348 -27.09 -24.33 -10.96
CA GLU C 348 -26.45 -24.71 -9.70
C GLU C 348 -27.51 -24.95 -8.63
N PHE C 349 -27.17 -25.82 -7.68
CA PHE C 349 -28.10 -26.18 -6.62
C PHE C 349 -27.31 -26.43 -5.34
N LEU C 350 -27.67 -25.70 -4.27
CA LEU C 350 -27.12 -25.91 -2.95
C LEU C 350 -28.09 -26.80 -2.17
N VAL C 351 -27.63 -27.99 -1.79
CA VAL C 351 -28.51 -28.91 -1.09
C VAL C 351 -28.64 -28.46 0.36
N PRO C 352 -29.82 -28.54 0.96
CA PRO C 352 -29.96 -28.14 2.38
C PRO C 352 -29.28 -29.14 3.30
N LYS C 353 -28.97 -28.66 4.50
CA LYS C 353 -28.33 -29.51 5.51
C LYS C 353 -29.21 -30.71 5.85
N ASP C 354 -30.52 -30.58 5.70
CA ASP C 354 -31.41 -31.69 5.98
C ASP C 354 -31.24 -32.81 4.96
N LEU C 355 -30.89 -32.48 3.72
CA LEU C 355 -30.77 -33.48 2.67
C LEU C 355 -29.32 -33.86 2.39
N LYS C 356 -28.37 -33.41 3.22
CA LYS C 356 -26.96 -33.71 2.97
C LYS C 356 -26.67 -35.21 3.03
N GLY C 357 -27.46 -35.96 3.80
CA GLY C 357 -27.22 -37.39 3.92
C GLY C 357 -27.59 -38.19 2.69
N LYS C 358 -28.51 -37.67 1.89
CA LYS C 358 -28.97 -38.42 0.69
C LYS C 358 -28.00 -38.23 -0.49
N PHE C 359 -27.09 -37.26 -0.43
CA PHE C 359 -26.24 -36.97 -1.58
C PHE C 359 -25.21 -38.07 -1.80
N GLU C 360 -24.96 -38.38 -3.07
CA GLU C 360 -23.87 -39.25 -3.47
C GLU C 360 -23.43 -38.83 -4.86
N LYS C 361 -22.12 -38.59 -5.02
CA LYS C 361 -21.60 -38.10 -6.29
C LYS C 361 -21.92 -39.06 -7.44
N ASP C 362 -21.62 -40.35 -7.25
CA ASP C 362 -21.87 -41.32 -8.30
C ASP C 362 -23.36 -41.50 -8.55
N LYS C 363 -24.16 -41.51 -7.49
CA LYS C 363 -25.60 -41.73 -7.65
C LYS C 363 -26.26 -40.56 -8.38
N ILE C 364 -25.94 -39.33 -7.97
CA ILE C 364 -26.56 -38.15 -8.60
C ILE C 364 -26.12 -38.00 -10.04
N THR C 365 -24.93 -38.49 -10.38
CA THR C 365 -24.47 -38.43 -11.77
C THR C 365 -25.27 -39.39 -12.65
N LYS C 366 -25.57 -40.59 -12.13
CA LYS C 366 -26.27 -41.58 -12.94
C LYS C 366 -27.69 -41.14 -13.24
N ILE C 367 -28.41 -40.62 -12.25
CA ILE C 367 -29.79 -40.22 -12.47
C ILE C 367 -29.86 -39.02 -13.40
N ILE C 368 -28.89 -38.10 -13.30
CA ILE C 368 -28.88 -36.94 -14.18
C ILE C 368 -28.60 -37.37 -15.61
N THR C 369 -27.57 -38.21 -15.81
CA THR C 369 -27.26 -38.70 -17.15
C THR C 369 -28.40 -39.54 -17.71
N ASP C 370 -29.10 -40.29 -16.86
CA ASP C 370 -30.27 -41.04 -17.31
C ASP C 370 -31.37 -40.11 -17.79
N GLN C 371 -31.52 -38.95 -17.12
CA GLN C 371 -32.54 -37.99 -17.54
C GLN C 371 -32.21 -37.38 -18.89
N LEU C 372 -30.93 -37.12 -19.16
CA LEU C 372 -30.53 -36.66 -20.48
C LEU C 372 -30.72 -37.76 -21.52
N GLU C 373 -30.38 -39.00 -21.17
CA GLU C 373 -30.55 -40.11 -22.10
C GLU C 373 -32.03 -40.37 -22.38
N HIS C 374 -32.88 -40.26 -21.36
CA HIS C 374 -34.31 -40.48 -21.55
C HIS C 374 -34.94 -39.34 -22.32
N ASP C 375 -34.87 -38.12 -21.78
CA ASP C 375 -35.47 -36.94 -22.40
C ASP C 375 -34.38 -35.88 -22.55
N GLY C 376 -33.77 -35.82 -23.72
CA GLY C 376 -32.75 -34.82 -24.00
C GLY C 376 -31.79 -35.31 -25.07
N LEU C 377 -30.52 -34.94 -24.91
CA LEU C 377 -29.48 -35.31 -25.87
C LEU C 377 -28.43 -36.19 -25.21
N LYS C 378 -27.25 -36.31 -25.84
CA LYS C 378 -26.22 -37.21 -25.33
C LYS C 378 -25.67 -36.74 -24.00
N LYS C 379 -25.18 -37.69 -23.21
CA LYS C 379 -24.57 -37.42 -21.91
C LYS C 379 -23.21 -36.73 -22.03
N GLU C 380 -22.60 -36.76 -23.22
CA GLU C 380 -21.27 -36.18 -23.40
C GLU C 380 -21.27 -34.68 -23.14
N TYR C 381 -22.40 -34.02 -23.36
CA TYR C 381 -22.49 -32.58 -23.19
C TYR C 381 -22.42 -32.19 -21.72
N VAL C 382 -23.09 -32.94 -20.85
CA VAL C 382 -23.26 -32.52 -19.45
C VAL C 382 -22.02 -32.86 -18.64
N ILE C 383 -21.68 -31.98 -17.71
CA ILE C 383 -20.63 -32.20 -16.72
C ILE C 383 -21.22 -31.89 -15.36
N VAL C 384 -21.24 -32.89 -14.48
CA VAL C 384 -21.75 -32.72 -13.12
C VAL C 384 -20.54 -32.48 -12.21
N ASP C 385 -20.43 -31.26 -11.70
CA ASP C 385 -19.34 -30.88 -10.83
C ASP C 385 -19.83 -30.81 -9.39
N ILE C 386 -18.96 -31.18 -8.45
CA ILE C 386 -19.24 -31.11 -7.03
C ILE C 386 -18.38 -30.02 -6.41
N LEU C 387 -18.97 -29.22 -5.55
CA LEU C 387 -18.27 -28.14 -4.86
C LEU C 387 -18.43 -28.34 -3.35
N ILE C 388 -17.32 -28.61 -2.67
CA ILE C 388 -17.30 -28.83 -1.23
C ILE C 388 -16.53 -27.67 -0.62
N LEU C 389 -17.19 -26.90 0.24
CA LEU C 389 -16.58 -25.78 0.95
C LEU C 389 -16.60 -26.09 2.44
N ASN C 390 -15.43 -26.34 3.01
CA ASN C 390 -15.30 -26.71 4.42
C ASN C 390 -14.44 -25.67 5.12
N TYR C 391 -15.04 -24.97 6.08
CA TYR C 391 -14.31 -24.00 6.90
C TYR C 391 -13.54 -24.73 7.99
N GLY C 392 -12.23 -24.48 8.06
CA GLY C 392 -11.42 -25.15 9.07
C GLY C 392 -11.36 -26.64 8.83
N LYS C 393 -11.43 -27.41 9.93
CA LYS C 393 -11.42 -28.86 9.88
C LYS C 393 -12.86 -29.35 9.98
N LYS C 394 -13.41 -29.82 8.87
CA LYS C 394 -14.80 -30.27 8.78
C LYS C 394 -15.75 -29.16 9.22
N GLU C 395 -16.42 -29.34 10.35
CA GLU C 395 -17.32 -28.34 10.90
C GLU C 395 -16.78 -27.73 12.20
N GLU C 396 -15.47 -27.83 12.43
CA GLU C 396 -14.92 -27.36 13.69
C GLU C 396 -14.86 -25.83 13.71
N ASN C 397 -15.13 -25.26 14.88
CA ASN C 397 -15.09 -23.82 15.07
C ASN C 397 -13.65 -23.31 14.97
N PRO C 398 -13.47 -22.01 14.70
CA PRO C 398 -12.14 -21.43 14.79
C PRO C 398 -11.66 -21.42 16.23
N ILE C 399 -10.34 -21.24 16.39
CA ILE C 399 -9.71 -21.23 17.69
C ILE C 399 -10.07 -22.54 18.39
N ASP C 400 -9.80 -23.65 17.70
CA ASP C 400 -10.00 -24.99 18.24
C ASP C 400 -8.65 -25.66 18.27
N ASN C 401 -8.31 -26.26 19.41
CA ASN C 401 -7.05 -26.96 19.63
C ASN C 401 -5.83 -26.02 19.61
N VAL C 402 -6.05 -24.72 19.80
CA VAL C 402 -4.97 -23.74 19.90
C VAL C 402 -4.89 -23.26 21.34
N LYS C 403 -3.69 -23.23 21.89
CA LYS C 403 -3.46 -22.83 23.26
C LYS C 403 -2.91 -21.40 23.31
N PHE C 404 -3.37 -20.62 24.28
CA PHE C 404 -3.00 -19.22 24.40
C PHE C 404 -2.28 -18.96 25.71
N TYR C 405 -1.53 -17.86 25.73
CA TYR C 405 -0.82 -17.42 26.91
C TYR C 405 -1.05 -15.92 27.10
N ASP C 406 -0.71 -15.44 28.29
CA ASP C 406 -0.73 -14.02 28.62
C ASP C 406 0.68 -13.61 29.01
N LYS C 407 1.14 -12.47 28.48
CA LYS C 407 2.49 -12.01 28.80
C LYS C 407 2.60 -11.57 30.25
N ASN C 408 1.52 -10.98 30.77
CA ASN C 408 1.54 -10.48 32.16
C ASN C 408 1.77 -11.65 33.13
N GLN C 409 1.04 -12.73 32.93
CA GLN C 409 1.14 -13.88 33.87
C GLN C 409 2.13 -14.91 33.34
N PRO C 410 3.32 -15.00 33.96
CA PRO C 410 4.34 -15.90 33.44
C PRO C 410 4.47 -17.18 34.26
N LEU C 412 2.38 -18.18 34.06
CA LEU C 412 1.11 -18.86 34.12
C LEU C 412 1.01 -19.84 32.98
N LYS C 413 0.49 -21.01 33.28
CA LYS C 413 0.36 -22.10 32.28
C LYS C 413 -0.50 -21.68 31.09
N VAL C 414 -0.43 -22.47 30.01
CA VAL C 414 -1.21 -22.17 28.77
C VAL C 414 -2.69 -22.44 29.04
N PHE C 415 -3.56 -21.62 28.45
CA PHE C 415 -4.99 -21.75 28.67
C PHE C 415 -5.69 -21.81 27.32
N LYS C 416 -7.01 -22.00 27.37
CA LYS C 416 -7.84 -22.13 26.19
C LYS C 416 -9.10 -21.30 26.39
N LEU C 417 -9.48 -20.55 25.36
CA LEU C 417 -10.67 -19.72 25.43
C LEU C 417 -11.91 -20.55 25.11
N GLU C 418 -12.99 -20.27 25.84
CA GLU C 418 -14.23 -21.00 25.64
C GLU C 418 -15.11 -20.29 24.61
N SER C 419 -16.10 -21.03 24.11
CA SER C 419 -17.01 -20.47 23.10
C SER C 419 -17.82 -19.30 23.67
N SER C 420 -18.06 -19.29 24.97
CA SER C 420 -18.82 -18.22 25.60
C SER C 420 -17.93 -17.07 26.08
N GLN C 421 -16.62 -17.13 25.81
CA GLN C 421 -15.70 -16.09 26.25
C GLN C 421 -15.27 -15.17 25.11
N VAL C 422 -15.43 -15.59 23.86
CA VAL C 422 -15.04 -14.80 22.71
C VAL C 422 -16.13 -14.91 21.65
N SER C 423 -16.44 -13.79 21.01
CA SER C 423 -17.36 -13.74 19.88
C SER C 423 -16.70 -12.96 18.75
N TYR C 424 -17.09 -13.28 17.52
CA TYR C 424 -16.50 -12.67 16.33
C TYR C 424 -17.37 -13.00 15.13
N LEU C 425 -16.86 -12.74 13.94
CA LEU C 425 -17.54 -13.12 12.70
C LEU C 425 -17.36 -14.61 12.46
N VAL C 426 -18.40 -15.23 11.90
CA VAL C 426 -18.40 -16.67 11.65
C VAL C 426 -19.03 -16.94 10.29
N PRO C 427 -18.58 -18.00 9.63
CA PRO C 427 -19.26 -18.42 8.39
C PRO C 427 -20.70 -18.83 8.68
N GLU C 428 -21.63 -18.29 7.89
CA GLU C 428 -23.03 -18.63 8.06
C GLU C 428 -23.28 -20.12 7.86
N LEU C 429 -22.62 -20.72 6.87
CA LEU C 429 -22.70 -22.14 6.61
C LEU C 429 -21.29 -22.71 6.68
N PHE C 430 -21.04 -23.55 7.70
CA PHE C 430 -19.71 -24.12 7.86
C PHE C 430 -19.40 -25.13 6.76
N GLU C 431 -20.38 -25.94 6.37
CA GLU C 431 -20.23 -26.91 5.29
C GLU C 431 -21.20 -26.55 4.18
N GLU C 432 -20.67 -26.41 2.96
CA GLU C 432 -21.47 -26.06 1.79
C GLU C 432 -21.40 -27.19 0.77
N LEU C 433 -22.56 -27.65 0.31
CA LEU C 433 -22.67 -28.67 -0.72
C LEU C 433 -23.37 -28.05 -1.92
N ASN C 434 -22.64 -27.93 -3.03
CA ASN C 434 -23.17 -27.32 -4.25
C ASN C 434 -22.98 -28.28 -5.42
N ILE C 435 -24.07 -28.53 -6.15
CA ILE C 435 -24.07 -29.43 -7.30
C ILE C 435 -24.16 -28.54 -8.54
N ARG C 436 -23.00 -28.23 -9.13
CA ARG C 436 -22.94 -27.38 -10.31
C ARG C 436 -23.02 -28.23 -11.57
N ILE C 437 -23.66 -27.70 -12.61
CA ILE C 437 -23.83 -28.39 -13.88
C ILE C 437 -23.22 -27.54 -14.98
N PHE C 438 -22.29 -28.12 -15.72
CA PHE C 438 -21.68 -27.49 -16.88
C PHE C 438 -22.01 -28.28 -18.13
N THR C 439 -22.10 -27.57 -19.26
CA THR C 439 -22.38 -28.19 -20.55
C THR C 439 -21.18 -28.00 -21.47
N ARG C 440 -20.78 -29.09 -22.13
CA ARG C 440 -19.70 -28.99 -23.10
C ARG C 440 -20.16 -28.27 -24.36
N ASN C 441 -21.44 -28.33 -24.67
CA ASN C 441 -22.02 -27.71 -25.85
C ASN C 441 -22.83 -26.49 -25.43
N ARG C 442 -22.52 -25.34 -26.01
CA ARG C 442 -23.17 -24.09 -25.65
C ARG C 442 -24.50 -23.89 -26.36
N ASP C 443 -24.97 -24.87 -27.14
CA ASP C 443 -26.19 -24.66 -27.91
C ASP C 443 -27.43 -24.76 -27.03
N LYS C 444 -27.60 -25.87 -26.33
CA LYS C 444 -28.80 -26.15 -25.57
C LYS C 444 -28.48 -26.12 -24.08
N ILE C 445 -28.75 -24.98 -23.45
CA ILE C 445 -28.54 -24.82 -22.01
C ILE C 445 -29.86 -24.93 -21.25
N LYS C 446 -30.93 -24.34 -21.78
CA LYS C 446 -32.21 -24.33 -21.08
C LYS C 446 -32.81 -25.71 -20.94
N GLN C 447 -32.47 -26.64 -21.85
CA GLN C 447 -32.99 -28.00 -21.73
C GLN C 447 -32.26 -28.78 -20.66
N ILE C 448 -30.94 -28.59 -20.55
CA ILE C 448 -30.21 -29.20 -19.45
C ILE C 448 -30.58 -28.54 -18.13
N ARG C 449 -30.87 -27.24 -18.15
CA ARG C 449 -31.33 -26.56 -16.94
C ARG C 449 -32.66 -27.11 -16.48
N LYS C 450 -33.57 -27.41 -17.42
CA LYS C 450 -34.82 -28.06 -17.05
C LYS C 450 -34.57 -29.48 -16.56
N CYS C 451 -33.70 -30.23 -17.25
CA CYS C 451 -33.39 -31.59 -16.83
C CYS C 451 -32.77 -31.63 -15.43
N PHE C 452 -32.06 -30.58 -15.04
CA PHE C 452 -31.48 -30.54 -13.70
C PHE C 452 -32.56 -30.55 -12.63
N LYS C 453 -33.60 -29.72 -12.81
CA LYS C 453 -34.69 -29.69 -11.85
C LYS C 453 -35.49 -30.99 -11.88
N GLU C 454 -35.60 -31.63 -13.03
CA GLU C 454 -36.31 -32.92 -13.11
C GLU C 454 -35.59 -33.98 -12.30
N SER C 455 -34.26 -34.01 -12.37
CA SER C 455 -33.50 -35.00 -11.61
C SER C 455 -33.48 -34.68 -10.12
N LEU C 456 -33.52 -33.39 -9.77
CA LEU C 456 -33.45 -33.00 -8.36
C LEU C 456 -34.74 -33.34 -7.63
N THR C 457 -35.89 -33.19 -8.29
CA THR C 457 -37.16 -33.41 -7.63
C THR C 457 -37.46 -34.89 -7.40
N LYS C 458 -36.74 -35.79 -8.06
CA LYS C 458 -36.95 -37.22 -7.88
C LYS C 458 -35.81 -37.93 -7.17
N PHE C 459 -34.63 -37.31 -7.08
CA PHE C 459 -33.56 -37.83 -6.24
C PHE C 459 -33.67 -37.31 -4.82
N PHE C 460 -33.87 -36.01 -4.67
CA PHE C 460 -34.02 -35.39 -3.35
C PHE C 460 -35.47 -35.31 -2.91
N GLY C 461 -36.43 -35.54 -3.80
CA GLY C 461 -37.83 -35.50 -3.46
C GLY C 461 -38.45 -34.12 -3.35
N ILE C 462 -37.63 -33.06 -3.36
CA ILE C 462 -38.14 -31.70 -3.23
C ILE C 462 -39.02 -31.36 -4.42
N PRO C 463 -40.31 -31.08 -4.21
CA PRO C 463 -41.17 -30.73 -5.35
C PRO C 463 -40.77 -29.44 -6.03
N GLU C 464 -40.24 -28.47 -5.28
CA GLU C 464 -39.79 -27.18 -5.81
C GLU C 464 -38.29 -27.06 -5.61
N PRO C 465 -37.48 -27.54 -6.55
CA PRO C 465 -36.02 -27.39 -6.42
C PRO C 465 -35.60 -25.93 -6.52
N LYS C 466 -35.22 -25.33 -5.39
CA LYS C 466 -34.80 -23.93 -5.36
C LYS C 466 -33.36 -23.84 -5.84
N THR C 467 -33.21 -23.89 -7.17
CA THR C 467 -31.88 -23.75 -7.77
C THR C 467 -31.40 -22.31 -7.69
N TYR C 468 -30.09 -22.13 -7.92
CA TYR C 468 -29.50 -20.79 -7.86
C TYR C 468 -30.04 -19.88 -8.97
N TYR C 469 -30.58 -20.45 -10.04
CA TYR C 469 -31.25 -19.68 -11.07
C TYR C 469 -32.77 -19.81 -10.88
N THR C 470 -33.24 -19.15 -9.82
CA THR C 470 -34.65 -19.21 -9.45
C THR C 470 -35.52 -18.65 -10.57
N ARG C 471 -36.46 -19.47 -11.03
CA ARG C 471 -37.38 -19.17 -12.15
C ARG C 471 -36.78 -18.25 -13.21
N LYS D 31 -22.32 -8.63 -23.54
CA LYS D 31 -21.88 -7.31 -23.98
C LYS D 31 -20.56 -6.94 -23.32
N SER D 32 -20.60 -5.94 -22.43
CA SER D 32 -19.39 -5.47 -21.78
C SER D 32 -18.93 -6.48 -20.72
N LYS D 33 -17.61 -6.56 -20.54
CA LYS D 33 -17.00 -7.46 -19.59
C LYS D 33 -16.12 -6.69 -18.62
N ARG D 34 -16.09 -7.15 -17.37
CA ARG D 34 -15.27 -6.55 -16.33
C ARG D 34 -14.18 -7.53 -15.91
N ILE D 35 -12.93 -7.06 -15.91
CA ILE D 35 -11.78 -7.88 -15.60
C ILE D 35 -11.06 -7.28 -14.40
N GLN D 36 -10.83 -8.11 -13.38
CA GLN D 36 -10.16 -7.66 -12.16
C GLN D 36 -8.65 -7.68 -12.35
N ASP D 37 -8.00 -6.57 -11.99
CA ASP D 37 -6.56 -6.39 -12.16
C ASP D 37 -6.01 -5.70 -10.92
N PRO D 38 -4.86 -6.14 -10.41
CA PRO D 38 -4.33 -5.53 -9.17
C PRO D 38 -3.92 -4.08 -9.33
N ILE D 39 -3.68 -3.61 -10.55
CA ILE D 39 -3.24 -2.22 -10.76
C ILE D 39 -4.42 -1.29 -10.96
N HIS D 40 -5.34 -1.64 -11.86
CA HIS D 40 -6.47 -0.78 -12.21
C HIS D 40 -7.77 -1.21 -11.56
N GLY D 41 -7.75 -2.17 -10.65
CA GLY D 41 -8.99 -2.66 -10.09
C GLY D 41 -9.83 -3.32 -11.17
N LEU D 42 -11.08 -2.87 -11.29
CA LEU D 42 -12.01 -3.41 -12.27
C LEU D 42 -11.89 -2.63 -13.58
N MET D 43 -11.53 -3.33 -14.65
CA MET D 43 -11.45 -2.75 -15.98
C MET D 43 -12.63 -3.23 -16.80
N GLU D 44 -13.33 -2.27 -17.42
CA GLU D 44 -14.45 -2.59 -18.30
C GLU D 44 -13.97 -2.57 -19.75
N PHE D 45 -14.46 -3.53 -20.53
CA PHE D 45 -14.13 -3.63 -21.95
C PHE D 45 -15.43 -3.87 -22.72
N ASP D 46 -15.66 -3.08 -23.77
CA ASP D 46 -16.81 -3.29 -24.63
C ASP D 46 -16.68 -4.62 -25.38
N ASN D 47 -17.82 -5.12 -25.87
CA ASN D 47 -17.83 -6.43 -26.50
C ASN D 47 -16.92 -6.47 -27.73
N TRP D 48 -16.88 -5.38 -28.49
CA TRP D 48 -16.03 -5.37 -29.69
C TRP D 48 -14.56 -5.47 -29.31
N ILE D 49 -14.15 -4.90 -28.18
CA ILE D 49 -12.78 -5.07 -27.71
C ILE D 49 -12.55 -6.49 -27.23
N VAL D 50 -13.57 -7.14 -26.70
CA VAL D 50 -13.44 -8.49 -26.17
C VAL D 50 -13.11 -9.47 -27.29
N LYS D 51 -13.75 -9.31 -28.45
CA LYS D 51 -13.52 -10.23 -29.56
C LYS D 51 -12.07 -10.19 -30.03
N PHE D 52 -11.39 -9.05 -29.87
CA PHE D 52 -9.97 -9.02 -30.19
C PHE D 52 -9.15 -9.69 -29.10
N ILE D 53 -9.54 -9.51 -27.84
CA ILE D 53 -8.83 -10.14 -26.73
C ILE D 53 -8.88 -11.66 -26.86
N ASP D 54 -10.04 -12.19 -27.24
CA ASP D 54 -10.26 -13.63 -27.35
C ASP D 54 -9.81 -14.17 -28.71
N THR D 55 -8.65 -13.74 -29.19
CA THR D 55 -8.01 -14.29 -30.36
C THR D 55 -6.74 -15.01 -29.94
N GLU D 56 -6.36 -16.04 -30.71
CA GLU D 56 -5.13 -16.76 -30.39
C GLU D 56 -3.91 -15.86 -30.53
N HIS D 57 -3.98 -14.83 -31.37
CA HIS D 57 -2.85 -13.90 -31.53
C HIS D 57 -2.62 -13.10 -30.25
N PHE D 58 -3.68 -12.66 -29.58
CA PHE D 58 -3.52 -11.91 -28.35
C PHE D 58 -3.19 -12.83 -27.18
N GLN D 59 -3.92 -13.95 -27.05
CA GLN D 59 -3.70 -14.85 -25.94
C GLN D 59 -2.31 -15.46 -25.94
N ARG D 60 -1.59 -15.38 -27.07
CA ARG D 60 -0.20 -15.84 -27.09
C ARG D 60 0.66 -15.06 -26.10
N LEU D 61 0.33 -13.79 -25.85
CA LEU D 61 1.09 -12.98 -24.90
C LEU D 61 1.06 -13.53 -23.48
N ARG D 62 0.14 -14.46 -23.17
CA ARG D 62 0.11 -15.10 -21.86
C ARG D 62 1.36 -15.92 -21.59
N SER D 63 2.06 -16.37 -22.64
CA SER D 63 3.25 -17.20 -22.51
C SER D 63 4.55 -16.41 -22.71
N ILE D 64 4.48 -15.08 -22.73
CA ILE D 64 5.66 -14.24 -22.91
C ILE D 64 5.80 -13.34 -21.70
N LYS D 65 6.89 -13.48 -20.96
CA LYS D 65 7.09 -12.71 -19.75
C LYS D 65 7.34 -11.24 -20.09
N GLN D 66 6.70 -10.35 -19.32
CA GLN D 66 6.87 -8.92 -19.56
C GLN D 66 8.32 -8.48 -19.37
N LEU D 67 8.99 -9.04 -18.37
CA LEU D 67 10.34 -8.62 -18.01
C LEU D 67 11.40 -9.61 -18.44
N GLY D 68 11.04 -10.56 -19.31
CA GLY D 68 12.06 -11.42 -19.89
C GLY D 68 12.67 -12.32 -18.84
N THR D 69 13.99 -12.26 -18.71
CA THR D 69 14.72 -13.09 -17.76
C THR D 69 14.83 -12.47 -16.38
N THR D 70 14.20 -11.32 -16.14
CA THR D 70 14.24 -10.70 -14.82
C THR D 70 13.58 -11.59 -13.76
N TYR D 71 12.63 -12.42 -14.16
CA TYR D 71 12.01 -13.36 -13.22
C TYR D 71 13.03 -14.28 -12.58
N TYR D 72 14.16 -14.51 -13.25
CA TYR D 72 15.22 -15.34 -12.68
C TYR D 72 16.03 -14.62 -11.61
N VAL D 73 15.82 -13.30 -11.45
CA VAL D 73 16.46 -12.54 -10.39
C VAL D 73 15.43 -12.03 -9.38
N TYR D 74 14.30 -11.53 -9.86
CA TYR D 74 13.22 -11.07 -8.99
C TYR D 74 12.02 -11.98 -9.13
N PRO D 75 11.82 -12.94 -8.22
CA PRO D 75 10.76 -13.94 -8.42
C PRO D 75 9.36 -13.36 -8.45
N GLY D 76 9.16 -12.15 -7.95
CA GLY D 76 7.85 -11.53 -8.05
C GLY D 76 7.48 -11.05 -9.44
N ALA D 77 8.46 -10.91 -10.32
CA ALA D 77 8.22 -10.41 -11.66
C ALA D 77 7.82 -11.57 -12.58
N SER D 78 6.64 -12.13 -12.28
CA SER D 78 6.09 -13.24 -13.02
C SER D 78 5.07 -12.82 -14.08
N HIS D 79 4.77 -11.52 -14.18
CA HIS D 79 3.69 -11.07 -15.03
C HIS D 79 4.06 -11.15 -16.52
N ASN D 80 3.05 -11.38 -17.35
CA ASN D 80 3.20 -11.54 -18.79
C ASN D 80 2.68 -10.31 -19.51
N ARG D 81 2.98 -10.26 -20.82
CA ARG D 81 2.55 -9.13 -21.64
C ARG D 81 1.04 -9.05 -21.80
N PHE D 82 0.33 -10.18 -21.60
CA PHE D 82 -1.12 -10.20 -21.77
C PHE D 82 -1.80 -9.25 -20.80
N GLU D 83 -1.44 -9.31 -19.51
CA GLU D 83 -2.08 -8.44 -18.53
C GLU D 83 -1.65 -7.00 -18.70
N HIS D 84 -0.39 -6.77 -19.05
CA HIS D 84 0.08 -5.41 -19.30
C HIS D 84 -0.68 -4.77 -20.46
N CYS D 85 -0.88 -5.51 -21.55
CA CYS D 85 -1.58 -4.95 -22.71
C CYS D 85 -3.06 -4.75 -22.45
N LEU D 86 -3.63 -5.54 -21.54
CA LEU D 86 -5.02 -5.30 -21.11
C LEU D 86 -5.14 -3.93 -20.44
N GLY D 87 -4.18 -3.59 -19.58
CA GLY D 87 -4.23 -2.31 -18.90
C GLY D 87 -4.02 -1.14 -19.85
N VAL D 88 -3.08 -1.27 -20.79
CA VAL D 88 -2.79 -0.19 -21.72
C VAL D 88 -4.02 0.10 -22.58
N ALA D 89 -4.68 -0.94 -23.07
CA ALA D 89 -5.91 -0.73 -23.84
C ALA D 89 -7.00 -0.12 -22.98
N TYR D 90 -7.00 -0.44 -21.67
CA TYR D 90 -7.99 0.13 -20.77
C TYR D 90 -7.72 1.61 -20.53
N LEU D 91 -6.47 1.97 -20.27
CA LEU D 91 -6.14 3.38 -20.06
C LEU D 91 -6.35 4.20 -21.33
N ALA D 92 -5.90 3.68 -22.48
CA ALA D 92 -6.04 4.40 -23.73
C ALA D 92 -7.51 4.63 -24.08
N HIS D 93 -8.36 3.64 -23.81
CA HIS D 93 -9.79 3.81 -24.06
C HIS D 93 -10.40 4.84 -23.11
N SER D 94 -10.02 4.77 -21.82
CA SER D 94 -10.58 5.71 -20.85
C SER D 94 -10.18 7.14 -21.17
N LEU D 95 -8.90 7.36 -21.46
CA LEU D 95 -8.42 8.71 -21.77
C LEU D 95 -9.14 9.30 -22.97
N VAL D 96 -9.16 8.57 -24.09
CA VAL D 96 -9.74 9.11 -25.31
C VAL D 96 -11.25 9.26 -25.18
N LYS D 97 -11.90 8.33 -24.47
CA LYS D 97 -13.34 8.47 -24.24
C LYS D 97 -13.65 9.75 -23.47
N ARG D 98 -12.81 10.09 -22.48
CA ARG D 98 -13.01 11.32 -21.73
C ARG D 98 -12.85 12.54 -22.63
N ILE D 99 -11.84 12.52 -23.50
CA ILE D 99 -11.60 13.65 -24.40
C ILE D 99 -12.81 13.87 -25.31
N ARG D 100 -13.42 12.79 -25.80
CA ARG D 100 -14.59 12.93 -26.65
C ARG D 100 -15.78 13.50 -25.90
N GLU D 101 -15.86 13.26 -24.59
CA GLU D 101 -16.99 13.72 -23.80
C GLU D 101 -16.78 15.12 -23.22
N THR D 102 -15.52 15.58 -23.11
CA THR D 102 -15.25 16.90 -22.57
C THR D 102 -14.91 17.94 -23.63
N GLN D 103 -14.50 17.51 -24.83
CA GLN D 103 -14.12 18.42 -25.92
C GLN D 103 -14.79 17.94 -27.20
N HIS D 104 -16.10 18.21 -27.31
CA HIS D 104 -16.85 17.78 -28.49
C HIS D 104 -16.29 18.38 -29.77
N ASP D 105 -15.85 19.64 -29.70
CA ASP D 105 -15.43 20.37 -30.90
C ASP D 105 -14.22 19.76 -31.60
N LEU D 106 -13.53 18.79 -30.98
CA LEU D 106 -12.33 18.23 -31.60
C LEU D 106 -12.68 17.43 -32.85
N GLY D 107 -13.82 16.75 -32.85
CA GLY D 107 -14.18 15.90 -33.95
C GLY D 107 -13.69 14.47 -33.84
N CYS D 108 -13.32 14.03 -32.65
CA CYS D 108 -12.89 12.65 -32.44
C CYS D 108 -14.05 11.70 -32.67
N SER D 109 -13.99 10.90 -33.73
CA SER D 109 -15.08 10.00 -34.07
C SER D 109 -15.00 8.72 -33.25
N ASP D 110 -16.07 7.93 -33.32
CA ASP D 110 -16.05 6.60 -32.72
C ASP D 110 -14.98 5.73 -33.37
N LYS D 111 -14.81 5.86 -34.69
CA LYS D 111 -13.76 5.12 -35.36
C LYS D 111 -12.39 5.49 -34.82
N ASP D 112 -12.17 6.79 -34.55
CA ASP D 112 -10.91 7.22 -33.94
C ASP D 112 -10.71 6.57 -32.59
N LEU D 113 -11.76 6.55 -31.75
CA LEU D 113 -11.65 5.91 -30.44
C LEU D 113 -11.41 4.41 -30.60
N LYS D 114 -12.09 3.78 -31.55
CA LYS D 114 -11.84 2.37 -31.83
C LYS D 114 -10.40 2.15 -32.28
N CYS D 115 -9.87 3.05 -33.11
CA CYS D 115 -8.55 2.84 -33.69
C CYS D 115 -7.45 2.91 -32.62
N VAL D 116 -7.51 3.93 -31.75
CA VAL D 116 -6.45 4.10 -30.76
C VAL D 116 -6.52 2.99 -29.71
N THR D 117 -7.72 2.55 -29.35
CA THR D 117 -7.84 1.44 -28.41
C THR D 117 -7.21 0.17 -28.98
N LEU D 118 -7.41 -0.09 -30.27
CA LEU D 118 -6.82 -1.28 -30.89
C LEU D 118 -5.31 -1.17 -30.95
N ALA D 119 -4.79 0.03 -31.21
CA ALA D 119 -3.35 0.23 -31.20
C ALA D 119 -2.76 -0.07 -29.83
N ALA D 120 -3.43 0.37 -28.76
CA ALA D 120 -2.95 0.09 -27.41
C ALA D 120 -2.98 -1.41 -27.14
N LEU D 121 -4.03 -2.10 -27.58
CA LEU D 121 -4.15 -3.53 -27.30
C LEU D 121 -3.11 -4.35 -28.04
N CYS D 122 -2.69 -3.90 -29.23
CA CYS D 122 -1.78 -4.67 -30.06
C CYS D 122 -0.38 -4.08 -30.15
N HIS D 123 -0.06 -3.08 -29.30
CA HIS D 123 1.23 -2.42 -29.40
C HIS D 123 2.39 -3.34 -29.08
N ASP D 124 2.15 -4.47 -28.41
CA ASP D 124 3.19 -5.45 -28.10
C ASP D 124 2.86 -6.81 -28.70
N LEU D 125 2.12 -6.82 -29.81
CA LEU D 125 1.67 -8.08 -30.40
C LEU D 125 2.84 -8.90 -30.95
N GLY D 126 3.83 -8.23 -31.52
CA GLY D 126 4.92 -8.93 -32.18
C GLY D 126 6.12 -9.23 -31.31
N HIS D 127 5.93 -9.16 -29.99
CA HIS D 127 7.03 -9.45 -29.07
C HIS D 127 7.38 -10.93 -29.11
N GLY D 128 8.68 -11.22 -29.18
CA GLY D 128 9.15 -12.59 -29.20
C GLY D 128 9.46 -13.11 -27.82
N PRO D 129 9.93 -14.35 -27.74
CA PRO D 129 10.26 -14.93 -26.43
C PRO D 129 11.28 -14.09 -25.67
N PHE D 130 11.00 -13.88 -24.38
CA PHE D 130 11.84 -13.07 -23.49
C PHE D 130 11.96 -11.64 -23.98
N SER D 131 10.94 -11.17 -24.70
CA SER D 131 10.81 -9.79 -25.13
C SER D 131 12.02 -9.29 -25.91
N HIS D 132 12.77 -8.34 -25.33
CA HIS D 132 13.88 -7.73 -26.04
C HIS D 132 14.98 -8.72 -26.37
N LEU D 133 14.99 -9.89 -25.73
CA LEU D 133 16.03 -10.88 -26.00
C LEU D 133 15.96 -11.39 -27.43
N PHE D 134 14.73 -11.59 -27.94
CA PHE D 134 14.56 -12.15 -29.27
C PHE D 134 15.12 -11.23 -30.34
N GLU D 135 15.08 -9.91 -30.11
CA GLU D 135 15.65 -8.97 -31.07
C GLU D 135 17.16 -9.17 -31.20
N VAL D 136 17.84 -9.48 -30.09
CA VAL D 136 19.26 -9.75 -30.14
C VAL D 136 19.53 -11.08 -30.84
N PHE D 137 18.65 -12.06 -30.67
CA PHE D 137 18.83 -13.35 -31.32
C PHE D 137 18.67 -13.22 -32.83
N ILE D 138 17.74 -12.40 -33.28
CA ILE D 138 17.58 -12.17 -34.71
C ILE D 138 18.77 -11.36 -35.24
N LYS D 139 19.19 -10.33 -34.50
CA LYS D 139 20.33 -9.53 -34.91
C LYS D 139 21.60 -10.36 -34.97
N MET D 140 21.83 -11.22 -33.97
CA MET D 140 23.01 -12.08 -33.98
C MET D 140 22.94 -13.09 -35.13
N ARG D 141 21.79 -13.73 -35.30
CA ARG D 141 21.65 -14.71 -36.37
C ARG D 141 21.60 -14.04 -37.74
N ARG D 142 20.69 -13.09 -37.91
CA ARG D 142 20.51 -12.41 -39.19
C ARG D 142 20.52 -10.90 -38.98
N PRO D 143 21.69 -10.28 -38.99
CA PRO D 143 21.76 -8.81 -38.82
C PRO D 143 21.25 -8.05 -40.03
N ASP D 144 21.26 -8.65 -41.22
CA ASP D 144 20.74 -7.96 -42.40
C ASP D 144 19.25 -7.68 -42.29
N ARG D 145 18.52 -8.55 -41.60
CA ARG D 145 17.08 -8.37 -41.47
C ARG D 145 16.75 -7.13 -40.64
N LYS D 146 17.49 -6.91 -39.54
CA LYS D 146 17.21 -5.85 -38.59
C LYS D 146 15.74 -5.90 -38.15
N TRP D 147 15.26 -7.11 -37.90
CA TRP D 147 13.87 -7.32 -37.55
C TRP D 147 13.56 -6.74 -36.18
N THR D 148 12.44 -6.03 -36.09
CA THR D 148 11.96 -5.46 -34.84
C THR D 148 10.58 -6.02 -34.54
N HIS D 149 10.23 -6.07 -33.26
CA HIS D 149 8.93 -6.60 -32.87
C HIS D 149 7.78 -5.72 -33.33
N GLU D 150 8.05 -4.46 -33.67
CA GLU D 150 7.01 -3.63 -34.27
C GLU D 150 6.66 -4.14 -35.67
N GLU D 151 7.66 -4.62 -36.42
CA GLU D 151 7.38 -5.25 -37.71
C GLU D 151 6.61 -6.53 -37.52
N ALA D 152 6.98 -7.36 -36.54
CA ALA D 152 6.19 -8.54 -36.22
C ALA D 152 4.83 -8.16 -35.66
N SER D 153 4.75 -7.05 -34.90
CA SER D 153 3.46 -6.56 -34.45
C SER D 153 2.57 -6.21 -35.64
N ILE D 154 3.15 -5.60 -36.67
CA ILE D 154 2.42 -5.33 -37.90
C ILE D 154 2.01 -6.64 -38.55
N MET D 155 2.95 -7.59 -38.59
CA MET D 155 2.70 -8.87 -39.25
C MET D 155 1.62 -9.66 -38.53
N MET D 156 1.67 -9.70 -37.20
CA MET D 156 0.67 -10.45 -36.45
C MET D 156 -0.66 -9.72 -36.35
N PHE D 157 -0.64 -8.39 -36.38
CA PHE D 157 -1.89 -7.64 -36.40
C PHE D 157 -2.63 -7.85 -37.71
N ASP D 158 -1.92 -7.84 -38.83
CA ASP D 158 -2.55 -8.15 -40.11
C ASP D 158 -3.11 -9.56 -40.12
N ASP D 159 -2.39 -10.51 -39.52
CA ASP D 159 -2.87 -11.88 -39.48
C ASP D 159 -4.07 -12.03 -38.56
N LEU D 160 -4.11 -11.26 -37.47
CA LEU D 160 -5.26 -11.29 -36.57
C LEU D 160 -6.54 -10.94 -37.31
N LEU D 161 -6.51 -9.89 -38.12
CA LEU D 161 -7.69 -9.49 -38.87
C LEU D 161 -7.99 -10.47 -39.99
N LYS D 162 -6.95 -11.07 -40.60
CA LYS D 162 -7.17 -12.01 -41.68
C LYS D 162 -7.93 -13.24 -41.21
N GLU D 163 -7.55 -13.77 -40.04
CA GLU D 163 -8.17 -14.97 -39.51
C GLU D 163 -9.43 -14.70 -38.69
N HIS D 164 -9.79 -13.43 -38.49
CA HIS D 164 -10.98 -13.06 -37.73
C HIS D 164 -11.67 -11.89 -38.42
N LYS D 165 -11.89 -12.01 -39.72
CA LYS D 165 -12.45 -10.92 -40.51
C LYS D 165 -13.85 -10.54 -40.07
N GLU D 166 -14.57 -11.44 -39.39
CA GLU D 166 -15.90 -11.12 -38.92
C GLU D 166 -15.91 -10.06 -37.81
N ILE D 167 -14.79 -9.82 -37.15
CA ILE D 167 -14.74 -8.86 -36.05
C ILE D 167 -14.16 -7.50 -36.45
N ALA D 168 -13.63 -7.37 -37.65
CA ALA D 168 -13.05 -6.11 -38.12
C ALA D 168 -13.78 -5.61 -39.37
N TYR D 169 -15.07 -5.92 -39.48
CA TYR D 169 -15.82 -5.59 -40.68
C TYR D 169 -15.95 -4.08 -40.89
N ASP D 170 -15.89 -3.30 -39.82
CA ASP D 170 -16.11 -1.85 -39.89
C ASP D 170 -14.84 -1.07 -40.14
N LEU D 171 -13.68 -1.72 -40.24
CA LEU D 171 -12.42 -1.04 -40.48
C LEU D 171 -12.10 -1.02 -41.97
N ASP D 172 -11.78 0.17 -42.49
CA ASP D 172 -11.32 0.28 -43.88
C ASP D 172 -9.79 0.28 -43.92
N ASP D 173 -9.26 0.45 -45.14
CA ASP D 173 -7.82 0.37 -45.33
C ASP D 173 -7.11 1.52 -44.64
N GLU D 174 -7.70 2.72 -44.67
CA GLU D 174 -7.07 3.87 -44.00
C GLU D 174 -7.08 3.69 -42.49
N ASP D 175 -8.18 3.19 -41.93
CA ASP D 175 -8.24 2.93 -40.49
C ASP D 175 -7.16 1.96 -40.07
N LYS D 176 -6.89 0.94 -40.89
CA LYS D 176 -5.82 0.00 -40.58
C LYS D 176 -4.46 0.68 -40.60
N LEU D 177 -4.23 1.58 -41.57
CA LEU D 177 -3.00 2.36 -41.57
C LEU D 177 -2.94 3.32 -40.38
N PHE D 178 -4.09 3.82 -39.93
CA PHE D 178 -4.13 4.65 -38.74
C PHE D 178 -3.71 3.84 -37.51
N ILE D 179 -4.27 2.65 -37.36
CA ILE D 179 -3.96 1.79 -36.21
C ILE D 179 -2.49 1.41 -36.23
N LYS D 180 -1.97 1.04 -37.40
CA LYS D 180 -0.58 0.60 -37.47
C LYS D 180 0.39 1.75 -37.17
N ASP D 181 0.05 2.97 -37.58
CA ASP D 181 0.93 4.10 -37.32
C ASP D 181 0.86 4.57 -35.88
N LEU D 182 -0.29 4.39 -35.23
CA LEU D 182 -0.40 4.70 -33.80
C LEU D 182 0.49 3.78 -32.97
N ILE D 183 0.67 2.54 -33.42
CA ILE D 183 1.50 1.58 -32.68
C ILE D 183 2.95 2.03 -32.69
N THR D 184 3.47 2.44 -33.85
CA THR D 184 4.84 2.94 -33.94
C THR D 184 4.94 4.35 -33.38
N GLY D 185 3.96 5.19 -33.66
CA GLY D 185 4.03 6.60 -33.33
C GLY D 185 4.67 7.41 -34.45
N LYS D 186 4.42 8.72 -34.39
CA LYS D 186 4.91 9.63 -35.42
C LYS D 186 5.37 10.92 -34.75
N LYS D 187 6.37 11.55 -35.37
CA LYS D 187 6.82 12.86 -34.92
C LYS D 187 5.72 13.89 -35.16
N PRO D 188 5.70 14.98 -34.39
CA PRO D 188 4.66 16.00 -34.59
C PRO D 188 4.59 16.57 -35.99
N GLU D 189 5.68 16.51 -36.77
CA GLU D 189 5.65 16.97 -38.15
C GLU D 189 5.10 15.93 -39.12
N ASP D 190 4.94 14.68 -38.68
CA ASP D 190 4.48 13.61 -39.54
C ASP D 190 3.07 13.13 -39.18
N THR D 191 2.39 13.82 -38.28
CA THR D 191 0.99 13.52 -37.96
C THR D 191 0.09 14.31 -38.90
N GLY D 192 -0.85 13.63 -39.54
CA GLY D 192 -1.75 14.30 -40.44
C GLY D 192 -2.81 15.12 -39.73
N ASN D 193 -3.96 15.31 -40.36
CA ASN D 193 -5.07 15.99 -39.75
C ASN D 193 -6.10 15.04 -39.16
N ARG D 194 -5.83 13.73 -39.20
CA ARG D 194 -6.71 12.72 -38.61
C ARG D 194 -6.37 12.61 -37.13
N SER D 195 -6.97 13.50 -36.34
CA SER D 195 -6.82 13.61 -34.89
C SER D 195 -5.37 13.38 -34.46
N PRO D 196 -4.47 14.33 -34.74
CA PRO D 196 -3.04 14.09 -34.48
C PRO D 196 -2.70 13.95 -33.01
N TYR D 197 -3.51 14.48 -32.10
CA TYR D 197 -3.24 14.34 -30.67
C TYR D 197 -3.27 12.89 -30.21
N LEU D 198 -3.92 12.00 -30.99
CA LEU D 198 -4.02 10.60 -30.58
C LEU D 198 -2.69 9.88 -30.62
N PHE D 199 -1.70 10.43 -31.32
CA PHE D 199 -0.38 9.80 -31.36
C PHE D 199 0.37 9.92 -30.04
N ASP D 200 -0.14 10.69 -29.08
CA ASP D 200 0.47 10.82 -27.77
C ASP D 200 -0.08 9.81 -26.76
N VAL D 201 -1.01 8.96 -27.16
CA VAL D 201 -1.72 8.11 -26.21
C VAL D 201 -1.01 6.78 -26.02
N VAL D 202 -0.58 6.13 -27.09
CA VAL D 202 -0.03 4.78 -27.05
C VAL D 202 1.49 4.78 -27.22
N ALA D 203 1.99 5.48 -28.24
CA ALA D 203 3.42 5.53 -28.53
C ALA D 203 3.79 6.99 -28.78
N ASN D 204 4.17 7.69 -27.71
CA ASN D 204 4.42 9.13 -27.76
C ASN D 204 5.84 9.39 -28.24
N LYS D 205 5.98 10.02 -29.41
CA LYS D 205 7.28 10.34 -29.97
C LYS D 205 7.75 11.75 -29.62
N ARG D 206 6.86 12.63 -29.15
CA ARG D 206 7.24 13.98 -28.77
C ARG D 206 7.50 14.13 -27.27
N ASN D 207 6.67 13.52 -26.41
CA ASN D 207 6.81 13.64 -24.97
C ASN D 207 7.30 12.37 -24.30
N SER D 208 7.15 11.22 -24.93
CA SER D 208 7.32 9.91 -24.30
C SER D 208 6.32 9.69 -23.16
N ILE D 209 5.27 10.49 -23.11
CA ILE D 209 4.24 10.40 -22.06
C ILE D 209 3.03 9.70 -22.67
N ASP D 210 3.05 8.37 -22.63
CA ASP D 210 1.95 7.55 -23.12
C ASP D 210 1.44 6.64 -22.00
N VAL D 211 0.22 6.12 -22.20
CA VAL D 211 -0.37 5.21 -21.22
C VAL D 211 0.32 3.86 -21.20
N ASP D 212 1.18 3.57 -22.18
CA ASP D 212 2.03 2.39 -22.09
C ASP D 212 2.93 2.46 -20.87
N LYS D 213 3.65 3.58 -20.71
CA LYS D 213 4.47 3.79 -19.52
C LYS D 213 3.59 3.89 -18.27
N PHE D 214 2.42 4.50 -18.38
CA PHE D 214 1.51 4.59 -17.24
C PHE D 214 1.25 3.22 -16.63
N ASP D 215 1.21 2.18 -17.47
CA ASP D 215 0.83 0.87 -16.98
C ASP D 215 2.04 0.06 -16.51
N TYR D 216 3.07 -0.09 -17.34
CA TYR D 216 4.14 -1.00 -16.95
C TYR D 216 5.01 -0.42 -15.85
N LEU D 217 5.11 0.92 -15.76
CA LEU D 217 5.84 1.50 -14.63
C LEU D 217 5.17 1.14 -13.30
N ALA D 218 3.85 1.26 -13.25
CA ALA D 218 3.13 0.83 -12.05
C ALA D 218 3.11 -0.69 -11.92
N ARG D 219 2.87 -1.39 -13.02
CA ARG D 219 2.80 -2.85 -12.97
C ARG D 219 4.13 -3.47 -12.58
N ASP D 220 5.24 -2.95 -13.11
CA ASP D 220 6.54 -3.51 -12.76
C ASP D 220 6.88 -3.25 -11.30
N CYS D 221 6.54 -2.06 -10.78
CA CYS D 221 6.82 -1.76 -9.38
C CYS D 221 6.02 -2.67 -8.45
N TYR D 222 4.73 -2.83 -8.74
CA TYR D 222 3.88 -3.68 -7.93
C TYR D 222 4.39 -5.12 -7.91
N TYR D 223 4.92 -5.60 -9.04
CA TYR D 223 5.31 -7.00 -9.16
C TYR D 223 6.75 -7.26 -8.75
N LEU D 224 7.67 -6.33 -9.03
CA LEU D 224 9.03 -6.46 -8.52
C LEU D 224 9.11 -6.23 -7.02
N GLY D 225 8.11 -5.57 -6.44
CA GLY D 225 8.19 -5.17 -5.05
C GLY D 225 9.03 -3.93 -4.86
N MET D 226 8.79 -2.91 -5.68
CA MET D 226 9.52 -1.65 -5.59
C MET D 226 8.54 -0.49 -5.58
N LYS D 227 9.04 0.67 -5.19
CA LYS D 227 8.22 1.86 -5.01
C LYS D 227 8.39 2.82 -6.18
N SER D 228 7.37 3.66 -6.37
CA SER D 228 7.35 4.62 -7.46
C SER D 228 6.81 5.95 -6.95
N VAL D 229 7.41 7.05 -7.42
CA VAL D 229 6.93 8.39 -7.07
C VAL D 229 5.90 8.92 -8.06
N PHE D 230 5.72 8.23 -9.20
CA PHE D 230 4.79 8.66 -10.23
C PHE D 230 3.36 8.31 -9.83
N ASP D 231 2.41 9.17 -10.22
CA ASP D 231 0.97 8.95 -10.00
C ASP D 231 0.26 9.15 -11.34
N PHE D 232 0.03 8.06 -12.07
CA PHE D 232 -0.53 8.16 -13.41
C PHE D 232 -2.00 8.55 -13.40
N SER D 233 -2.71 8.36 -12.28
CA SER D 233 -4.09 8.80 -12.19
C SER D 233 -4.21 10.31 -12.41
N ARG D 234 -3.28 11.07 -11.86
CA ARG D 234 -3.33 12.52 -12.03
C ARG D 234 -3.10 12.91 -13.48
N LEU D 235 -2.20 12.21 -14.17
CA LEU D 235 -1.94 12.50 -15.57
C LEU D 235 -3.11 12.08 -16.47
N MET D 236 -3.92 11.13 -16.01
CA MET D 236 -5.04 10.68 -16.82
C MET D 236 -6.21 11.66 -16.80
N ASN D 237 -6.41 12.36 -15.67
CA ASN D 237 -7.55 13.24 -15.52
C ASN D 237 -7.23 14.72 -15.61
N TYR D 238 -5.97 15.13 -15.49
CA TYR D 238 -5.66 16.55 -15.52
C TYR D 238 -4.86 16.88 -16.76
N SER D 239 -5.41 16.50 -17.92
CA SER D 239 -4.83 16.85 -19.20
C SER D 239 -5.92 17.41 -20.10
N ARG D 240 -5.49 18.01 -21.20
CA ARG D 240 -6.41 18.65 -22.15
C ARG D 240 -5.71 18.67 -23.50
N VAL D 241 -6.49 18.54 -24.55
CA VAL D 241 -5.95 18.53 -25.91
C VAL D 241 -6.00 19.93 -26.47
N SER D 242 -4.89 20.38 -27.04
CA SER D 242 -4.80 21.66 -27.74
C SER D 242 -3.48 21.67 -28.48
N ASP D 243 -3.44 22.47 -29.56
CA ASP D 243 -2.29 22.54 -30.45
C ASP D 243 -1.94 21.16 -31.00
N ASP D 244 -2.98 20.38 -31.32
CA ASP D 244 -2.83 19.07 -31.94
C ASP D 244 -1.98 18.11 -31.10
N GLN D 245 -1.99 18.31 -29.79
CA GLN D 245 -1.24 17.46 -28.88
C GLN D 245 -2.01 17.35 -27.57
N ILE D 246 -1.46 16.57 -26.64
CA ILE D 246 -2.03 16.44 -25.30
C ILE D 246 -1.22 17.32 -24.37
N THR D 247 -1.89 18.29 -23.74
CA THR D 247 -1.27 19.23 -22.83
C THR D 247 -1.69 18.89 -21.40
N TYR D 248 -0.82 19.22 -20.46
CA TYR D 248 -1.01 18.83 -19.07
C TYR D 248 -1.14 20.05 -18.18
N ASP D 249 -1.95 19.92 -17.14
CA ASP D 249 -2.11 20.97 -16.15
C ASP D 249 -0.75 21.36 -15.59
N PHE D 250 -0.62 22.65 -15.25
CA PHE D 250 0.63 23.16 -14.70
C PHE D 250 0.97 22.47 -13.38
N LYS D 251 -0.05 22.14 -12.58
CA LYS D 251 0.17 21.48 -11.30
C LYS D 251 0.77 20.08 -11.43
N GLU D 252 0.74 19.49 -12.62
CA GLU D 252 1.29 18.15 -12.83
C GLU D 252 2.75 18.18 -13.29
N SER D 253 3.41 19.34 -13.25
CA SER D 253 4.77 19.43 -13.77
C SER D 253 5.72 18.56 -12.96
N TYR D 254 5.57 18.54 -11.63
CA TYR D 254 6.41 17.68 -10.80
C TYR D 254 6.07 16.22 -11.04
N ASN D 255 4.77 15.90 -11.17
CA ASN D 255 4.35 14.52 -11.45
C ASN D 255 4.98 14.00 -12.74
N ILE D 256 5.08 14.86 -13.76
CA ILE D 256 5.71 14.43 -15.01
C ILE D 256 7.18 14.12 -14.80
N TYR D 257 7.86 14.93 -13.98
CA TYR D 257 9.26 14.65 -13.65
C TYR D 257 9.41 13.29 -13.00
N GLU D 258 8.46 12.91 -12.13
CA GLU D 258 8.54 11.65 -11.42
C GLU D 258 8.20 10.44 -12.30
N LEU D 259 7.51 10.65 -13.42
CA LEU D 259 7.34 9.58 -14.40
C LEU D 259 8.71 9.08 -14.88
N PHE D 260 9.55 10.01 -15.34
CA PHE D 260 10.88 9.65 -15.80
C PHE D 260 11.83 9.39 -14.65
N HIS D 261 11.52 9.85 -13.45
CA HIS D 261 12.25 9.43 -12.27
C HIS D 261 12.03 7.94 -11.99
N THR D 262 10.76 7.52 -12.05
CA THR D 262 10.44 6.12 -11.78
C THR D 262 11.07 5.18 -12.82
N ARG D 263 10.99 5.55 -14.10
CA ARG D 263 11.57 4.72 -15.14
C ARG D 263 13.08 4.65 -15.02
N TYR D 264 13.72 5.77 -14.69
CA TYR D 264 15.17 5.78 -14.49
C TYR D 264 15.56 4.91 -13.29
N SER D 265 14.81 5.03 -12.19
CA SER D 265 15.11 4.21 -11.02
C SER D 265 14.89 2.72 -11.32
N LEU D 266 13.86 2.40 -12.10
CA LEU D 266 13.61 1.02 -12.47
C LEU D 266 14.74 0.43 -13.31
N HIS D 267 15.39 1.26 -14.13
CA HIS D 267 16.51 0.77 -14.93
C HIS D 267 17.71 0.46 -14.06
N LYS D 268 18.01 1.34 -13.09
CA LYS D 268 19.23 1.23 -12.32
C LYS D 268 19.20 0.06 -11.33
N LYS D 269 18.04 -0.49 -11.02
CA LYS D 269 17.94 -1.59 -10.07
C LYS D 269 17.41 -2.89 -10.66
N ALA D 270 16.54 -2.84 -11.67
CA ALA D 270 15.85 -4.03 -12.15
C ALA D 270 16.08 -4.32 -13.62
N TYR D 271 15.81 -3.36 -14.51
CA TYR D 271 15.87 -3.64 -15.94
C TYR D 271 17.28 -4.02 -16.39
N ASN D 272 18.31 -3.40 -15.81
CA ASN D 272 19.68 -3.58 -16.27
C ASN D 272 20.51 -4.40 -15.29
N HIS D 273 19.87 -5.29 -14.53
CA HIS D 273 20.58 -6.12 -13.58
C HIS D 273 21.65 -6.95 -14.29
N ARG D 274 22.81 -7.09 -13.65
CA ARG D 274 23.95 -7.75 -14.27
C ARG D 274 23.68 -9.23 -14.49
N VAL D 275 23.12 -9.90 -13.48
CA VAL D 275 22.84 -11.33 -13.62
C VAL D 275 21.70 -11.55 -14.62
N GLY D 276 20.73 -10.65 -14.67
CA GLY D 276 19.70 -10.74 -15.69
C GLY D 276 20.28 -10.67 -17.10
N LYS D 277 21.27 -9.80 -17.30
CA LYS D 277 21.97 -9.76 -18.58
C LYS D 277 22.85 -10.98 -18.77
N ALA D 278 23.37 -11.56 -17.68
CA ALA D 278 24.16 -12.77 -17.78
C ALA D 278 23.33 -13.95 -18.27
N ILE D 279 22.13 -14.11 -17.71
CA ILE D 279 21.21 -15.14 -18.19
C ILE D 279 20.66 -14.78 -19.57
N ASP D 280 20.65 -13.48 -19.92
CA ASP D 280 20.25 -13.09 -21.28
C ASP D 280 21.19 -13.70 -22.30
N TYR D 281 22.49 -13.67 -22.04
CA TYR D 281 23.46 -14.23 -22.97
C TYR D 281 23.41 -15.75 -22.96
N MET D 282 23.11 -16.36 -21.82
CA MET D 282 22.95 -17.80 -21.75
C MET D 282 21.80 -18.26 -22.65
N ILE D 283 20.65 -17.57 -22.55
CA ILE D 283 19.52 -17.88 -23.42
C ILE D 283 19.92 -17.72 -24.89
N LEU D 284 20.65 -16.64 -25.20
CA LEU D 284 21.10 -16.41 -26.57
C LEU D 284 21.98 -17.55 -27.07
N ASP D 285 23.00 -17.91 -26.31
CA ASP D 285 23.91 -18.98 -26.72
C ASP D 285 23.17 -20.28 -26.96
N ALA D 286 22.20 -20.59 -26.10
CA ALA D 286 21.41 -21.80 -26.29
C ALA D 286 20.46 -21.68 -27.49
N LEU D 287 20.06 -20.46 -27.84
CA LEU D 287 19.19 -20.27 -28.99
C LEU D 287 19.96 -20.40 -30.30
N ILE D 288 21.17 -19.83 -30.36
CA ILE D 288 22.01 -19.98 -31.54
C ILE D 288 22.42 -21.45 -31.73
N ALA D 289 22.71 -22.13 -30.62
CA ALA D 289 23.13 -23.54 -30.71
C ALA D 289 21.99 -24.43 -31.20
N ALA D 290 20.75 -24.12 -30.81
CA ALA D 290 19.60 -24.91 -31.21
C ALA D 290 19.00 -24.47 -32.54
N ASP D 291 19.46 -23.35 -33.10
CA ASP D 291 18.85 -22.82 -34.32
C ASP D 291 18.99 -23.73 -35.53
N PRO D 292 20.13 -24.37 -35.79
CA PRO D 292 20.21 -25.27 -36.97
C PRO D 292 19.19 -26.39 -36.97
N VAL D 293 18.70 -26.80 -35.81
CA VAL D 293 17.74 -27.91 -35.74
C VAL D 293 16.30 -27.40 -35.73
N LEU D 294 15.98 -26.45 -34.85
CA LEU D 294 14.61 -26.00 -34.69
C LEU D 294 14.23 -24.87 -35.64
N GLU D 295 15.21 -24.21 -36.26
CA GLU D 295 14.97 -23.08 -37.17
C GLU D 295 14.11 -22.01 -36.49
N ILE D 296 14.60 -21.54 -35.35
CA ILE D 296 13.87 -20.54 -34.57
C ILE D 296 13.80 -19.22 -35.31
N SER D 297 14.92 -18.81 -35.94
CA SER D 297 14.97 -17.52 -36.60
C SER D 297 14.03 -17.43 -37.80
N LYS D 298 13.52 -18.56 -38.27
CA LYS D 298 12.64 -18.53 -39.46
C LYS D 298 11.20 -18.24 -39.00
N SER D 299 10.95 -18.33 -37.70
CA SER D 299 9.58 -18.13 -37.16
C SER D 299 9.13 -16.68 -37.41
N ILE D 300 10.08 -15.78 -37.58
CA ILE D 300 9.75 -14.34 -37.75
C ILE D 300 9.23 -14.10 -39.17
N ASP D 301 9.08 -15.15 -39.96
CA ASP D 301 8.69 -14.96 -41.40
C ASP D 301 7.22 -15.27 -41.62
N LYS D 302 6.69 -16.28 -40.93
CA LYS D 302 5.28 -16.66 -41.17
C LYS D 302 4.48 -16.51 -39.88
N PRO D 303 3.34 -15.78 -39.92
CA PRO D 303 2.51 -15.62 -38.73
C PRO D 303 2.19 -16.93 -38.03
N SER D 304 1.91 -17.98 -38.78
CA SER D 304 1.50 -19.28 -38.20
C SER D 304 2.61 -19.86 -37.32
N GLU D 305 3.85 -19.71 -37.76
CA GLU D 305 4.99 -20.22 -36.97
C GLU D 305 5.23 -19.33 -35.73
N TYR D 306 5.11 -18.01 -35.90
CA TYR D 306 5.35 -17.08 -34.76
C TYR D 306 4.25 -17.29 -33.74
N LEU D 307 3.08 -17.75 -34.17
CA LEU D 307 2.06 -18.03 -33.16
C LEU D 307 2.52 -19.06 -32.15
N LYS D 308 3.48 -19.91 -32.50
CA LYS D 308 4.05 -20.89 -31.59
C LYS D 308 5.33 -20.40 -30.93
N MET D 309 5.64 -19.11 -31.07
CA MET D 309 6.86 -18.53 -30.54
C MET D 309 6.56 -17.83 -29.22
N ASP D 310 7.11 -18.36 -28.13
CA ASP D 310 6.95 -17.74 -26.81
C ASP D 310 8.07 -18.25 -25.92
N ASP D 311 7.98 -17.96 -24.62
CA ASP D 311 9.02 -18.31 -23.66
C ASP D 311 9.14 -19.82 -23.44
N THR D 312 8.14 -20.61 -23.83
CA THR D 312 8.16 -22.04 -23.54
C THR D 312 9.22 -22.78 -24.34
N ILE D 313 9.79 -22.18 -25.38
CA ILE D 313 10.85 -22.85 -26.12
C ILE D 313 12.05 -23.14 -25.24
N LEU D 314 12.22 -22.41 -24.14
CA LEU D 314 13.24 -22.76 -23.15
C LEU D 314 13.02 -24.17 -22.62
N ASN D 315 11.76 -24.53 -22.39
CA ASN D 315 11.45 -25.86 -21.85
C ASN D 315 11.50 -26.93 -22.92
N ARG D 316 11.04 -26.62 -24.15
CA ARG D 316 11.03 -27.62 -25.21
C ARG D 316 12.45 -28.06 -25.58
N ILE D 317 13.40 -27.13 -25.55
CA ILE D 317 14.78 -27.49 -25.84
C ILE D 317 15.35 -28.37 -24.73
N GLU D 318 15.06 -28.04 -23.47
CA GLU D 318 15.60 -28.79 -22.35
C GLU D 318 14.85 -30.06 -22.04
N TYR D 319 13.64 -30.24 -22.58
CA TYR D 319 12.85 -31.45 -22.35
C TYR D 319 12.78 -32.33 -23.59
N SER D 320 13.55 -32.03 -24.63
CA SER D 320 13.58 -32.86 -25.83
C SER D 320 14.34 -34.15 -25.52
N ASP D 321 14.57 -34.96 -26.56
CA ASP D 321 15.26 -36.23 -26.39
C ASP D 321 16.16 -36.60 -27.56
N SER D 322 16.29 -35.75 -28.57
CA SER D 322 17.18 -36.06 -29.68
C SER D 322 18.63 -35.86 -29.27
N ASP D 323 19.52 -36.60 -29.94
CA ASP D 323 20.94 -36.60 -29.62
C ASP D 323 21.74 -35.74 -30.59
N ASP D 324 21.12 -34.70 -31.15
CA ASP D 324 21.83 -33.82 -32.08
C ASP D 324 22.95 -33.09 -31.34
N PRO D 325 24.16 -33.03 -31.90
CA PRO D 325 25.26 -32.33 -31.20
C PRO D 325 24.98 -30.86 -31.00
N ASP D 326 24.31 -30.20 -31.94
CA ASP D 326 23.95 -28.80 -31.75
C ASP D 326 22.94 -28.64 -30.62
N LEU D 327 21.98 -29.56 -30.53
CA LEU D 327 21.02 -29.52 -29.44
C LEU D 327 21.67 -29.86 -28.11
N LYS D 328 22.69 -30.73 -28.13
CA LYS D 328 23.38 -31.08 -26.90
C LYS D 328 24.13 -29.89 -26.31
N LYS D 329 24.65 -29.02 -27.18
CA LYS D 329 25.35 -27.82 -26.69
C LYS D 329 24.37 -26.86 -26.01
N SER D 330 23.20 -26.65 -26.61
CA SER D 330 22.20 -25.78 -25.99
C SER D 330 21.63 -26.40 -24.72
N LYS D 331 21.49 -27.73 -24.70
CA LYS D 331 20.97 -28.40 -23.50
C LYS D 331 21.90 -28.21 -22.30
N GLU D 332 23.21 -28.18 -22.55
CA GLU D 332 24.15 -27.93 -21.46
C GLU D 332 23.98 -26.53 -20.90
N ILE D 333 23.79 -25.54 -21.78
CA ILE D 333 23.65 -24.15 -21.34
C ILE D 333 22.42 -24.00 -20.44
N ILE D 334 21.30 -24.61 -20.83
CA ILE D 334 20.11 -24.58 -20.00
C ILE D 334 20.36 -25.29 -18.67
N ARG D 335 21.18 -26.35 -18.69
CA ARG D 335 21.48 -27.07 -17.46
C ARG D 335 22.27 -26.20 -16.48
N ARG D 336 23.18 -25.36 -17.00
CA ARG D 336 23.93 -24.46 -16.13
C ARG D 336 23.06 -23.33 -15.60
N ILE D 337 21.94 -23.03 -16.27
CA ILE D 337 20.97 -22.09 -15.72
C ILE D 337 20.33 -22.67 -14.46
N ARG D 338 19.92 -23.93 -14.52
CA ARG D 338 19.24 -24.55 -13.39
C ARG D 338 20.19 -24.76 -12.21
N LYS D 339 21.48 -24.96 -12.47
CA LYS D 339 22.47 -25.14 -11.43
C LYS D 339 23.18 -23.84 -11.06
N ARG D 340 22.70 -22.72 -11.58
CA ARG D 340 23.29 -21.40 -11.32
C ARG D 340 24.78 -21.37 -11.62
N ASP D 341 25.20 -22.15 -12.62
CA ASP D 341 26.55 -22.03 -13.19
C ASP D 341 26.52 -21.03 -14.34
N LEU D 342 26.07 -19.82 -14.02
CA LEU D 342 25.83 -18.80 -15.03
C LEU D 342 27.14 -18.12 -15.44
N TYR D 343 27.04 -17.29 -16.48
CA TYR D 343 28.14 -16.40 -16.81
C TYR D 343 28.31 -15.38 -15.71
N LYS D 344 29.55 -15.15 -15.30
CA LYS D 344 29.83 -14.25 -14.18
C LYS D 344 30.14 -12.84 -14.69
N PHE D 345 29.57 -11.85 -14.01
CA PHE D 345 29.91 -10.47 -14.30
C PHE D 345 31.35 -10.21 -13.90
N VAL D 346 32.13 -9.62 -14.81
CA VAL D 346 33.54 -9.38 -14.55
C VAL D 346 33.72 -7.97 -13.99
N ASP D 347 33.48 -6.96 -14.82
CA ASP D 347 33.65 -5.58 -14.39
C ASP D 347 32.87 -4.67 -15.33
N GLU D 348 32.74 -3.41 -14.93
CA GLU D 348 31.97 -2.41 -15.64
C GLU D 348 32.77 -1.13 -15.70
N PHE D 349 32.63 -0.40 -16.80
CA PHE D 349 33.33 0.88 -16.95
C PHE D 349 32.38 1.94 -17.48
N LEU D 350 32.15 2.98 -16.68
CA LEU D 350 31.38 4.14 -17.11
C LEU D 350 32.34 5.12 -17.78
N VAL D 351 32.15 5.35 -19.07
CA VAL D 351 33.00 6.27 -19.83
C VAL D 351 32.70 7.69 -19.36
N PRO D 352 33.70 8.54 -19.27
CA PRO D 352 33.44 9.96 -18.96
C PRO D 352 32.78 10.66 -20.12
N LYS D 353 32.26 11.86 -19.84
CA LYS D 353 31.62 12.64 -20.90
C LYS D 353 32.63 13.07 -21.96
N ASP D 354 33.85 13.42 -21.55
CA ASP D 354 34.88 13.79 -22.51
C ASP D 354 35.23 12.62 -23.42
N LEU D 355 35.36 11.42 -22.86
CA LEU D 355 35.78 10.25 -23.61
C LEU D 355 34.63 9.58 -24.37
N LYS D 356 33.44 10.18 -24.32
CA LYS D 356 32.26 9.54 -24.95
C LYS D 356 32.37 9.70 -26.48
N GLY D 357 32.83 10.86 -26.95
CA GLY D 357 33.00 11.09 -28.39
C GLY D 357 33.98 10.09 -28.98
N LYS D 358 35.10 9.84 -28.29
CA LYS D 358 36.11 8.86 -28.76
C LYS D 358 35.74 7.46 -28.25
N PHE D 359 34.72 6.83 -28.85
CA PHE D 359 34.34 5.44 -28.45
C PHE D 359 33.61 4.78 -29.60
N GLU D 360 33.92 3.50 -29.86
CA GLU D 360 33.24 2.75 -30.91
C GLU D 360 33.17 1.31 -30.48
N LYS D 361 31.97 0.71 -30.57
CA LYS D 361 31.76 -0.63 -30.03
C LYS D 361 32.70 -1.64 -30.68
N ASP D 362 32.68 -1.73 -32.02
CA ASP D 362 33.50 -2.72 -32.70
C ASP D 362 34.99 -2.48 -32.50
N LYS D 363 35.39 -1.23 -32.32
CA LYS D 363 36.81 -0.91 -32.22
C LYS D 363 37.37 -1.22 -30.84
N ILE D 364 36.60 -0.98 -29.78
CA ILE D 364 37.06 -1.30 -28.43
C ILE D 364 37.07 -2.81 -28.22
N THR D 365 36.13 -3.53 -28.82
CA THR D 365 36.06 -4.97 -28.64
C THR D 365 37.31 -5.66 -29.20
N LYS D 366 37.86 -5.14 -30.29
CA LYS D 366 39.02 -5.78 -30.90
C LYS D 366 40.24 -5.73 -29.97
N ILE D 367 40.41 -4.61 -29.25
CA ILE D 367 41.55 -4.49 -28.33
C ILE D 367 41.45 -5.52 -27.22
N ILE D 368 40.24 -5.78 -26.73
CA ILE D 368 40.06 -6.71 -25.62
C ILE D 368 40.32 -8.14 -26.07
N THR D 369 39.81 -8.53 -27.24
CA THR D 369 40.09 -9.87 -27.74
C THR D 369 41.56 -10.04 -28.09
N ASP D 370 42.18 -9.01 -28.65
CA ASP D 370 43.60 -9.07 -28.97
C ASP D 370 44.44 -9.20 -27.72
N GLN D 371 44.04 -8.53 -26.63
CA GLN D 371 44.79 -8.63 -25.39
C GLN D 371 44.63 -10.01 -24.76
N LEU D 372 43.43 -10.59 -24.85
CA LEU D 372 43.21 -11.91 -24.27
C LEU D 372 43.87 -13.01 -25.09
N GLU D 373 43.92 -12.85 -26.41
CA GLU D 373 44.64 -13.81 -27.25
C GLU D 373 46.15 -13.67 -27.14
N HIS D 374 46.64 -12.57 -26.54
CA HIS D 374 48.08 -12.35 -26.40
C HIS D 374 48.63 -13.01 -25.15
N ASP D 375 48.18 -12.59 -23.97
CA ASP D 375 48.71 -13.07 -22.70
C ASP D 375 47.67 -13.83 -21.87
N GLY D 376 46.64 -14.38 -22.52
CA GLY D 376 45.61 -15.09 -21.79
C GLY D 376 45.13 -16.34 -22.50
N LEU D 377 43.85 -16.66 -22.36
CA LEU D 377 43.25 -17.82 -22.98
C LEU D 377 42.41 -17.40 -24.18
N LYS D 378 41.64 -18.34 -24.73
CA LYS D 378 40.87 -18.09 -25.93
C LYS D 378 39.80 -17.03 -25.68
N LYS D 379 39.43 -16.31 -26.74
CA LYS D 379 38.43 -15.25 -26.67
C LYS D 379 37.00 -15.76 -26.54
N GLU D 380 36.79 -17.08 -26.57
CA GLU D 380 35.44 -17.62 -26.48
C GLU D 380 34.82 -17.43 -25.10
N TYR D 381 35.60 -17.07 -24.09
CA TYR D 381 35.06 -16.90 -22.75
C TYR D 381 34.57 -15.48 -22.49
N VAL D 382 35.16 -14.48 -23.13
CA VAL D 382 34.87 -13.08 -22.84
C VAL D 382 33.66 -12.62 -23.64
N ILE D 383 32.82 -11.81 -23.00
CA ILE D 383 31.67 -11.19 -23.64
C ILE D 383 31.74 -9.69 -23.37
N VAL D 384 31.62 -8.90 -24.43
CA VAL D 384 31.69 -7.44 -24.33
C VAL D 384 30.28 -6.91 -24.51
N ASP D 385 29.73 -6.31 -23.45
CA ASP D 385 28.38 -5.78 -23.44
C ASP D 385 28.43 -4.27 -23.25
N ILE D 386 27.64 -3.55 -24.05
CA ILE D 386 27.58 -2.10 -24.00
C ILE D 386 26.19 -1.70 -23.50
N LEU D 387 26.13 -1.10 -22.32
CA LEU D 387 24.87 -0.65 -21.74
C LEU D 387 24.67 0.82 -22.05
N ILE D 388 23.48 1.14 -22.58
CA ILE D 388 23.09 2.51 -22.89
C ILE D 388 21.82 2.81 -22.11
N LEU D 389 21.90 3.79 -21.20
CA LEU D 389 20.73 4.19 -20.40
C LEU D 389 20.31 5.60 -20.81
N ASN D 390 19.05 5.75 -21.20
CA ASN D 390 18.52 7.07 -21.64
C ASN D 390 17.44 7.52 -20.66
N TYR D 391 17.49 8.79 -20.22
CA TYR D 391 16.46 9.35 -19.32
C TYR D 391 15.20 9.54 -20.15
N GLY D 392 15.36 9.98 -21.39
CA GLY D 392 14.20 10.08 -22.30
C GLY D 392 14.29 9.01 -23.35
N LYS D 393 14.36 9.38 -24.62
CA LYS D 393 14.56 8.39 -25.71
C LYS D 393 16.06 8.40 -26.04
N LYS D 394 16.62 9.60 -26.18
CA LYS D 394 18.06 9.75 -26.46
C LYS D 394 18.66 10.71 -25.42
N GLU D 395 19.12 11.88 -25.83
CA GLU D 395 19.78 12.81 -24.88
C GLU D 395 18.93 14.08 -24.71
N GLU D 396 17.67 14.01 -25.11
CA GLU D 396 16.75 15.16 -24.94
C GLU D 396 16.05 15.08 -23.58
N ASN D 397 15.58 16.23 -23.09
CA ASN D 397 14.78 16.22 -21.87
C ASN D 397 13.31 16.21 -22.24
N PRO D 398 12.56 15.15 -21.93
CA PRO D 398 11.16 15.09 -22.38
C PRO D 398 10.28 16.17 -21.77
N ILE D 399 10.69 16.80 -20.66
CA ILE D 399 9.90 17.89 -20.09
C ILE D 399 9.94 19.14 -20.96
N ASP D 400 10.96 19.26 -21.81
CA ASP D 400 11.07 20.43 -22.69
C ASP D 400 10.14 20.37 -23.88
N ASN D 401 9.47 19.24 -24.11
CA ASN D 401 8.61 19.07 -25.28
C ASN D 401 7.14 18.93 -24.91
N VAL D 402 6.78 19.11 -23.63
CA VAL D 402 5.38 19.06 -23.20
C VAL D 402 4.88 20.47 -22.98
N LYS D 403 3.67 20.76 -23.45
CA LYS D 403 3.03 22.05 -23.27
C LYS D 403 2.08 22.00 -22.07
N PHE D 404 2.06 23.07 -21.30
CA PHE D 404 1.27 23.15 -20.08
C PHE D 404 0.23 24.25 -20.19
N TYR D 405 -0.82 24.13 -19.38
CA TYR D 405 -1.86 25.15 -19.29
C TYR D 405 -2.16 25.44 -17.83
N ASP D 406 -2.96 26.47 -17.60
CA ASP D 406 -3.34 26.90 -16.26
C ASP D 406 -4.85 26.94 -16.15
N LYS D 407 -5.38 26.41 -15.04
CA LYS D 407 -6.82 26.38 -14.85
C LYS D 407 -7.36 27.76 -14.48
N ASN D 408 -6.62 28.51 -13.67
CA ASN D 408 -7.07 29.85 -13.26
C ASN D 408 -6.88 30.89 -14.34
N GLN D 409 -6.07 30.61 -15.36
CA GLN D 409 -5.85 31.52 -16.48
C GLN D 409 -6.12 30.77 -17.78
N PRO D 410 -7.40 30.53 -18.11
CA PRO D 410 -7.71 29.78 -19.34
C PRO D 410 -7.41 30.56 -20.61
N ASN D 411 -7.34 31.88 -20.55
CA ASN D 411 -7.04 32.67 -21.73
C ASN D 411 -5.56 32.57 -22.13
N LEU D 412 -4.70 32.16 -21.21
CA LEU D 412 -3.27 32.10 -21.49
C LEU D 412 -2.95 30.85 -22.29
N LYS D 413 -2.30 31.04 -23.43
CA LYS D 413 -2.04 29.94 -24.34
C LYS D 413 -1.09 28.93 -23.72
N VAL D 414 -1.15 27.68 -24.22
CA VAL D 414 -0.29 26.63 -23.69
C VAL D 414 1.17 27.03 -23.86
N PHE D 415 1.96 26.76 -22.83
CA PHE D 415 3.35 27.20 -22.79
C PHE D 415 4.25 26.04 -22.40
N LYS D 416 5.49 26.11 -22.88
CA LYS D 416 6.51 25.19 -22.45
C LYS D 416 7.15 25.68 -21.16
N LEU D 417 7.86 24.77 -20.47
CA LEU D 417 8.54 25.12 -19.24
C LEU D 417 9.87 25.81 -19.58
N GLU D 418 10.06 27.01 -19.06
CA GLU D 418 11.18 27.88 -19.45
C GLU D 418 11.90 28.41 -18.20
N SER D 419 12.30 27.48 -17.33
CA SER D 419 12.92 27.75 -16.04
C SER D 419 11.99 28.45 -15.05
N SER D 420 10.77 28.75 -15.45
CA SER D 420 9.77 29.36 -14.57
C SER D 420 9.17 28.24 -13.72
N GLN D 421 9.65 28.12 -12.48
CA GLN D 421 9.27 27.03 -11.57
C GLN D 421 9.62 25.68 -12.18
N VAL D 422 10.76 25.62 -12.86
CA VAL D 422 11.25 24.39 -13.49
C VAL D 422 12.59 24.08 -12.86
N SER D 423 12.57 23.43 -11.69
CA SER D 423 13.79 22.97 -11.06
C SER D 423 13.45 21.67 -10.33
N TYR D 424 14.04 20.57 -10.79
CA TYR D 424 13.85 19.28 -10.14
C TYR D 424 15.09 18.44 -10.40
N LEU D 425 15.00 17.15 -10.11
CA LEU D 425 16.15 16.26 -10.25
C LEU D 425 16.32 15.80 -11.70
N VAL D 426 17.50 16.03 -12.24
CA VAL D 426 17.82 15.66 -13.63
C VAL D 426 19.03 14.72 -13.60
N PRO D 427 19.20 13.86 -14.61
CA PRO D 427 20.35 12.96 -14.59
C PRO D 427 21.62 13.72 -14.90
N GLU D 428 22.71 13.33 -14.22
CA GLU D 428 24.01 13.95 -14.50
C GLU D 428 24.40 13.73 -15.96
N LEU D 429 24.22 12.52 -16.47
CA LEU D 429 24.43 12.20 -17.88
C LEU D 429 23.10 11.76 -18.45
N PHE D 430 22.56 12.55 -19.39
CA PHE D 430 21.30 12.19 -20.02
C PHE D 430 21.42 10.90 -20.82
N GLU D 431 22.62 10.56 -21.28
CA GLU D 431 22.90 9.27 -21.92
C GLU D 431 24.10 8.67 -21.21
N GLU D 432 23.87 7.58 -20.48
CA GLU D 432 24.93 6.90 -19.74
C GLU D 432 25.45 5.73 -20.57
N LEU D 433 26.77 5.68 -20.76
CA LEU D 433 27.42 4.61 -21.52
C LEU D 433 28.27 3.79 -20.57
N ASN D 434 28.04 2.49 -20.55
CA ASN D 434 28.75 1.57 -19.66
C ASN D 434 29.28 0.39 -20.45
N ILE D 435 30.57 0.11 -20.29
CA ILE D 435 31.20 -1.06 -20.89
C ILE D 435 31.29 -2.13 -19.81
N ARG D 436 30.55 -3.22 -19.98
CA ARG D 436 30.54 -4.32 -19.05
C ARG D 436 31.13 -5.56 -19.70
N ILE D 437 31.80 -6.38 -18.90
CA ILE D 437 32.46 -7.59 -19.36
C ILE D 437 31.88 -8.78 -18.61
N PHE D 438 31.50 -9.82 -19.36
CA PHE D 438 31.06 -11.08 -18.78
C PHE D 438 32.00 -12.18 -19.25
N THR D 439 32.17 -13.19 -18.41
CA THR D 439 33.00 -14.34 -18.74
C THR D 439 32.13 -15.59 -18.81
N ARG D 440 32.41 -16.46 -19.78
CA ARG D 440 31.72 -17.73 -19.86
C ARG D 440 32.30 -18.76 -18.90
N ASN D 441 33.50 -18.52 -18.38
CA ASN D 441 34.12 -19.37 -17.38
C ASN D 441 34.42 -18.54 -16.13
N ARG D 442 33.93 -19.01 -14.98
CA ARG D 442 34.05 -18.25 -13.74
C ARG D 442 35.44 -18.32 -13.11
N ASP D 443 36.33 -19.16 -13.65
CA ASP D 443 37.67 -19.30 -13.08
C ASP D 443 38.64 -18.22 -13.55
N LYS D 444 38.26 -17.42 -14.55
CA LYS D 444 39.14 -16.42 -15.12
C LYS D 444 38.65 -15.00 -14.87
N ILE D 445 37.84 -14.80 -13.82
CA ILE D 445 37.28 -13.48 -13.54
C ILE D 445 38.39 -12.47 -13.26
N LYS D 446 39.30 -12.81 -12.35
CA LYS D 446 40.36 -11.88 -11.99
C LYS D 446 41.31 -11.67 -13.15
N GLN D 447 41.57 -12.71 -13.95
CA GLN D 447 42.49 -12.59 -15.07
C GLN D 447 41.92 -11.66 -16.15
N ILE D 448 40.67 -11.86 -16.54
CA ILE D 448 40.03 -10.99 -17.52
C ILE D 448 39.90 -9.57 -16.99
N ARG D 449 39.76 -9.42 -15.66
CA ARG D 449 39.71 -8.10 -15.06
C ARG D 449 40.96 -7.30 -15.37
N LYS D 450 42.12 -7.96 -15.39
CA LYS D 450 43.36 -7.27 -15.75
C LYS D 450 43.36 -6.88 -17.22
N CYS D 451 42.87 -7.77 -18.09
CA CYS D 451 42.80 -7.44 -19.51
C CYS D 451 41.85 -6.28 -19.78
N PHE D 452 40.77 -6.17 -19.00
CA PHE D 452 39.86 -5.06 -19.16
C PHE D 452 40.55 -3.73 -18.87
N LYS D 453 41.35 -3.67 -17.80
CA LYS D 453 42.10 -2.46 -17.50
C LYS D 453 43.25 -2.25 -18.47
N GLU D 454 43.89 -3.34 -18.91
CA GLU D 454 44.96 -3.23 -19.89
C GLU D 454 44.45 -2.62 -21.18
N SER D 455 43.37 -3.18 -21.74
CA SER D 455 42.81 -2.65 -22.98
C SER D 455 42.23 -1.26 -22.78
N LEU D 456 41.80 -0.93 -21.56
CA LEU D 456 41.30 0.40 -21.28
C LEU D 456 42.41 1.44 -21.34
N THR D 457 43.62 1.06 -20.91
CA THR D 457 44.74 1.99 -20.94
C THR D 457 45.21 2.24 -22.37
N LYS D 458 45.24 1.20 -23.21
CA LYS D 458 45.70 1.32 -24.58
C LYS D 458 44.61 1.80 -25.53
N PHE D 459 43.39 2.02 -25.04
CA PHE D 459 42.32 2.59 -25.85
C PHE D 459 42.06 4.05 -25.48
N PHE D 460 41.83 4.33 -24.21
CA PHE D 460 41.64 5.69 -23.73
C PHE D 460 42.94 6.25 -23.21
N GLY D 461 43.05 7.58 -23.22
CA GLY D 461 44.25 8.24 -22.74
C GLY D 461 44.30 8.34 -21.23
N ILE D 462 43.81 7.31 -20.54
CA ILE D 462 43.73 7.27 -19.09
C ILE D 462 44.78 6.28 -18.59
N PRO D 463 45.86 6.73 -17.95
CA PRO D 463 46.89 5.78 -17.50
C PRO D 463 46.40 4.86 -16.39
N GLU D 464 45.52 5.33 -15.51
CA GLU D 464 44.97 4.53 -14.43
C GLU D 464 43.44 4.57 -14.52
N PRO D 465 42.81 3.58 -15.16
CA PRO D 465 41.36 3.61 -15.29
C PRO D 465 40.67 3.22 -13.98
N LYS D 466 39.54 3.85 -13.72
CA LYS D 466 38.77 3.66 -12.49
C LYS D 466 37.51 2.89 -12.86
N THR D 467 37.59 1.56 -12.82
CA THR D 467 36.46 0.73 -13.21
C THR D 467 35.47 0.62 -12.05
N TYR D 468 34.43 -0.20 -12.26
CA TYR D 468 33.37 -0.32 -11.26
C TYR D 468 33.88 -0.96 -9.98
N TYR D 469 34.71 -1.99 -10.10
CA TYR D 469 35.19 -2.72 -8.92
C TYR D 469 36.50 -2.18 -8.39
N THR D 470 37.02 -1.09 -8.95
CA THR D 470 38.21 -0.44 -8.40
C THR D 470 37.83 0.38 -7.16
N ARG D 471 38.61 0.21 -6.10
CA ARG D 471 38.34 0.87 -4.82
C ARG D 471 39.35 1.98 -4.53
PG GTP E . -7.34 32.11 -3.70
O1G GTP E . -8.79 31.69 -3.69
O2G GTP E . -7.27 33.57 -4.03
O3G GTP E . -6.60 31.29 -4.73
O3B GTP E . -6.76 31.87 -2.21
PB GTP E . -5.24 31.43 -1.89
O1B GTP E . -4.52 30.92 -3.12
O2B GTP E . -4.49 32.58 -1.25
O3A GTP E . -5.43 30.23 -0.83
PA GTP E . -6.24 28.90 -1.21
O1A GTP E . -6.09 28.63 -2.69
O2A GTP E . -7.69 29.05 -0.80
O5' GTP E . -5.52 27.73 -0.38
C5' GTP E . -4.42 27.04 -0.90
C4' GTP E . -4.74 25.55 -1.00
O4' GTP E . -4.95 25.00 0.29
C3' GTP E . -6.01 25.25 -1.78
O3' GTP E . -5.70 24.99 -3.12
C2' GTP E . -6.54 23.99 -1.13
O2' GTP E . -6.25 22.88 -1.94
C1' GTP E . -5.81 23.88 0.19
N9 GTP E . -6.74 23.83 1.34
C8 GTP E . -6.71 22.89 2.34
N7 GTP E . -7.71 23.17 3.21
C5 GTP E . -8.38 24.26 2.79
C6 GTP E . -9.47 24.96 3.29
O6 GTP E . -10.01 24.59 4.33
N1 GTP E . -9.94 26.07 2.63
C2 GTP E . -9.33 26.48 1.46
N2 GTP E . -9.80 27.55 0.83
N3 GTP E . -8.25 25.78 0.97
C4 GTP E . -7.78 24.69 1.61
P1 POP F . 13.02 16.87 12.36
O1 POP F . 12.36 15.54 12.62
O2 POP F . 12.04 18.00 12.27
O3 POP F . 13.98 16.83 11.20
O POP F . 13.96 17.17 13.63
P2 POP F . 14.70 18.53 14.07
O4 POP F . 13.59 19.42 14.60
O5 POP F . 15.70 18.17 15.13
O6 POP F . 15.34 19.09 12.82
PG GTP G . -0.58 -0.75 32.57
O1G GTP G . -0.39 -1.73 31.43
O2G GTP G . 0.78 -0.37 33.13
O3G GTP G . -1.42 -1.36 33.66
O3B GTP G . -1.30 0.58 32.02
PB GTP G . -2.62 0.54 31.10
O1B GTP G . -2.72 -0.77 30.35
O2B GTP G . -3.85 0.80 31.93
O3A GTP G . -2.38 1.75 30.07
PA GTP G . -1.09 1.81 29.11
O1A GTP G . -0.83 3.24 28.68
O2A GTP G . 0.14 1.22 29.76
O5' GTP G . -1.52 0.94 27.83
C5' GTP G . -2.37 1.50 26.86
C4' GTP G . -1.69 1.31 25.51
O4' GTP G . -1.64 2.55 24.84
C3' GTP G . -0.24 0.88 25.67
O3' GTP G . -0.11 -0.51 25.54
C2' GTP G . 0.49 1.58 24.55
O2' GTP G . 0.79 0.66 23.54
C1' GTP G . -0.47 2.64 24.05
N9 GTP G . 0.10 3.99 24.16
C8 GTP G . 0.06 4.95 23.19
N7 GTP G . 0.68 6.07 23.64
C5 GTP G . 1.12 5.82 24.89
C6 GTP G . 1.81 6.62 25.80
O6 GTP G . 2.13 7.77 25.48
N1 GTP G . 2.13 6.11 27.03
C2 GTP G . 1.77 4.82 27.36
N2 GTP G . 2.08 4.33 28.56
N3 GTP G . 1.09 4.04 26.46
C4 GTP G . 0.76 4.53 25.24
MN MN H . 12.92 15.07 14.35
CA CA I . -1.98 -2.38 30.14
P1 POP J . -19.30 9.37 11.71
O1 POP J . -19.90 8.03 11.39
O2 POP J . -18.80 9.45 13.14
O3 POP J . -18.26 9.82 10.71
O POP J . -20.51 10.42 11.60
P2 POP J . -21.75 10.67 12.61
O4 POP J . -22.24 9.31 13.02
O5 POP J . -21.17 11.45 13.76
O6 POP J . -22.78 11.45 11.83
MN MN K . -19.01 11.24 9.71
CA CA L . -4.79 29.91 -4.65
P1 POP M . -1.47 -24.53 -1.39
O1 POP M . -1.82 -25.37 -2.59
O2 POP M . -2.62 -24.40 -0.43
O3 POP M . -0.85 -23.21 -1.78
O POP M . -0.31 -25.35 -0.61
P2 POP M . -0.24 -26.88 -0.13
O4 POP M . -1.46 -27.10 0.72
O5 POP M . -0.26 -27.70 -1.40
O6 POP M . 1.05 -27.02 0.63
MN MN N . 2.30 -24.55 -0.15
CA CA O . 26.17 -12.57 -6.97
PG GTP P . -20.18 -15.27 -21.33
O1G GTP P . -20.31 -14.29 -20.18
O2G GTP P . -20.20 -14.52 -22.64
O3G GTP P . -21.33 -16.25 -21.30
O3B GTP P . -18.79 -16.05 -21.19
PB GTP P . -18.45 -16.90 -19.86
O1B GTP P . -19.21 -16.35 -18.68
O2B GTP P . -18.75 -18.37 -20.08
O3A GTP P . -16.87 -16.64 -19.66
PA GTP P . -16.33 -15.13 -19.51
O1A GTP P . -15.17 -14.92 -20.44
O2A GTP P . -17.44 -14.14 -19.76
O5' GTP P . -15.84 -14.99 -17.99
C5' GTP P . -14.47 -15.11 -17.69
C4' GTP P . -14.05 -13.93 -16.84
O4' GTP P . -12.65 -13.95 -16.72
C3' GTP P . -14.42 -12.62 -17.51
O3' GTP P . -15.55 -12.03 -16.91
C2' GTP P . -13.20 -11.74 -17.33
O2' GTP P . -13.43 -10.83 -16.27
C1' GTP P . -12.07 -12.68 -16.96
N9 GTP P . -11.07 -12.82 -18.04
C8 GTP P . -9.71 -12.89 -17.86
N7 GTP P . -9.12 -13.02 -19.06
C5 GTP P . -10.07 -13.03 -20.02
C6 GTP P . -10.01 -13.13 -21.40
O6 GTP P . -8.93 -13.25 -21.98
N1 GTP P . -11.18 -13.10 -22.14
C2 GTP P . -12.39 -12.98 -21.51
N2 GTP P . -13.51 -12.95 -22.21
N3 GTP P . -12.44 -12.88 -20.13
C4 GTP P . -11.30 -12.90 -19.39
PG GTP Q . 27.08 -15.72 -7.23
O1G GTP Q . 28.51 -16.14 -6.99
O2G GTP Q . 26.82 -14.45 -6.45
O3G GTP Q . 26.14 -16.82 -6.79
O3B GTP Q . 26.94 -15.44 -8.81
PB GTP Q . 25.73 -14.59 -9.47
O1B GTP Q . 25.59 -13.28 -8.72
O2B GTP Q . 26.03 -14.33 -10.93
O3A GTP Q . 24.39 -15.47 -9.31
PA GTP Q . 23.31 -15.30 -8.11
O1A GTP Q . 22.74 -16.65 -7.77
O2A GTP Q . 23.90 -14.62 -6.91
O5' GTP Q . 22.13 -14.41 -8.75
C5' GTP Q . 22.04 -13.02 -8.50
C4' GTP Q . 20.81 -12.68 -7.67
O4' GTP Q . 19.65 -13.26 -8.24
C3' GTP Q . 20.89 -13.23 -6.26
O3' GTP Q . 21.47 -12.29 -5.38
C2' GTP Q . 19.44 -13.45 -5.90
O2' GTP Q . 18.94 -12.39 -5.13
C1' GTP Q . 18.69 -13.50 -7.23
N9 GTP Q . 18.01 -14.79 -7.41
C8 GTP Q . 16.70 -14.95 -7.77
N7 GTP Q . 16.43 -16.27 -7.85
C5 GTP Q . 17.55 -16.97 -7.53
C6 GTP Q . 17.81 -18.33 -7.46
O6 GTP Q . 16.91 -19.13 -7.71
N1 GTP Q . 19.07 -18.76 -7.10
C2 GTP Q . 20.06 -17.84 -6.83
N2 GTP Q . 21.28 -18.27 -6.49
N3 GTP Q . 19.79 -16.49 -6.90
C4 GTP Q . 18.56 -16.05 -7.26
P1 POP R . 7.16 -1.57 -25.43
O1 POP R . 6.09 -1.01 -26.33
O2 POP R . 8.28 -0.60 -25.17
O3 POP R . 7.65 -2.92 -25.88
O POP R . 6.44 -1.82 -24.00
P2 POP R . 7.04 -2.37 -22.62
O4 POP R . 7.98 -1.32 -22.10
O5 POP R . 5.85 -2.58 -21.73
O6 POP R . 7.75 -3.65 -22.96
MN MN S . 3.93 -2.09 -23.55
CA CA T . -19.36 -14.23 -18.23
#